data_7N6W
#
_entry.id   7N6W
#
_cell.length_a   1.00
_cell.length_b   1.00
_cell.length_c   1.00
_cell.angle_alpha   90.00
_cell.angle_beta   90.00
_cell.angle_gamma   90.00
#
_symmetry.space_group_name_H-M   'P 1'
#
loop_
_entity.id
_entity.type
_entity.pdbx_description
1 polymer 'Envelope glycoprotein gp160'
2 branched beta-D-mannopyranose-(1-4)-2-acetamido-2-deoxy-beta-D-glucopyranose-(1-4)-2-acetamido-2-deoxy-beta-D-glucopyranose
3 branched 2-acetamido-2-deoxy-beta-D-glucopyranose-(1-4)-2-acetamido-2-deoxy-beta-D-glucopyranose
4 branched alpha-D-mannopyranose-(1-2)-alpha-D-mannopyranose-(1-3)-[alpha-D-mannopyranose-(1-3)-alpha-D-mannopyranose-(1-6)]beta-D-mannopyranose-(1-4)-2-acetamido-2-deoxy-beta-D-glucopyranose-(1-4)-2-acetamido-2-deoxy-beta-D-glucopyranose
5 branched alpha-D-mannopyranose-(1-3)-beta-D-mannopyranose-(1-4)-2-acetamido-2-deoxy-beta-D-glucopyranose-(1-4)-2-acetamido-2-deoxy-beta-D-glucopyranose
6 branched alpha-D-mannopyranose-(1-6)-beta-D-mannopyranose-(1-4)-2-acetamido-2-deoxy-beta-D-glucopyranose-(1-4)-2-acetamido-2-deoxy-beta-D-glucopyranose
7 branched alpha-D-mannopyranose-(1-3)-alpha-D-mannopyranose-(1-6)-beta-D-mannopyranose-(1-4)-2-acetamido-2-deoxy-beta-D-glucopyranose-(1-4)-2-acetamido-2-deoxy-beta-D-glucopyranose
8 non-polymer 2-acetamido-2-deoxy-beta-D-glucopyranose
9 non-polymer 1-[(2R)-4-(benzenecarbonyl)-2-methylpiperazin-1-yl]-2-(4-methoxy-1H-pyrrolo[2,3-b]pyridin-3-yl)ethane-1,2-dione
#
_entity_poly.entity_id   1
_entity_poly.type   'polypeptide(L)'
_entity_poly.pdbx_seq_one_letter_code
;MRVKEKYQHLWRWGWRWGTMLLGMLMICSATEKLWVTVYYGVPVWKEATTTLFCASDAKAYDTEVHNVWATHACVPTDPN
PQEVVLENVTEHFNMWKNNMVEQMQEDIISLWDQSLKPCVKLTPLCVTLNCKDVNATNTTNDSEGTMERGEIKNCSFNIT
TSIRDEVQKEYALFYKLDVVPIDNNNTSYRLISCDTSVITQACPKISFEPIPIHYCAPAGFAILKCNDKTFNGKGPCKNV
STVQCTHGIRPVVSTQLLLNGSLAEEEVVIRSDNFTNNAKTIIVQLKESVEINCTRPNNNTRKSIHIGPGRAFYTTGEII
GDIRQAHCNISRAKWNDTLKQIVIKLREQFENKTIVFNHSSGGDPEIVMHSFNCGGEFFYCNSTQLFNSTWNNNTEGSNN
TEGNTITLPCRIKQIINMWQEVGKAMYAPPIRGQIRCSSNITGLLLTRDGGINENGTEIFRPGGGDMRDNWRSELYKYKV
VKIEPLGVAPTKAKRRVVQSEKSAVGIGAVFLGFLGAAGSTMGAASMTLTVQARLLLSGIVQQQNNLLRAIEAQQRMLQL
TVWGIKQLQARVLAVERYLGDQQLLGIWGCSGKLICTTAVPWNASWSNKSLDRIWNNMTWMEWEREIDNYTSEIYTLIEE
SQNQQEKNEQELLELDKWASLWNWFDITKWLWYIKIFIMIVGGLVGLRLVFTVLSIVNRVRQGYSPLSFQTLLPAPRGPD
RPEGIEEEGGERDRDRSGRLVNGSLALIWDDLRSLCLFSYHRLRDLLLIVTRIVELLGRRGWEALKYWWNLLQYWSQELK
NSAVSLLNATAIAVAEGTDRVIEVVQGACRAIRHIPRRIRQGLERILL
;
_entity_poly.pdbx_strand_id   A,B,C
#
loop_
_chem_comp.id
_chem_comp.type
_chem_comp.name
_chem_comp.formula
83G non-polymer 1-[(2R)-4-(benzenecarbonyl)-2-methylpiperazin-1-yl]-2-(4-methoxy-1H-pyrrolo[2,3-b]pyridin-3-yl)ethane-1,2-dione 'C22 H22 N4 O4'
BMA D-saccharide, beta linking beta-D-mannopyranose 'C6 H12 O6'
MAN D-saccharide, alpha linking alpha-D-mannopyranose 'C6 H12 O6'
NAG D-saccharide, beta linking 2-acetamido-2-deoxy-beta-D-glucopyranose 'C8 H15 N O6'
#
# COMPACT_ATOMS: atom_id res chain seq x y z
N GLU A 32 48.23 -13.80 25.48
CA GLU A 32 47.40 -14.90 25.94
C GLU A 32 45.93 -14.51 25.88
N LYS A 33 45.06 -15.52 25.66
CA LYS A 33 43.60 -15.48 25.76
C LYS A 33 42.94 -14.75 24.59
N LEU A 34 43.74 -14.04 23.78
CA LEU A 34 43.38 -13.27 22.59
C LEU A 34 42.43 -12.10 22.87
N TRP A 35 41.88 -12.02 24.08
CA TRP A 35 40.93 -11.04 24.61
C TRP A 35 39.60 -10.94 23.86
N VAL A 36 39.38 -11.75 22.82
CA VAL A 36 38.14 -11.76 22.03
C VAL A 36 37.87 -13.12 21.41
N THR A 37 36.60 -13.52 21.43
CA THR A 37 36.02 -14.43 20.47
C THR A 37 34.55 -14.05 20.27
N VAL A 38 33.98 -14.48 19.15
CA VAL A 38 32.75 -13.85 18.67
C VAL A 38 31.53 -14.33 19.44
N TYR A 39 31.24 -15.64 19.37
CA TYR A 39 30.13 -16.29 20.08
C TYR A 39 28.78 -15.70 19.68
N TYR A 40 28.35 -16.06 18.46
CA TYR A 40 27.10 -15.59 17.88
C TYR A 40 25.88 -15.82 18.76
N GLY A 41 25.47 -17.06 18.96
CA GLY A 41 24.27 -17.29 19.72
C GLY A 41 24.45 -17.12 21.20
N VAL A 42 23.99 -15.98 21.73
CA VAL A 42 24.02 -15.66 23.16
C VAL A 42 22.69 -14.98 23.46
N PRO A 43 21.96 -15.40 24.50
CA PRO A 43 20.67 -14.77 24.80
C PRO A 43 20.78 -13.36 25.33
N VAL A 44 20.43 -12.38 24.51
CA VAL A 44 20.48 -10.99 24.91
C VAL A 44 19.04 -10.48 24.92
N TRP A 45 18.39 -10.66 26.06
CA TRP A 45 17.14 -10.01 26.35
C TRP A 45 17.38 -8.52 26.37
N LYS A 46 16.48 -7.76 25.76
CA LYS A 46 16.71 -6.33 25.55
C LYS A 46 15.38 -5.68 25.30
N GLU A 47 15.04 -4.69 26.11
CA GLU A 47 13.78 -4.00 25.93
C GLU A 47 13.77 -3.25 24.62
N ALA A 48 12.78 -3.57 23.79
CA ALA A 48 12.53 -2.84 22.56
C ALA A 48 11.05 -2.96 22.26
N THR A 49 10.57 -2.03 21.45
CA THR A 49 9.17 -2.01 21.04
C THR A 49 9.13 -2.19 19.54
N THR A 50 8.54 -3.29 19.10
CA THR A 50 8.30 -3.55 17.70
C THR A 50 6.81 -3.57 17.44
N THR A 51 6.44 -3.81 16.20
CA THR A 51 5.03 -3.88 15.84
C THR A 51 4.41 -5.14 16.41
N LEU A 52 3.22 -4.99 17.01
CA LEU A 52 2.49 -6.09 17.60
C LEU A 52 2.09 -7.11 16.55
N PHE A 53 2.07 -8.37 16.98
CA PHE A 53 1.68 -9.47 16.12
C PHE A 53 0.71 -10.38 16.86
N CYS A 54 -0.26 -10.90 16.13
CA CYS A 54 -1.29 -11.75 16.70
C CYS A 54 -1.96 -12.62 15.65
N ALA A 55 -2.68 -13.63 16.12
CA ALA A 55 -3.40 -14.57 15.27
C ALA A 55 -4.78 -14.81 15.85
N SER A 56 -5.70 -15.22 14.98
CA SER A 56 -7.05 -15.56 15.39
C SER A 56 -7.10 -17.03 15.80
N ASP A 57 -8.13 -17.38 16.56
CA ASP A 57 -8.52 -18.78 16.73
C ASP A 57 -9.97 -18.98 16.35
N ALA A 58 -10.36 -18.49 15.17
CA ALA A 58 -11.69 -18.73 14.63
C ALA A 58 -11.78 -20.10 13.98
N LYS A 59 -10.69 -20.86 14.03
CA LYS A 59 -10.61 -22.27 13.62
C LYS A 59 -11.64 -23.10 14.37
N ALA A 60 -11.87 -22.78 15.65
CA ALA A 60 -12.94 -23.43 16.39
C ALA A 60 -14.30 -22.84 16.06
N TYR A 61 -14.34 -21.69 15.37
CA TYR A 61 -15.60 -21.00 15.10
C TYR A 61 -15.97 -21.02 13.62
N ASP A 62 -15.10 -20.51 12.75
CA ASP A 62 -15.26 -20.49 11.29
C ASP A 62 -16.55 -19.77 10.87
N THR A 63 -16.81 -18.64 11.50
CA THR A 63 -18.06 -17.92 11.27
C THR A 63 -18.03 -17.18 9.95
N GLU A 64 -19.13 -17.26 9.21
CA GLU A 64 -19.25 -16.49 7.98
C GLU A 64 -19.43 -15.02 8.27
N VAL A 65 -19.95 -14.68 9.40
CA VAL A 65 -20.14 -13.30 9.83
C VAL A 65 -18.79 -12.72 10.19
N HIS A 66 -18.55 -11.48 9.75
CA HIS A 66 -17.20 -10.92 9.80
C HIS A 66 -16.79 -10.50 11.20
N ASN A 67 -17.59 -9.64 11.84
CA ASN A 67 -17.45 -9.23 13.24
C ASN A 67 -16.09 -8.62 13.53
N VAL A 68 -15.84 -7.41 13.01
CA VAL A 68 -14.54 -6.81 12.71
C VAL A 68 -13.42 -7.08 13.70
N TRP A 69 -13.77 -7.26 14.97
CA TRP A 69 -12.84 -7.78 15.96
C TRP A 69 -12.32 -9.14 15.54
N ALA A 70 -13.20 -10.02 15.04
CA ALA A 70 -12.78 -11.34 14.58
C ALA A 70 -11.98 -11.27 13.30
N THR A 71 -12.00 -10.12 12.61
CA THR A 71 -11.21 -9.82 11.40
C THR A 71 -11.56 -10.75 10.25
N HIS A 72 -12.73 -11.38 10.35
CA HIS A 72 -13.09 -12.63 9.69
C HIS A 72 -11.88 -13.55 9.54
N ALA A 73 -11.32 -13.92 10.70
CA ALA A 73 -10.21 -14.86 10.84
C ALA A 73 -8.96 -14.41 10.10
N CYS A 74 -8.27 -13.39 10.64
CA CYS A 74 -6.95 -12.96 10.19
C CYS A 74 -5.99 -14.10 9.87
N VAL A 75 -5.64 -14.91 10.86
CA VAL A 75 -4.76 -16.05 10.68
C VAL A 75 -4.95 -17.03 11.84
N PRO A 76 -5.12 -18.34 11.58
CA PRO A 76 -5.37 -19.27 12.67
C PRO A 76 -4.15 -19.49 13.54
N THR A 77 -4.39 -19.98 14.75
CA THR A 77 -3.37 -19.99 15.78
C THR A 77 -2.64 -21.32 15.80
N ASP A 78 -1.56 -21.35 16.59
CA ASP A 78 -0.88 -22.59 16.88
C ASP A 78 -1.73 -23.43 17.84
N PRO A 79 -1.95 -24.69 17.53
CA PRO A 79 -2.51 -25.60 18.54
C PRO A 79 -1.58 -25.86 19.72
N ASN A 80 -0.32 -26.21 19.45
CA ASN A 80 0.60 -26.62 20.53
C ASN A 80 1.82 -25.73 20.56
N PRO A 81 1.82 -24.66 21.34
CA PRO A 81 3.06 -23.94 21.63
C PRO A 81 3.74 -24.49 22.87
N GLN A 82 4.97 -24.04 23.09
CA GLN A 82 5.76 -24.46 24.22
C GLN A 82 6.09 -23.26 25.10
N GLU A 83 6.25 -23.53 26.39
CA GLU A 83 6.42 -22.48 27.39
C GLU A 83 7.59 -22.86 28.27
N VAL A 84 8.54 -21.94 28.44
CA VAL A 84 9.77 -22.23 29.17
C VAL A 84 9.92 -21.20 30.29
N VAL A 85 10.09 -21.69 31.51
CA VAL A 85 10.21 -20.84 32.68
C VAL A 85 11.69 -20.67 33.00
N LEU A 86 12.13 -19.44 33.21
CA LEU A 86 13.50 -19.16 33.57
C LEU A 86 13.52 -18.73 35.03
N GLU A 87 14.01 -19.61 35.90
CA GLU A 87 13.87 -19.37 37.33
C GLU A 87 14.82 -18.33 37.87
N ASN A 88 16.09 -18.36 37.46
CA ASN A 88 17.11 -17.50 38.13
C ASN A 88 17.01 -16.01 37.83
N VAL A 89 16.18 -15.61 36.87
CA VAL A 89 16.14 -14.20 36.50
C VAL A 89 15.14 -13.44 37.36
N THR A 90 15.56 -12.27 37.85
CA THR A 90 14.65 -11.26 38.35
C THR A 90 14.87 -9.99 37.55
N GLU A 91 13.80 -9.23 37.34
CA GLU A 91 13.88 -7.99 36.60
C GLU A 91 12.64 -7.14 36.89
N HIS A 92 12.86 -5.85 37.11
CA HIS A 92 11.75 -4.92 37.19
C HIS A 92 11.00 -4.84 35.87
N PHE A 93 9.68 -4.86 35.94
CA PHE A 93 8.82 -4.66 34.79
C PHE A 93 7.76 -3.66 35.18
N ASN A 94 7.90 -2.42 34.73
CA ASN A 94 6.89 -1.42 35.00
C ASN A 94 5.65 -1.73 34.17
N MET A 95 4.52 -1.86 34.85
CA MET A 95 3.24 -2.06 34.18
C MET A 95 2.48 -0.76 34.09
N TRP A 96 3.22 0.31 33.93
CA TRP A 96 2.68 1.57 33.50
C TRP A 96 3.49 2.22 32.41
N LYS A 97 4.68 1.68 32.11
CA LYS A 97 5.47 2.14 30.98
C LYS A 97 5.47 1.15 29.83
N ASN A 98 4.39 0.40 29.65
CA ASN A 98 4.28 -0.45 28.47
C ASN A 98 3.95 0.39 27.25
N ASN A 99 4.64 0.11 26.15
CA ASN A 99 4.19 0.65 24.87
C ASN A 99 3.06 -0.18 24.30
N MET A 100 3.07 -1.48 24.58
CA MET A 100 2.21 -2.42 23.85
C MET A 100 0.74 -2.23 24.20
N VAL A 101 0.44 -1.55 25.30
CA VAL A 101 -0.94 -1.24 25.64
C VAL A 101 -1.51 -0.24 24.64
N GLU A 102 -0.91 0.95 24.57
CA GLU A 102 -1.47 2.04 23.79
C GLU A 102 -1.36 1.75 22.31
N GLN A 103 -0.34 1.00 21.92
CA GLN A 103 -0.25 0.47 20.57
C GLN A 103 -1.45 -0.39 20.25
N MET A 104 -1.77 -1.33 21.13
CA MET A 104 -2.96 -2.14 20.95
C MET A 104 -4.21 -1.30 21.11
N GLN A 105 -4.16 -0.29 21.99
CA GLN A 105 -5.25 0.66 22.08
C GLN A 105 -5.40 1.43 20.78
N GLU A 106 -4.30 1.77 20.15
CA GLU A 106 -4.35 2.40 18.84
C GLU A 106 -4.93 1.46 17.80
N ASP A 107 -4.70 0.15 18.00
CA ASP A 107 -5.12 -0.82 17.00
C ASP A 107 -6.63 -0.93 16.92
N ILE A 108 -7.28 -1.01 18.08
CA ILE A 108 -8.72 -1.15 18.09
C ILE A 108 -9.40 0.11 17.59
N ILE A 109 -8.79 1.27 17.84
CA ILE A 109 -9.25 2.52 17.25
C ILE A 109 -9.17 2.44 15.73
N SER A 110 -8.03 1.99 15.23
CA SER A 110 -7.89 1.78 13.79
C SER A 110 -8.76 0.63 13.30
N LEU A 111 -9.04 -0.35 14.16
CA LEU A 111 -9.90 -1.46 13.76
C LEU A 111 -11.31 -0.96 13.52
N TRP A 112 -11.81 -0.13 14.43
CA TRP A 112 -13.13 0.46 14.27
C TRP A 112 -13.21 1.42 13.11
N ASP A 113 -12.07 1.93 12.64
CA ASP A 113 -12.09 2.73 11.43
C ASP A 113 -12.48 1.92 10.21
N GLN A 114 -11.90 0.74 10.04
CA GLN A 114 -12.28 -0.12 8.94
C GLN A 114 -13.64 -0.77 9.12
N SER A 115 -14.27 -0.58 10.26
CA SER A 115 -15.65 -1.01 10.42
C SER A 115 -16.62 0.01 9.84
N LEU A 116 -16.51 1.26 10.27
CA LEU A 116 -17.55 2.23 9.95
C LEU A 116 -17.40 2.80 8.55
N LYS A 117 -16.16 2.92 8.08
CA LYS A 117 -15.89 3.56 6.79
C LYS A 117 -16.56 2.86 5.60
N PRO A 118 -16.76 1.52 5.56
CA PRO A 118 -17.69 0.98 4.57
C PRO A 118 -19.10 1.52 4.64
N CYS A 119 -19.78 1.34 5.75
CA CYS A 119 -21.21 1.64 5.74
C CYS A 119 -21.49 3.09 6.11
N VAL A 120 -22.80 3.33 6.00
CA VAL A 120 -23.35 4.71 5.94
C VAL A 120 -23.41 5.59 7.16
N LYS A 121 -23.39 6.89 6.88
CA LYS A 121 -23.55 7.96 7.86
C LYS A 121 -24.95 8.55 7.79
N LEU A 122 -25.43 9.01 8.94
CA LEU A 122 -26.79 9.54 9.03
C LEU A 122 -26.81 11.03 8.74
N THR A 123 -26.38 11.40 7.54
CA THR A 123 -26.28 12.81 7.21
C THR A 123 -27.63 13.54 7.12
N PRO A 124 -28.67 13.05 6.44
CA PRO A 124 -29.93 13.81 6.50
C PRO A 124 -30.61 13.69 7.84
N LEU A 125 -30.32 12.63 8.60
CA LEU A 125 -30.95 12.42 9.89
C LEU A 125 -30.17 13.20 10.94
N CYS A 126 -30.37 14.52 10.92
CA CYS A 126 -29.87 15.34 12.01
C CYS A 126 -30.84 16.48 12.30
N VAL A 127 -32.11 16.26 12.06
CA VAL A 127 -33.10 17.32 12.06
C VAL A 127 -33.99 17.13 13.28
N THR A 128 -34.64 18.20 13.73
CA THR A 128 -35.54 18.15 14.88
C THR A 128 -36.77 17.29 14.60
N LEU A 129 -37.51 17.02 15.66
CA LEU A 129 -38.55 16.01 15.63
C LEU A 129 -39.45 16.16 16.84
N ASN A 130 -40.74 15.87 16.64
CA ASN A 130 -41.71 15.89 17.72
C ASN A 130 -41.98 14.47 18.18
N CYS A 131 -42.03 14.28 19.49
CA CYS A 131 -41.99 12.94 20.03
C CYS A 131 -43.02 12.77 21.13
N LYS A 132 -43.51 11.53 21.29
CA LYS A 132 -44.54 11.25 22.33
C LYS A 132 -44.06 10.08 23.19
N ASP A 133 -44.63 9.90 24.37
CA ASP A 133 -44.28 8.72 25.20
C ASP A 133 -45.33 7.65 24.92
N VAL A 134 -44.93 6.38 24.78
CA VAL A 134 -45.89 5.35 24.40
C VAL A 134 -46.96 5.17 25.47
N ASN A 135 -46.56 4.85 26.70
CA ASN A 135 -47.45 4.74 27.85
C ASN A 135 -46.68 5.15 29.09
N ALA A 136 -47.43 5.42 30.16
CA ALA A 136 -46.92 5.86 31.47
C ALA A 136 -46.04 7.11 31.37
N GLU A 148 -40.16 3.05 32.95
CA GLU A 148 -41.33 3.66 32.33
C GLU A 148 -41.39 5.15 32.63
N ARG A 149 -42.63 5.66 32.68
CA ARG A 149 -42.96 7.03 33.10
C ARG A 149 -42.27 8.07 32.21
N GLY A 150 -42.17 7.76 30.92
CA GLY A 150 -41.46 8.60 29.98
C GLY A 150 -40.17 8.00 29.47
N GLU A 151 -39.95 6.70 29.70
CA GLU A 151 -38.73 6.07 29.22
C GLU A 151 -38.75 5.92 27.71
N ILE A 152 -39.67 5.13 27.20
CA ILE A 152 -39.68 4.76 25.79
C ILE A 152 -40.48 5.78 25.00
N LYS A 153 -39.91 6.26 23.89
CA LYS A 153 -40.40 7.46 23.23
C LYS A 153 -40.66 7.20 21.76
N ASN A 154 -41.94 7.22 21.37
CA ASN A 154 -42.34 7.10 19.97
C ASN A 154 -42.29 8.49 19.34
N CYS A 155 -41.39 8.68 18.37
CA CYS A 155 -41.05 10.01 17.89
C CYS A 155 -41.32 10.15 16.39
N SER A 156 -41.67 11.37 15.97
CA SER A 156 -42.17 11.63 14.62
C SER A 156 -41.54 12.88 14.01
N PHE A 157 -41.43 12.88 12.68
CA PHE A 157 -40.71 13.94 11.97
C PHE A 157 -41.02 13.92 10.47
N ASN A 158 -41.11 15.12 9.88
CA ASN A 158 -41.20 15.27 8.43
C ASN A 158 -39.80 15.17 7.82
N ILE A 159 -39.66 14.37 6.77
CA ILE A 159 -38.36 14.17 6.13
C ILE A 159 -38.57 13.68 4.71
N THR A 160 -37.55 13.87 3.86
CA THR A 160 -37.39 13.16 2.59
C THR A 160 -35.96 12.62 2.51
N THR A 161 -35.77 11.41 3.04
CA THR A 161 -34.51 10.71 2.82
C THR A 161 -34.39 10.29 1.36
N SER A 162 -35.52 10.11 0.70
CA SER A 162 -35.56 10.00 -0.74
C SER A 162 -35.28 11.36 -1.39
N ILE A 163 -34.83 11.29 -2.64
CA ILE A 163 -34.69 12.48 -3.48
C ILE A 163 -35.97 12.78 -4.24
N ARG A 164 -36.98 11.92 -4.09
CA ARG A 164 -38.18 12.02 -4.90
C ARG A 164 -39.24 12.95 -4.31
N ASP A 165 -38.85 13.85 -3.42
CA ASP A 165 -39.56 15.10 -3.14
C ASP A 165 -40.95 14.92 -2.55
N GLU A 166 -41.04 14.27 -1.39
CA GLU A 166 -42.29 14.06 -0.68
C GLU A 166 -42.05 14.46 0.77
N VAL A 167 -43.13 14.67 1.52
CA VAL A 167 -43.03 14.86 2.97
C VAL A 167 -44.06 13.97 3.64
N GLN A 168 -43.67 13.41 4.78
CA GLN A 168 -44.52 12.53 5.56
C GLN A 168 -43.95 12.45 6.96
N LYS A 169 -44.79 12.09 7.92
CA LYS A 169 -44.31 11.93 9.28
C LYS A 169 -43.85 10.49 9.49
N GLU A 170 -42.70 10.36 10.14
CA GLU A 170 -42.04 9.08 10.30
C GLU A 170 -41.99 8.70 11.77
N TYR A 171 -42.80 7.74 12.17
CA TYR A 171 -42.84 7.33 13.56
C TYR A 171 -41.62 6.46 13.79
N ALA A 172 -40.97 6.63 14.94
CA ALA A 172 -39.86 5.79 15.35
C ALA A 172 -39.73 5.82 16.87
N LEU A 173 -39.23 4.70 17.41
CA LEU A 173 -39.34 4.38 18.81
C LEU A 173 -37.99 4.62 19.46
N PHE A 174 -37.98 5.33 20.58
CA PHE A 174 -36.70 5.75 21.15
C PHE A 174 -36.74 5.66 22.66
N TYR A 175 -35.71 6.21 23.29
CA TYR A 175 -35.57 6.33 24.73
C TYR A 175 -35.71 7.78 25.14
N LYS A 176 -35.70 8.00 26.45
CA LYS A 176 -35.40 9.32 27.01
C LYS A 176 -33.90 9.58 26.99
N LEU A 177 -33.11 8.52 26.79
CA LEU A 177 -31.69 8.55 27.11
C LEU A 177 -30.87 9.21 26.01
N ASP A 178 -31.49 9.51 24.87
CA ASP A 178 -30.74 9.89 23.68
C ASP A 178 -31.31 11.13 22.99
N VAL A 179 -32.30 11.79 23.58
CA VAL A 179 -33.02 12.88 22.94
C VAL A 179 -32.82 14.15 23.76
N VAL A 180 -32.37 15.21 23.10
CA VAL A 180 -32.24 16.47 23.81
C VAL A 180 -33.58 17.20 23.71
N PRO A 181 -34.04 17.80 24.80
CA PRO A 181 -35.25 18.62 24.72
C PRO A 181 -34.90 20.07 24.39
N ILE A 182 -35.80 20.69 23.66
CA ILE A 182 -35.63 22.07 23.20
C ILE A 182 -36.83 22.86 23.66
N ASP A 183 -36.60 24.11 24.09
CA ASP A 183 -37.61 25.14 24.33
C ASP A 183 -38.60 24.73 25.43
N ASN A 184 -38.04 24.65 26.65
CA ASN A 184 -38.78 24.38 27.88
C ASN A 184 -39.49 23.02 27.83
N ASN A 185 -38.79 22.05 27.22
CA ASN A 185 -39.21 20.65 27.09
C ASN A 185 -40.58 20.54 26.42
N ASN A 186 -40.82 21.39 25.44
CA ASN A 186 -42.03 21.34 24.66
C ASN A 186 -41.82 20.36 23.51
N THR A 187 -42.70 20.41 22.51
CA THR A 187 -42.74 19.44 21.42
C THR A 187 -41.46 19.38 20.57
N SER A 188 -40.63 20.40 20.66
CA SER A 188 -39.36 20.44 19.96
C SER A 188 -38.34 19.53 20.64
N TYR A 189 -37.75 18.64 19.86
CA TYR A 189 -36.74 17.73 20.36
C TYR A 189 -35.72 17.45 19.27
N ARG A 190 -34.51 17.12 19.68
CA ARG A 190 -33.48 16.70 18.75
C ARG A 190 -32.69 15.56 19.33
N LEU A 191 -31.80 15.03 18.49
CA LEU A 191 -30.76 14.15 18.97
C LEU A 191 -29.82 14.93 19.87
N ILE A 192 -29.41 14.29 20.97
CA ILE A 192 -28.36 14.83 21.83
C ILE A 192 -27.07 15.04 21.05
N SER A 193 -26.64 14.02 20.34
CA SER A 193 -25.43 14.13 19.55
C SER A 193 -25.77 14.72 18.18
N CYS A 194 -24.82 14.63 17.24
CA CYS A 194 -24.81 15.05 15.84
C CYS A 194 -24.70 16.57 15.70
N ASP A 195 -24.87 17.34 16.77
CA ASP A 195 -24.74 18.77 16.65
C ASP A 195 -23.27 19.17 16.59
N THR A 196 -22.41 18.32 17.13
CA THR A 196 -20.97 18.47 17.03
C THR A 196 -20.32 17.37 16.22
N SER A 197 -20.46 16.13 16.67
CA SER A 197 -19.82 15.02 15.99
C SER A 197 -20.61 14.62 14.75
N VAL A 198 -20.02 13.74 13.97
CA VAL A 198 -20.70 13.13 12.84
C VAL A 198 -21.22 11.78 13.29
N ILE A 199 -22.26 11.29 12.63
CA ILE A 199 -23.02 10.13 13.08
C ILE A 199 -23.16 9.11 11.94
N THR A 200 -22.92 7.84 12.27
CA THR A 200 -23.10 6.76 11.32
C THR A 200 -24.03 5.69 11.89
N GLN A 201 -24.46 4.78 11.03
CA GLN A 201 -25.18 3.58 11.46
C GLN A 201 -24.16 2.47 11.63
N ALA A 202 -24.33 1.66 12.68
CA ALA A 202 -23.49 0.47 12.84
C ALA A 202 -23.79 -0.52 11.74
N CYS A 203 -22.83 -1.41 11.48
CA CYS A 203 -22.87 -2.12 10.23
C CYS A 203 -23.62 -3.44 10.44
N PRO A 204 -24.75 -3.62 9.74
CA PRO A 204 -25.80 -4.53 10.25
C PRO A 204 -25.44 -6.02 10.22
N LYS A 205 -24.60 -6.43 9.30
CA LYS A 205 -24.43 -7.87 9.08
C LYS A 205 -23.53 -8.49 10.13
N ILE A 206 -22.76 -7.67 10.85
CA ILE A 206 -21.84 -8.23 11.83
C ILE A 206 -22.32 -7.92 13.23
N SER A 207 -21.62 -8.48 14.21
CA SER A 207 -21.94 -8.37 15.63
C SER A 207 -20.72 -7.85 16.39
N PHE A 208 -20.80 -7.95 17.72
CA PHE A 208 -19.87 -7.25 18.59
C PHE A 208 -19.31 -8.17 19.65
N GLU A 209 -18.99 -9.41 19.23
CA GLU A 209 -18.47 -10.44 20.16
C GLU A 209 -16.95 -10.49 20.10
N PRO A 210 -16.26 -10.60 21.24
CA PRO A 210 -14.81 -10.67 21.31
C PRO A 210 -14.35 -12.11 21.12
N ILE A 211 -13.38 -12.30 20.23
CA ILE A 211 -12.83 -13.67 20.09
C ILE A 211 -11.51 -13.71 20.87
N PRO A 212 -11.29 -14.54 21.93
CA PRO A 212 -9.94 -14.64 22.48
C PRO A 212 -8.88 -14.93 21.43
N ILE A 213 -7.82 -14.15 21.43
CA ILE A 213 -6.79 -14.22 20.40
C ILE A 213 -5.42 -14.26 21.06
N HIS A 214 -4.44 -14.78 20.31
CA HIS A 214 -3.09 -15.01 20.80
C HIS A 214 -2.15 -13.97 20.19
N TYR A 215 -1.91 -12.90 20.93
CA TYR A 215 -0.84 -11.98 20.55
C TYR A 215 0.49 -12.68 20.60
N CYS A 216 1.36 -12.34 19.67
CA CYS A 216 2.51 -13.17 19.45
C CYS A 216 3.61 -12.34 18.81
N ALA A 217 4.63 -13.02 18.34
CA ALA A 217 5.82 -12.37 17.84
C ALA A 217 6.42 -13.17 16.69
N PRO A 218 6.74 -12.52 15.58
CA PRO A 218 7.38 -13.24 14.47
C PRO A 218 8.77 -13.77 14.78
N ALA A 219 9.70 -12.91 15.16
CA ALA A 219 11.07 -13.34 15.28
C ALA A 219 11.83 -12.40 16.20
N GLY A 220 12.89 -12.95 16.80
CA GLY A 220 13.81 -12.16 17.58
C GLY A 220 13.23 -11.80 18.93
N PHE A 221 12.32 -10.84 18.93
CA PHE A 221 11.64 -10.47 20.15
C PHE A 221 10.60 -11.51 20.54
N ALA A 222 10.29 -11.59 21.83
CA ALA A 222 9.37 -12.59 22.37
C ALA A 222 8.76 -12.10 23.67
N ILE A 223 7.73 -12.80 24.13
CA ILE A 223 6.85 -12.33 25.21
C ILE A 223 7.35 -12.91 26.52
N LEU A 224 7.24 -12.14 27.60
CA LEU A 224 7.65 -12.61 28.91
C LEU A 224 6.45 -12.73 29.85
N LYS A 225 6.55 -13.68 30.79
CA LYS A 225 5.57 -13.82 31.85
C LYS A 225 6.29 -14.00 33.18
N CYS A 226 5.69 -13.47 34.23
CA CYS A 226 6.17 -13.65 35.60
C CYS A 226 5.15 -14.46 36.38
N ASN A 227 5.53 -15.67 36.78
CA ASN A 227 4.57 -16.57 37.42
C ASN A 227 4.45 -16.34 38.91
N ASP A 228 4.95 -15.22 39.44
CA ASP A 228 4.73 -14.93 40.84
C ASP A 228 3.51 -14.05 41.03
N LYS A 229 3.09 -13.94 42.28
CA LYS A 229 1.84 -13.28 42.58
C LYS A 229 2.08 -11.98 43.30
N THR A 230 0.99 -11.27 43.62
CA THR A 230 0.98 -9.98 44.33
C THR A 230 1.85 -8.93 43.63
N PHE A 231 1.98 -9.07 42.33
CA PHE A 231 2.85 -8.18 41.57
C PHE A 231 2.03 -7.03 41.06
N ASN A 232 2.07 -5.91 41.78
CA ASN A 232 1.30 -4.72 41.48
C ASN A 232 1.62 -4.11 40.13
N GLY A 233 2.79 -4.39 39.57
CA GLY A 233 3.24 -3.73 38.37
C GLY A 233 4.53 -2.97 38.55
N LYS A 234 5.07 -2.93 39.77
CA LYS A 234 6.36 -2.34 40.05
C LYS A 234 7.22 -3.37 40.75
N GLY A 235 8.50 -3.09 40.85
CA GLY A 235 9.44 -4.01 41.43
C GLY A 235 9.83 -5.11 40.48
N PRO A 236 10.82 -5.90 40.86
CA PRO A 236 11.10 -7.14 40.11
C PRO A 236 10.23 -8.27 40.60
N CYS A 237 10.48 -9.46 40.03
CA CYS A 237 9.82 -10.68 40.46
C CYS A 237 10.61 -11.88 39.97
N LYS A 238 10.41 -13.01 40.65
CA LYS A 238 11.03 -14.27 40.31
C LYS A 238 10.05 -15.09 39.47
N ASN A 239 10.40 -16.36 39.23
CA ASN A 239 9.53 -17.36 38.57
C ASN A 239 9.07 -16.86 37.21
N VAL A 240 10.04 -16.59 36.35
CA VAL A 240 9.78 -15.84 35.13
C VAL A 240 9.75 -16.81 33.95
N SER A 241 8.74 -16.69 33.09
CA SER A 241 8.68 -17.54 31.92
C SER A 241 8.70 -16.71 30.67
N THR A 242 8.94 -17.39 29.55
CA THR A 242 8.78 -16.80 28.24
C THR A 242 7.96 -17.73 27.36
N VAL A 243 6.99 -17.13 26.65
CA VAL A 243 6.13 -17.83 25.72
C VAL A 243 6.21 -17.08 24.40
N GLN A 244 6.16 -17.81 23.30
CA GLN A 244 6.19 -17.20 21.97
C GLN A 244 4.96 -16.34 21.73
N CYS A 245 3.78 -16.88 21.98
CA CYS A 245 2.56 -16.14 21.79
C CYS A 245 1.94 -15.85 23.15
N THR A 246 0.77 -15.22 23.14
CA THR A 246 0.03 -15.09 24.38
C THR A 246 -1.04 -16.17 24.46
N HIS A 247 -1.78 -16.14 25.57
CA HIS A 247 -3.01 -16.88 25.66
C HIS A 247 -4.11 -16.13 24.92
N GLY A 248 -5.29 -16.75 24.84
CA GLY A 248 -6.42 -16.14 24.19
C GLY A 248 -6.96 -14.96 24.97
N ILE A 249 -6.89 -13.78 24.38
CA ILE A 249 -7.23 -12.55 25.07
C ILE A 249 -8.37 -11.87 24.34
N ARG A 250 -9.50 -11.71 25.03
CA ARG A 250 -10.71 -11.05 24.46
C ARG A 250 -10.65 -9.54 24.67
N PRO A 251 -11.05 -8.64 23.71
CA PRO A 251 -11.08 -7.19 23.99
C PRO A 251 -12.02 -6.79 25.13
N VAL A 252 -11.46 -6.32 26.25
CA VAL A 252 -12.32 -5.80 27.37
C VAL A 252 -12.77 -4.40 26.97
N VAL A 253 -14.05 -4.07 27.16
CA VAL A 253 -14.56 -2.75 26.67
C VAL A 253 -15.42 -2.06 27.74
N SER A 254 -16.00 -2.81 28.69
CA SER A 254 -16.94 -2.23 29.64
C SER A 254 -16.25 -1.30 30.63
N THR A 255 -17.00 -0.34 31.15
CA THR A 255 -16.48 0.59 32.13
C THR A 255 -17.08 0.30 33.50
N GLN A 256 -16.22 0.41 34.52
CA GLN A 256 -16.46 0.32 35.95
C GLN A 256 -16.62 -1.16 36.34
N LEU A 257 -16.49 -2.02 35.35
CA LEU A 257 -16.80 -3.43 35.44
C LEU A 257 -15.69 -4.19 34.71
N LEU A 258 -15.30 -5.33 35.25
CA LEU A 258 -14.30 -6.16 34.59
C LEU A 258 -14.78 -7.60 34.52
N LEU A 259 -15.03 -8.06 33.30
CA LEU A 259 -15.70 -9.34 33.09
C LEU A 259 -14.94 -10.15 32.06
N ASN A 260 -15.14 -11.47 32.17
CA ASN A 260 -14.62 -12.49 31.25
C ASN A 260 -13.11 -12.45 31.10
N GLY A 261 -12.40 -11.97 32.11
CA GLY A 261 -10.99 -11.72 32.01
C GLY A 261 -10.16 -12.57 32.95
N SER A 262 -9.07 -11.99 33.43
CA SER A 262 -8.12 -12.72 34.26
C SER A 262 -8.70 -12.95 35.64
N LEU A 263 -8.90 -14.22 35.97
CA LEU A 263 -9.38 -14.55 37.31
C LEU A 263 -8.25 -14.57 38.32
N ALA A 264 -7.16 -15.28 37.99
CA ALA A 264 -5.90 -15.31 38.75
C ALA A 264 -6.13 -15.77 40.20
N GLU A 265 -6.49 -17.05 40.30
CA GLU A 265 -6.94 -17.60 41.58
C GLU A 265 -5.81 -17.80 42.58
N GLU A 266 -5.28 -16.69 43.09
CA GLU A 266 -4.55 -16.66 44.34
C GLU A 266 -5.12 -15.51 45.12
N GLU A 267 -4.50 -15.21 46.26
CA GLU A 267 -4.83 -14.14 47.20
C GLU A 267 -5.23 -12.82 46.54
N VAL A 268 -6.25 -12.17 47.08
CA VAL A 268 -6.84 -11.00 46.43
C VAL A 268 -5.86 -9.84 46.44
N VAL A 269 -5.56 -9.31 45.26
CA VAL A 269 -4.59 -8.24 45.11
C VAL A 269 -5.24 -7.04 44.47
N ILE A 270 -4.61 -5.89 44.68
CA ILE A 270 -5.12 -4.60 44.26
C ILE A 270 -3.99 -3.82 43.62
N ARG A 271 -4.34 -2.98 42.65
CA ARG A 271 -3.34 -2.26 41.87
C ARG A 271 -3.75 -0.81 41.73
N SER A 272 -2.74 0.07 41.70
CA SER A 272 -2.92 1.48 41.38
C SER A 272 -1.55 2.04 41.06
N ASP A 273 -1.53 3.23 40.47
CA ASP A 273 -0.26 3.79 40.01
C ASP A 273 0.56 4.39 41.14
N ASN A 274 0.06 5.45 41.78
CA ASN A 274 0.78 6.16 42.83
C ASN A 274 -0.16 6.39 44.01
N PHE A 275 0.15 5.78 45.15
CA PHE A 275 -0.71 5.86 46.31
C PHE A 275 -0.51 7.15 47.09
N THR A 276 0.46 7.96 46.70
CA THR A 276 0.59 9.28 47.30
C THR A 276 -0.54 10.14 46.75
N ASN A 277 -0.66 10.15 45.44
CA ASN A 277 -1.66 10.99 44.79
C ASN A 277 -3.01 10.31 44.88
N ASN A 278 -4.02 11.07 45.30
CA ASN A 278 -5.39 10.57 45.27
C ASN A 278 -5.92 10.42 43.86
N ALA A 279 -5.34 11.15 42.90
CA ALA A 279 -5.84 11.13 41.53
C ALA A 279 -5.23 9.99 40.72
N LYS A 280 -5.34 8.77 41.22
CA LYS A 280 -4.87 7.59 40.52
C LYS A 280 -5.94 6.51 40.52
N THR A 281 -5.96 5.75 39.44
CA THR A 281 -6.98 4.72 39.25
C THR A 281 -6.61 3.48 40.03
N ILE A 282 -7.59 2.91 40.73
CA ILE A 282 -7.36 1.82 41.66
C ILE A 282 -7.99 0.56 41.10
N ILE A 283 -7.14 -0.43 40.79
CA ILE A 283 -7.52 -1.59 40.02
C ILE A 283 -7.73 -2.75 40.99
N VAL A 284 -8.82 -3.48 40.81
CA VAL A 284 -9.18 -4.58 41.68
C VAL A 284 -8.97 -5.88 40.93
N GLN A 285 -8.30 -6.84 41.56
CA GLN A 285 -8.28 -8.22 41.10
C GLN A 285 -9.02 -9.08 42.11
N LEU A 286 -9.81 -10.03 41.63
CA LEU A 286 -10.55 -10.95 42.48
C LEU A 286 -10.33 -12.39 42.03
N LYS A 287 -10.06 -13.28 42.98
CA LYS A 287 -9.82 -14.68 42.66
C LYS A 287 -11.12 -15.41 42.34
N GLU A 288 -12.26 -14.78 42.58
CA GLU A 288 -13.53 -15.44 42.37
C GLU A 288 -14.33 -14.73 41.29
N SER A 289 -15.26 -15.44 40.68
CA SER A 289 -15.91 -15.00 39.45
C SER A 289 -17.42 -14.95 39.67
N VAL A 290 -17.92 -13.75 39.99
CA VAL A 290 -19.35 -13.58 40.15
C VAL A 290 -20.01 -13.46 38.79
N GLU A 291 -20.89 -14.41 38.47
CA GLU A 291 -21.68 -14.31 37.26
C GLU A 291 -22.78 -13.29 37.49
N ILE A 292 -23.24 -12.69 36.40
CA ILE A 292 -24.37 -11.77 36.48
C ILE A 292 -25.22 -11.90 35.22
N ASN A 293 -26.43 -12.38 35.40
CA ASN A 293 -27.32 -12.62 34.28
C ASN A 293 -28.10 -11.36 33.95
N CYS A 294 -28.06 -10.96 32.68
CA CYS A 294 -28.68 -9.73 32.24
C CYS A 294 -29.31 -9.97 30.89
N THR A 295 -30.54 -9.52 30.71
CA THR A 295 -31.26 -9.87 29.49
C THR A 295 -32.24 -8.80 29.05
N ARG A 296 -32.81 -9.04 27.86
CA ARG A 296 -33.80 -8.15 27.30
C ARG A 296 -35.17 -8.46 27.88
N PRO A 297 -35.79 -7.51 28.57
CA PRO A 297 -37.13 -7.77 29.13
C PRO A 297 -38.25 -7.38 28.17
N ASN A 298 -38.12 -7.73 26.89
CA ASN A 298 -39.02 -7.22 25.87
C ASN A 298 -38.90 -7.98 24.56
N ASN A 299 -40.00 -8.55 24.08
CA ASN A 299 -40.06 -9.05 22.72
C ASN A 299 -40.22 -7.88 21.76
N ASN A 300 -39.26 -7.72 20.84
CA ASN A 300 -39.31 -6.59 19.92
C ASN A 300 -38.93 -7.01 18.52
N THR A 301 -39.39 -6.19 17.56
CA THR A 301 -39.24 -6.45 16.14
C THR A 301 -38.40 -5.34 15.50
N ARG A 302 -38.16 -5.49 14.20
CA ARG A 302 -37.34 -4.56 13.44
C ARG A 302 -38.17 -3.81 12.42
N LYS A 303 -37.92 -2.51 12.30
CA LYS A 303 -38.41 -1.72 11.17
C LYS A 303 -37.22 -1.22 10.39
N SER A 304 -37.30 -1.32 9.08
CA SER A 304 -36.24 -0.84 8.21
C SER A 304 -36.76 0.33 7.39
N ILE A 305 -36.40 1.55 7.79
CA ILE A 305 -36.81 2.74 7.06
C ILE A 305 -35.87 2.86 5.87
N HIS A 306 -36.46 2.83 4.68
CA HIS A 306 -35.69 3.02 3.46
C HIS A 306 -35.22 4.45 3.35
N ILE A 307 -33.92 4.69 3.52
CA ILE A 307 -33.39 6.02 3.27
C ILE A 307 -33.43 6.31 1.79
N GLY A 308 -32.68 5.55 1.02
CA GLY A 308 -32.55 5.76 -0.39
C GLY A 308 -31.72 4.65 -0.96
N PRO A 309 -30.99 4.93 -2.04
CA PRO A 309 -30.39 3.84 -2.82
C PRO A 309 -29.27 3.13 -2.08
N GLY A 310 -29.61 1.98 -1.52
CA GLY A 310 -28.69 1.18 -0.75
C GLY A 310 -28.36 1.69 0.62
N ARG A 311 -29.15 2.62 1.19
CA ARG A 311 -28.83 3.15 2.50
C ARG A 311 -29.71 2.45 3.53
N ALA A 312 -31.04 2.61 3.46
CA ALA A 312 -32.02 1.77 4.15
C ALA A 312 -31.86 1.61 5.66
N PHE A 313 -32.10 2.68 6.43
CA PHE A 313 -31.95 2.72 7.88
C PHE A 313 -32.75 1.65 8.60
N TYR A 314 -32.15 1.06 9.62
CA TYR A 314 -32.78 0.02 10.43
C TYR A 314 -33.11 0.56 11.82
N THR A 315 -34.29 0.21 12.32
CA THR A 315 -34.68 0.52 13.68
C THR A 315 -35.60 -0.57 14.21
N THR A 316 -36.22 -0.29 15.36
CA THR A 316 -37.13 -1.24 15.97
C THR A 316 -38.51 -1.14 15.36
N GLY A 317 -39.14 -2.29 15.14
CA GLY A 317 -40.48 -2.29 14.60
C GLY A 317 -41.54 -2.07 15.66
N GLU A 318 -41.71 -3.03 16.56
CA GLU A 318 -42.80 -2.97 17.53
C GLU A 318 -42.39 -3.64 18.83
N ILE A 319 -43.40 -3.77 19.69
CA ILE A 319 -43.28 -4.31 21.04
C ILE A 319 -44.37 -5.37 21.18
N ILE A 320 -44.04 -6.46 21.86
CA ILE A 320 -45.03 -7.48 22.19
C ILE A 320 -45.20 -7.44 23.71
N GLY A 321 -46.22 -6.76 24.19
CA GLY A 321 -46.45 -6.64 25.62
C GLY A 321 -45.87 -5.38 26.22
N ASP A 322 -45.48 -5.49 27.49
CA ASP A 322 -44.82 -4.39 28.19
C ASP A 322 -43.40 -4.77 28.59
N ILE A 323 -42.62 -3.75 28.98
CA ILE A 323 -41.17 -3.82 29.05
C ILE A 323 -40.73 -3.53 30.49
N ARG A 324 -39.55 -4.04 30.87
CA ARG A 324 -38.94 -3.77 32.17
C ARG A 324 -37.56 -3.15 31.93
N GLN A 325 -36.72 -3.11 32.96
CA GLN A 325 -35.45 -2.38 32.87
C GLN A 325 -34.25 -3.30 32.91
N ALA A 326 -34.37 -4.52 32.35
CA ALA A 326 -33.26 -5.43 32.05
C ALA A 326 -32.47 -5.80 33.30
N HIS A 327 -33.20 -6.23 34.32
CA HIS A 327 -32.63 -6.33 35.65
C HIS A 327 -31.70 -7.52 35.78
N CYS A 328 -30.81 -7.45 36.75
CA CYS A 328 -29.71 -8.40 36.87
C CYS A 328 -29.57 -8.87 38.31
N ASN A 329 -28.89 -9.99 38.49
CA ASN A 329 -28.74 -10.64 39.78
C ASN A 329 -27.26 -10.81 40.08
N ILE A 330 -26.89 -10.66 41.35
CA ILE A 330 -25.48 -10.58 41.73
C ILE A 330 -25.07 -11.63 42.74
N SER A 331 -26.02 -12.33 43.38
CA SER A 331 -25.81 -13.10 44.61
C SER A 331 -25.24 -12.19 45.69
N ARG A 332 -26.10 -11.30 46.20
CA ARG A 332 -25.81 -10.33 47.26
C ARG A 332 -25.01 -10.90 48.43
N ALA A 333 -25.26 -12.16 48.81
CA ALA A 333 -24.47 -12.79 49.85
C ALA A 333 -23.03 -13.02 49.42
N LYS A 334 -22.80 -13.38 48.15
CA LYS A 334 -21.44 -13.38 47.66
C LYS A 334 -20.92 -11.96 47.55
N TRP A 335 -21.80 -11.03 47.15
CA TRP A 335 -21.42 -9.63 47.15
C TRP A 335 -21.20 -9.13 48.56
N ASN A 336 -21.90 -9.71 49.54
CA ASN A 336 -21.52 -9.51 50.93
C ASN A 336 -20.15 -10.09 51.20
N ASP A 337 -19.86 -11.26 50.62
CA ASP A 337 -18.60 -11.94 50.91
C ASP A 337 -17.41 -11.23 50.30
N THR A 338 -17.56 -10.75 49.06
CA THR A 338 -16.44 -10.16 48.32
C THR A 338 -15.92 -8.91 49.02
N LEU A 339 -16.84 -8.09 49.52
CA LEU A 339 -16.44 -6.84 50.13
C LEU A 339 -15.74 -7.08 51.46
N LYS A 340 -16.05 -8.20 52.12
CA LYS A 340 -15.33 -8.58 53.32
C LYS A 340 -13.88 -8.92 53.00
N GLN A 341 -13.65 -9.48 51.82
CA GLN A 341 -12.32 -9.99 51.48
C GLN A 341 -11.38 -8.85 51.13
N ILE A 342 -11.91 -7.78 50.55
CA ILE A 342 -11.03 -6.80 49.92
C ILE A 342 -10.51 -5.78 50.90
N VAL A 343 -11.28 -5.50 51.96
CA VAL A 343 -10.88 -4.48 52.92
C VAL A 343 -9.77 -5.04 53.80
N ILE A 344 -9.63 -6.37 53.81
CA ILE A 344 -8.51 -7.04 54.46
C ILE A 344 -7.19 -6.52 53.91
N LYS A 345 -6.94 -6.73 52.62
CA LYS A 345 -5.70 -6.29 51.99
C LYS A 345 -5.59 -4.77 51.96
N LEU A 346 -6.74 -4.10 51.91
CA LEU A 346 -6.75 -2.65 52.01
C LEU A 346 -6.29 -2.15 53.36
N ARG A 347 -6.81 -2.74 54.44
CA ARG A 347 -6.33 -2.37 55.76
C ARG A 347 -4.98 -3.00 56.06
N GLU A 348 -4.58 -4.01 55.29
CA GLU A 348 -3.19 -4.47 55.32
C GLU A 348 -2.26 -3.39 54.78
N GLN A 349 -2.74 -2.59 53.84
CA GLN A 349 -1.90 -1.53 53.31
C GLN A 349 -1.94 -0.29 54.19
N PHE A 350 -3.15 0.07 54.65
CA PHE A 350 -3.34 1.24 55.54
C PHE A 350 -4.28 0.84 56.68
N GLU A 351 -3.72 0.59 57.87
CA GLU A 351 -4.55 0.14 59.03
C GLU A 351 -5.22 1.34 59.71
N ASN A 352 -6.30 1.10 60.46
CA ASN A 352 -7.01 2.19 61.21
C ASN A 352 -7.34 3.35 60.27
N LYS A 353 -8.06 3.07 59.17
CA LYS A 353 -8.37 4.13 58.18
C LYS A 353 -9.87 4.16 57.89
N THR A 354 -10.67 3.45 58.70
CA THR A 354 -12.16 3.42 58.58
C THR A 354 -12.62 3.71 57.14
N ILE A 355 -12.48 2.73 56.23
CA ILE A 355 -12.83 2.96 54.84
C ILE A 355 -14.34 2.86 54.67
N VAL A 356 -14.92 3.87 54.02
CA VAL A 356 -16.35 3.95 53.73
C VAL A 356 -16.54 4.01 52.22
N PHE A 357 -17.56 3.31 51.72
CA PHE A 357 -17.91 3.39 50.31
C PHE A 357 -18.81 4.58 50.05
N ASN A 358 -18.54 5.24 48.93
CA ASN A 358 -19.35 6.35 48.46
C ASN A 358 -19.51 6.16 46.97
N HIS A 359 -20.56 6.76 46.42
CA HIS A 359 -20.71 6.80 44.99
C HIS A 359 -19.89 7.94 44.41
N SER A 360 -19.82 7.98 43.09
CA SER A 360 -19.21 9.10 42.42
C SER A 360 -20.17 10.29 42.43
N SER A 361 -19.61 11.47 42.21
CA SER A 361 -20.40 12.66 41.98
C SER A 361 -21.06 12.59 40.61
N GLY A 362 -22.06 13.43 40.39
CA GLY A 362 -22.67 13.56 39.09
C GLY A 362 -21.70 14.09 38.06
N GLY A 363 -21.26 13.23 37.15
CA GLY A 363 -20.26 13.60 36.17
C GLY A 363 -20.57 13.08 34.78
N ASP A 364 -19.64 12.33 34.21
CA ASP A 364 -19.81 11.87 32.84
C ASP A 364 -20.49 10.52 32.81
N PRO A 365 -21.47 10.30 31.91
CA PRO A 365 -22.24 9.05 31.93
C PRO A 365 -21.45 7.81 31.58
N GLU A 366 -20.37 7.95 30.82
CA GLU A 366 -19.45 6.82 30.65
C GLU A 366 -18.82 6.46 31.98
N ILE A 367 -18.54 7.47 32.80
CA ILE A 367 -17.82 7.22 34.04
C ILE A 367 -18.77 6.83 35.15
N VAL A 368 -19.86 7.58 35.32
CA VAL A 368 -20.68 7.45 36.51
C VAL A 368 -21.57 6.21 36.43
N MET A 369 -21.71 5.65 35.24
CA MET A 369 -22.58 4.50 35.08
C MET A 369 -21.74 3.31 34.66
N HIS A 370 -22.26 2.12 34.88
CA HIS A 370 -21.63 0.92 34.38
C HIS A 370 -21.89 0.76 32.90
N SER A 371 -20.92 1.12 32.07
CA SER A 371 -21.01 0.75 30.68
C SER A 371 -20.85 -0.74 30.54
N PHE A 372 -21.62 -1.33 29.62
CA PHE A 372 -21.56 -2.76 29.44
C PHE A 372 -22.09 -3.15 28.07
N ASN A 373 -21.35 -4.06 27.44
CA ASN A 373 -21.79 -4.72 26.22
C ASN A 373 -21.86 -6.21 26.48
N CYS A 374 -22.87 -6.85 25.89
CA CYS A 374 -22.85 -8.28 25.67
C CYS A 374 -23.80 -8.62 24.53
N GLY A 375 -23.24 -8.99 23.38
CA GLY A 375 -24.04 -9.38 22.24
C GLY A 375 -24.89 -8.24 21.71
N GLY A 376 -24.25 -7.26 21.09
CA GLY A 376 -25.04 -6.20 20.49
C GLY A 376 -25.16 -4.97 21.33
N GLU A 377 -26.29 -4.83 22.01
CA GLU A 377 -26.65 -3.55 22.60
C GLU A 377 -25.83 -3.23 23.84
N PHE A 378 -26.11 -2.06 24.40
CA PHE A 378 -25.33 -1.49 25.47
C PHE A 378 -26.18 -1.29 26.72
N PHE A 379 -25.49 -1.32 27.85
CA PHE A 379 -26.15 -1.51 29.12
C PHE A 379 -25.57 -0.55 30.14
N TYR A 380 -26.45 0.04 30.94
CA TYR A 380 -26.09 1.15 31.84
C TYR A 380 -26.89 1.04 33.12
N CYS A 381 -26.31 0.37 34.13
CA CYS A 381 -27.02 0.01 35.34
C CYS A 381 -26.52 0.86 36.50
N ASN A 382 -27.42 1.21 37.41
CA ASN A 382 -27.08 2.14 38.48
C ASN A 382 -26.30 1.42 39.57
N SER A 383 -25.12 1.97 39.89
CA SER A 383 -24.28 1.45 40.96
C SER A 383 -24.59 2.08 42.30
N THR A 384 -25.68 2.83 42.40
CA THR A 384 -26.05 3.47 43.65
C THR A 384 -26.34 2.44 44.73
N GLN A 385 -26.83 1.27 44.33
CA GLN A 385 -27.15 0.22 45.29
C GLN A 385 -25.93 -0.61 45.69
N LEU A 386 -24.73 -0.07 45.54
CA LEU A 386 -23.57 -0.78 46.05
C LEU A 386 -22.95 -0.12 47.28
N PHE A 387 -23.02 1.20 47.37
CA PHE A 387 -22.11 1.94 48.24
C PHE A 387 -22.82 2.65 49.38
N ASN A 388 -24.09 2.32 49.62
CA ASN A 388 -24.72 2.61 50.91
C ASN A 388 -23.99 1.87 52.02
N SER A 389 -23.40 0.72 51.69
CA SER A 389 -22.46 -0.01 52.54
C SER A 389 -21.28 0.86 52.91
N THR A 390 -20.72 0.62 54.09
CA THR A 390 -19.52 1.34 54.54
C THR A 390 -18.35 0.41 54.81
N TRP A 391 -18.54 -0.59 55.68
CA TRP A 391 -17.53 -1.58 56.10
C TRP A 391 -16.31 -0.93 56.72
N ASN A 392 -16.52 -0.37 57.92
CA ASN A 392 -15.39 0.12 58.71
C ASN A 392 -14.78 -0.98 59.56
N ASN A 393 -15.56 -1.54 60.49
CA ASN A 393 -15.08 -2.61 61.35
C ASN A 393 -16.11 -3.71 61.51
N ASN A 394 -15.67 -4.87 61.99
CA ASN A 394 -16.58 -5.97 62.32
C ASN A 394 -16.69 -6.02 63.83
N ASN A 404 -28.38 -12.43 49.33
CA ASN A 404 -29.43 -13.02 48.51
C ASN A 404 -29.45 -12.44 47.10
N THR A 405 -30.62 -12.04 46.62
CA THR A 405 -30.74 -11.49 45.28
C THR A 405 -30.43 -10.00 45.27
N ILE A 406 -30.61 -9.38 44.10
CA ILE A 406 -30.37 -7.96 43.91
C ILE A 406 -31.22 -7.49 42.72
N THR A 407 -31.34 -6.17 42.58
CA THR A 407 -32.00 -5.55 41.44
C THR A 407 -31.05 -4.56 40.77
N LEU A 408 -31.02 -4.56 39.44
CA LEU A 408 -30.26 -3.58 38.67
C LEU A 408 -31.19 -2.84 37.71
N PRO A 409 -31.60 -1.62 38.04
CA PRO A 409 -32.21 -0.77 37.01
C PRO A 409 -31.17 -0.35 36.01
N CYS A 410 -31.43 -0.64 34.74
CA CYS A 410 -30.41 -0.52 33.70
C CYS A 410 -30.89 0.35 32.55
N ARG A 411 -29.95 0.98 31.86
CA ARG A 411 -30.27 1.88 30.77
C ARG A 411 -29.53 1.50 29.49
N ILE A 412 -30.06 1.99 28.36
CA ILE A 412 -29.56 1.63 27.04
C ILE A 412 -29.41 2.90 26.22
N LYS A 413 -28.18 3.31 25.96
CA LYS A 413 -27.95 4.41 25.03
C LYS A 413 -27.88 3.88 23.61
N GLN A 414 -28.73 4.43 22.72
CA GLN A 414 -28.66 4.04 21.32
C GLN A 414 -27.44 4.68 20.67
N ILE A 415 -27.35 6.00 20.75
CA ILE A 415 -26.23 6.73 20.17
C ILE A 415 -25.02 6.57 21.07
N ILE A 416 -23.86 6.42 20.45
CA ILE A 416 -22.60 6.32 21.17
C ILE A 416 -21.66 7.36 20.59
N ASN A 417 -21.33 8.35 21.40
CA ASN A 417 -20.45 9.41 20.94
C ASN A 417 -19.01 8.94 21.04
N MET A 418 -18.09 9.79 20.58
CA MET A 418 -16.67 9.46 20.62
C MET A 418 -16.18 9.40 22.05
N TRP A 419 -15.69 8.22 22.41
CA TRP A 419 -14.99 8.03 23.67
C TRP A 419 -13.74 8.88 23.77
N GLN A 420 -12.95 8.91 22.71
CA GLN A 420 -11.69 9.64 22.79
C GLN A 420 -11.85 11.14 22.93
N GLU A 421 -12.24 11.85 21.88
CA GLU A 421 -12.44 13.27 22.10
C GLU A 421 -13.78 13.83 21.67
N VAL A 422 -14.00 14.08 20.38
CA VAL A 422 -15.31 14.59 19.86
C VAL A 422 -15.60 14.00 18.48
N GLY A 423 -14.77 14.32 17.47
CA GLY A 423 -14.90 13.81 16.08
C GLY A 423 -16.18 13.10 15.64
N LYS A 424 -16.38 11.82 15.99
CA LYS A 424 -17.53 11.06 15.42
C LYS A 424 -18.48 10.46 16.45
N ALA A 425 -19.54 9.77 15.97
CA ALA A 425 -20.53 9.11 16.81
C ALA A 425 -21.12 7.92 16.06
N MET A 426 -21.71 7.01 16.83
CA MET A 426 -22.19 5.73 16.32
C MET A 426 -23.63 5.53 16.75
N TYR A 427 -24.48 5.12 15.80
CA TYR A 427 -25.81 4.67 16.15
C TYR A 427 -25.86 3.15 16.22
N ALA A 428 -26.58 2.64 17.21
CA ALA A 428 -26.81 1.21 17.35
C ALA A 428 -28.22 0.87 16.92
N PRO A 429 -28.40 0.16 15.80
CA PRO A 429 -29.71 -0.38 15.49
C PRO A 429 -30.04 -1.55 16.41
N PRO A 430 -31.31 -1.79 16.70
CA PRO A 430 -31.64 -2.84 17.65
C PRO A 430 -31.54 -4.23 17.07
N ILE A 431 -31.83 -5.24 17.88
CA ILE A 431 -31.82 -6.63 17.46
C ILE A 431 -33.20 -7.21 17.76
N ARG A 432 -33.73 -8.00 16.84
CA ARG A 432 -35.01 -8.66 17.02
C ARG A 432 -34.93 -9.65 18.18
N GLY A 433 -36.00 -9.74 18.95
CA GLY A 433 -36.14 -10.79 19.94
C GLY A 433 -35.29 -10.57 21.18
N GLN A 434 -35.60 -11.34 22.21
CA GLN A 434 -34.92 -11.17 23.48
C GLN A 434 -33.53 -11.79 23.44
N ILE A 435 -32.62 -11.21 24.21
CA ILE A 435 -31.22 -11.60 24.24
C ILE A 435 -30.78 -11.72 25.69
N ARG A 436 -30.26 -12.88 26.07
CA ARG A 436 -29.75 -13.12 27.41
C ARG A 436 -28.24 -12.96 27.45
N CYS A 437 -27.72 -12.61 28.62
CA CYS A 437 -26.29 -12.63 28.85
C CYS A 437 -26.01 -12.80 30.33
N SER A 438 -25.30 -13.88 30.67
CA SER A 438 -24.75 -14.06 31.99
C SER A 438 -23.24 -14.19 31.85
N SER A 439 -22.49 -13.50 32.68
CA SER A 439 -21.06 -13.45 32.52
C SER A 439 -20.37 -13.24 33.86
N ASN A 440 -19.24 -13.93 34.02
CA ASN A 440 -18.48 -13.87 35.26
C ASN A 440 -17.79 -12.52 35.37
N ILE A 441 -17.67 -12.01 36.59
CA ILE A 441 -16.99 -10.75 36.85
C ILE A 441 -15.60 -11.05 37.42
N THR A 442 -14.57 -10.48 36.79
CA THR A 442 -13.22 -10.66 37.29
C THR A 442 -12.60 -9.26 37.44
N GLY A 443 -12.91 -8.60 38.54
CA GLY A 443 -12.25 -7.34 38.85
C GLY A 443 -13.08 -6.08 38.79
N LEU A 444 -12.47 -4.96 39.18
CA LEU A 444 -13.16 -3.68 39.28
C LEU A 444 -12.12 -2.56 39.19
N LEU A 445 -12.58 -1.37 38.82
CA LEU A 445 -11.76 -0.17 38.83
C LEU A 445 -12.41 0.88 39.73
N LEU A 446 -11.59 1.56 40.53
CA LEU A 446 -12.11 2.44 41.55
C LEU A 446 -11.17 3.64 41.70
N THR A 447 -11.60 4.64 42.47
CA THR A 447 -10.77 5.79 42.82
C THR A 447 -10.87 6.11 44.31
N ARG A 448 -10.01 7.03 44.72
CA ARG A 448 -9.90 7.51 46.09
C ARG A 448 -10.19 9.00 46.12
N ASP A 449 -11.11 9.41 46.99
CA ASP A 449 -11.41 10.84 47.13
C ASP A 449 -10.28 11.56 47.84
N GLY A 450 -10.31 12.89 47.76
CA GLY A 450 -9.20 13.71 48.23
C GLY A 450 -9.53 14.72 49.32
N GLY A 451 -10.80 14.83 49.70
CA GLY A 451 -11.18 15.76 50.75
C GLY A 451 -10.66 15.32 52.10
N ILE A 452 -10.16 16.28 52.87
CA ILE A 452 -9.49 16.00 54.13
C ILE A 452 -10.52 15.64 55.20
N ASN A 453 -10.28 14.51 55.86
CA ASN A 453 -11.12 14.08 56.97
C ASN A 453 -10.40 14.25 58.28
N GLU A 454 -11.08 14.83 59.26
CA GLU A 454 -10.59 14.74 60.63
C GLU A 454 -11.08 13.48 61.31
N ASN A 455 -12.03 12.76 60.70
CA ASN A 455 -12.28 11.39 61.08
C ASN A 455 -11.24 10.44 60.50
N GLY A 456 -10.46 10.89 59.53
CA GLY A 456 -9.45 10.06 58.91
C GLY A 456 -9.97 8.98 58.01
N THR A 457 -11.24 9.07 57.59
CA THR A 457 -11.83 8.05 56.74
C THR A 457 -11.30 8.15 55.32
N GLU A 458 -11.03 7.01 54.71
CA GLU A 458 -10.64 6.97 53.30
C GLU A 458 -11.89 6.71 52.47
N ILE A 459 -12.38 7.76 51.82
CA ILE A 459 -13.63 7.69 51.07
C ILE A 459 -13.31 7.27 49.65
N PHE A 460 -13.95 6.20 49.20
CA PHE A 460 -13.76 5.70 47.85
C PHE A 460 -15.02 5.91 47.04
N ARG A 461 -14.84 6.17 45.75
CA ARG A 461 -15.94 6.32 44.83
C ARG A 461 -15.56 5.68 43.50
N PRO A 462 -16.57 5.30 42.66
CA PRO A 462 -16.29 4.62 41.38
C PRO A 462 -15.31 5.31 40.44
N GLY A 463 -14.27 4.59 40.02
CA GLY A 463 -13.33 5.06 39.05
C GLY A 463 -13.41 4.32 37.73
N GLY A 464 -13.30 5.07 36.64
CA GLY A 464 -13.40 4.51 35.31
C GLY A 464 -13.06 5.56 34.27
N GLY A 465 -13.44 5.25 33.03
CA GLY A 465 -13.31 6.21 31.96
C GLY A 465 -12.00 6.17 31.19
N ASP A 466 -11.47 4.99 30.91
CA ASP A 466 -10.29 4.87 30.06
C ASP A 466 -10.34 3.51 29.39
N MET A 467 -10.37 3.51 28.07
CA MET A 467 -10.35 2.24 27.34
C MET A 467 -8.98 1.58 27.43
N ARG A 468 -7.95 2.40 27.65
CA ARG A 468 -6.57 1.94 27.77
C ARG A 468 -6.38 0.98 28.91
N ASP A 469 -7.02 1.24 30.04
CA ASP A 469 -6.70 0.49 31.23
C ASP A 469 -7.36 -0.88 31.23
N ASN A 470 -8.35 -1.07 30.36
CA ASN A 470 -8.82 -2.41 30.04
C ASN A 470 -7.74 -3.25 29.41
N TRP A 471 -6.85 -2.65 28.70
CA TRP A 471 -5.71 -3.41 28.21
C TRP A 471 -4.64 -3.54 29.27
N ARG A 472 -4.50 -2.54 30.13
CA ARG A 472 -3.58 -2.63 31.26
C ARG A 472 -4.06 -3.65 32.26
N SER A 473 -5.36 -3.91 32.25
CA SER A 473 -5.96 -4.87 33.18
C SER A 473 -5.40 -6.26 32.99
N GLU A 474 -5.05 -6.61 31.76
CA GLU A 474 -4.57 -7.94 31.47
C GLU A 474 -3.05 -8.00 31.38
N LEU A 475 -2.40 -6.92 30.99
CA LEU A 475 -1.00 -7.03 30.62
C LEU A 475 -0.05 -6.85 31.78
N TYR A 476 -0.49 -7.16 33.00
CA TYR A 476 0.36 -7.06 34.19
C TYR A 476 1.55 -8.01 34.12
N LYS A 477 1.39 -9.13 33.44
CA LYS A 477 2.37 -10.19 33.46
C LYS A 477 3.29 -10.14 32.25
N TYR A 478 2.98 -9.26 31.30
CA TYR A 478 3.38 -9.46 29.92
C TYR A 478 4.36 -8.37 29.49
N LYS A 479 5.51 -8.78 28.99
CA LYS A 479 6.47 -7.87 28.40
C LYS A 479 7.16 -8.51 27.22
N VAL A 480 7.39 -7.72 26.18
CA VAL A 480 8.05 -8.18 24.97
C VAL A 480 9.36 -7.43 24.80
N VAL A 481 10.46 -8.16 24.91
CA VAL A 481 11.79 -7.59 24.78
C VAL A 481 12.42 -8.16 23.53
N LYS A 482 13.29 -7.39 22.89
CA LYS A 482 14.07 -7.93 21.79
C LYS A 482 15.09 -8.90 22.32
N ILE A 483 15.18 -10.04 21.64
CA ILE A 483 16.27 -10.97 21.89
C ILE A 483 17.09 -11.02 20.62
N GLU A 484 18.38 -10.73 20.72
CA GLU A 484 19.26 -10.62 19.57
C GLU A 484 20.52 -11.44 19.81
N PRO A 485 20.86 -12.36 18.94
CA PRO A 485 21.97 -13.26 19.23
C PRO A 485 23.32 -12.69 18.86
N LEU A 486 23.93 -11.93 19.77
CA LEU A 486 25.33 -11.54 19.60
C LEU A 486 25.92 -11.23 20.96
N GLY A 487 27.14 -11.69 21.19
CA GLY A 487 27.86 -11.32 22.40
C GLY A 487 29.22 -11.98 22.52
N VAL A 488 30.24 -11.18 22.81
CA VAL A 488 31.63 -11.63 22.74
C VAL A 488 32.16 -11.82 24.15
N ALA A 489 33.28 -12.52 24.26
CA ALA A 489 33.87 -12.81 25.55
C ALA A 489 35.35 -13.11 25.38
N PRO A 490 36.21 -12.47 26.17
CA PRO A 490 37.61 -12.91 26.26
C PRO A 490 37.66 -14.27 26.93
N THR A 491 38.08 -15.29 26.20
CA THR A 491 38.02 -16.65 26.73
C THR A 491 39.44 -17.23 26.75
N LYS A 492 39.80 -17.85 27.87
CA LYS A 492 41.13 -18.42 28.14
C LYS A 492 41.29 -19.83 27.54
N ALA A 493 40.55 -20.14 26.47
CA ALA A 493 40.57 -21.48 25.90
C ALA A 493 41.87 -21.73 25.15
N LYS A 494 41.99 -22.94 24.62
CA LYS A 494 43.10 -23.30 23.76
C LYS A 494 43.04 -22.49 22.47
N ARG A 495 43.95 -21.55 22.33
CA ARG A 495 43.86 -20.56 21.27
C ARG A 495 45.16 -20.47 20.49
N ALA A 509 18.24 -32.51 29.48
CA ALA A 509 18.78 -31.18 29.29
C ALA A 509 17.66 -30.15 29.26
N VAL A 510 17.98 -28.91 29.64
CA VAL A 510 16.98 -27.86 29.62
C VAL A 510 16.83 -27.33 28.20
N PHE A 511 15.60 -27.03 27.82
CA PHE A 511 15.29 -26.56 26.48
C PHE A 511 14.80 -25.11 26.58
N LEU A 512 15.46 -24.22 25.84
CA LEU A 512 15.31 -22.77 25.88
C LEU A 512 15.51 -22.20 27.28
N GLY A 513 16.35 -22.84 28.11
CA GLY A 513 16.74 -22.32 29.40
C GLY A 513 17.81 -21.26 29.28
N PHE A 514 17.41 -20.07 28.81
CA PHE A 514 18.38 -19.05 28.42
C PHE A 514 19.07 -18.45 29.64
N LEU A 515 18.29 -17.78 30.50
CA LEU A 515 18.86 -17.05 31.62
C LEU A 515 18.91 -17.88 32.89
N GLY A 516 18.24 -19.03 32.92
CA GLY A 516 18.58 -20.03 33.90
C GLY A 516 20.01 -20.48 33.74
N ALA A 517 20.46 -20.65 32.49
CA ALA A 517 21.88 -20.74 32.21
C ALA A 517 22.55 -19.42 32.51
N ALA A 518 23.80 -19.48 32.95
CA ALA A 518 24.47 -18.29 33.45
C ALA A 518 25.50 -17.76 32.47
N GLY A 519 25.73 -16.44 32.53
CA GLY A 519 26.95 -15.90 31.97
C GLY A 519 28.18 -16.30 32.76
N SER A 520 27.98 -16.69 34.02
CA SER A 520 28.97 -17.37 34.83
C SER A 520 29.48 -18.65 34.18
N THR A 521 28.56 -19.49 33.71
CA THR A 521 29.01 -20.70 33.04
C THR A 521 29.35 -20.44 31.58
N MET A 522 28.44 -19.78 30.83
CA MET A 522 28.45 -19.72 29.37
C MET A 522 28.68 -21.09 28.76
N GLY A 523 28.01 -22.11 29.29
CA GLY A 523 28.44 -23.48 29.12
C GLY A 523 28.32 -24.01 27.72
N ALA A 524 28.82 -25.24 27.54
CA ALA A 524 28.66 -25.95 26.28
C ALA A 524 27.18 -26.24 26.01
N ALA A 525 26.43 -26.50 27.08
CA ALA A 525 24.98 -26.60 26.95
C ALA A 525 24.36 -25.25 26.61
N SER A 526 24.97 -24.15 27.10
CA SER A 526 24.47 -22.83 26.76
C SER A 526 24.72 -22.52 25.29
N MET A 527 25.75 -23.14 24.70
CA MET A 527 25.96 -23.04 23.27
C MET A 527 24.84 -23.72 22.50
N THR A 528 24.55 -24.97 22.87
CA THR A 528 23.55 -25.77 22.16
C THR A 528 22.14 -25.26 22.41
N LEU A 529 21.95 -24.50 23.49
CA LEU A 529 20.64 -23.96 23.77
C LEU A 529 20.36 -22.74 22.90
N THR A 530 21.41 -22.11 22.40
CA THR A 530 21.24 -21.06 21.41
C THR A 530 21.20 -21.65 20.01
N VAL A 531 21.73 -22.87 19.85
CA VAL A 531 21.44 -23.64 18.65
C VAL A 531 19.95 -23.92 18.57
N GLN A 532 19.32 -24.18 19.72
CA GLN A 532 17.87 -24.23 19.79
C GLN A 532 17.26 -22.87 19.42
N ALA A 533 17.94 -21.79 19.78
CA ALA A 533 17.40 -20.47 19.47
C ALA A 533 17.57 -20.13 17.99
N ARG A 534 18.59 -20.70 17.34
CA ARG A 534 18.70 -20.47 15.91
C ARG A 534 17.89 -21.48 15.12
N LEU A 535 17.47 -22.57 15.77
CA LEU A 535 16.37 -23.35 15.23
C LEU A 535 15.08 -22.56 15.22
N LEU A 536 14.93 -21.63 16.18
CA LEU A 536 13.78 -20.75 16.15
C LEU A 536 13.91 -19.70 15.06
N LEU A 537 15.13 -19.42 14.60
CA LEU A 537 15.32 -18.32 13.66
C LEU A 537 14.84 -18.67 12.26
N SER A 538 14.83 -19.94 11.91
CA SER A 538 14.36 -20.34 10.59
C SER A 538 12.87 -20.67 10.62
N GLY A 539 12.15 -20.25 9.59
CA GLY A 539 10.72 -20.43 9.57
C GLY A 539 10.16 -21.19 8.37
N ILE A 540 9.44 -22.28 8.64
CA ILE A 540 8.67 -23.01 7.64
C ILE A 540 7.30 -23.19 8.29
N VAL A 541 6.44 -23.99 7.67
CA VAL A 541 5.12 -24.41 8.14
C VAL A 541 5.18 -24.96 9.55
N GLN A 542 4.40 -24.34 10.45
CA GLN A 542 4.05 -24.74 11.82
C GLN A 542 5.20 -24.50 12.79
N GLN A 543 6.39 -24.19 12.28
CA GLN A 543 7.36 -23.51 13.12
C GLN A 543 6.98 -22.04 13.22
N GLN A 544 6.28 -21.54 12.22
CA GLN A 544 5.92 -20.14 12.11
C GLN A 544 4.57 -20.00 11.43
N ASN A 545 3.70 -19.19 12.02
CA ASN A 545 2.34 -19.05 11.51
C ASN A 545 2.30 -18.14 10.29
N ASN A 546 3.24 -17.21 10.19
CA ASN A 546 3.34 -16.44 8.95
C ASN A 546 3.94 -17.29 7.85
N LEU A 547 5.01 -18.03 8.17
CA LEU A 547 5.59 -18.99 7.25
C LEU A 547 4.87 -20.34 7.31
N LEU A 548 3.67 -20.38 7.88
CA LEU A 548 2.72 -21.44 7.59
C LEU A 548 2.34 -21.25 6.14
N ARG A 549 2.94 -22.03 5.26
CA ARG A 549 2.86 -21.75 3.84
C ARG A 549 1.53 -22.19 3.24
N ALA A 550 0.76 -22.98 3.99
CA ALA A 550 -0.59 -23.29 3.53
C ALA A 550 -1.48 -22.06 3.59
N ILE A 551 -1.33 -21.25 4.64
CA ILE A 551 -2.12 -20.02 4.73
C ILE A 551 -1.65 -19.01 3.69
N GLU A 552 -0.36 -19.09 3.30
CA GLU A 552 0.19 -18.17 2.31
C GLU A 552 -0.49 -18.30 0.96
N ALA A 553 -0.87 -19.52 0.58
CA ALA A 553 -1.73 -19.73 -0.57
C ALA A 553 -3.16 -19.29 -0.29
N GLN A 554 -3.62 -19.48 0.96
CA GLN A 554 -4.95 -19.01 1.34
C GLN A 554 -5.00 -17.49 1.37
N GLN A 555 -3.91 -16.85 1.74
CA GLN A 555 -3.83 -15.39 1.81
C GLN A 555 -3.70 -14.82 0.40
N ARG A 556 -4.80 -14.92 -0.35
CA ARG A 556 -4.92 -14.20 -1.60
C ARG A 556 -5.53 -12.83 -1.40
N MET A 557 -5.95 -12.53 -0.17
CA MET A 557 -6.81 -11.40 0.08
C MET A 557 -6.04 -10.09 -0.01
N LEU A 558 -6.80 -9.00 -0.01
CA LEU A 558 -6.19 -7.67 0.05
C LEU A 558 -5.54 -7.46 1.40
N GLN A 559 -4.45 -6.71 1.41
CA GLN A 559 -3.73 -6.45 2.63
C GLN A 559 -3.93 -5.03 3.14
N LEU A 560 -4.95 -4.35 2.62
CA LEU A 560 -5.27 -3.00 3.09
C LEU A 560 -5.89 -3.02 4.48
N THR A 561 -6.34 -4.18 4.94
CA THR A 561 -6.72 -4.33 6.34
C THR A 561 -5.51 -4.11 7.23
N VAL A 562 -5.76 -3.55 8.41
CA VAL A 562 -4.74 -3.26 9.40
C VAL A 562 -3.93 -4.49 9.74
N TRP A 563 -4.60 -5.62 9.90
CA TRP A 563 -3.95 -6.91 10.07
C TRP A 563 -3.13 -7.33 8.87
N GLY A 564 -3.64 -7.09 7.66
CA GLY A 564 -2.84 -7.36 6.47
C GLY A 564 -1.64 -6.43 6.39
N ILE A 565 -1.78 -5.22 6.92
CA ILE A 565 -0.64 -4.31 7.02
C ILE A 565 0.37 -4.86 8.02
N LYS A 566 -0.13 -5.49 9.09
CA LYS A 566 0.77 -6.11 10.07
C LYS A 566 1.54 -7.26 9.46
N GLN A 567 0.92 -7.96 8.50
CA GLN A 567 1.58 -9.07 7.83
C GLN A 567 2.82 -8.59 7.10
N LEU A 568 2.63 -7.66 6.17
CA LEU A 568 3.72 -7.11 5.39
C LEU A 568 4.66 -6.29 6.26
N GLN A 569 4.17 -5.81 7.40
CA GLN A 569 5.07 -5.22 8.38
C GLN A 569 6.06 -6.25 8.89
N ALA A 570 5.54 -7.27 9.56
CA ALA A 570 6.37 -8.08 10.46
C ALA A 570 7.26 -9.03 9.69
N ARG A 571 6.83 -9.41 8.48
CA ARG A 571 7.55 -10.44 7.76
C ARG A 571 8.90 -9.96 7.29
N VAL A 572 8.95 -8.77 6.69
CA VAL A 572 10.18 -8.30 6.07
C VAL A 572 11.22 -7.95 7.12
N LEU A 573 10.78 -7.40 8.25
CA LEU A 573 11.73 -7.04 9.30
C LEU A 573 12.29 -8.28 9.96
N ALA A 574 11.49 -9.35 10.01
CA ALA A 574 12.02 -10.63 10.46
C ALA A 574 13.07 -11.13 9.47
N VAL A 575 12.86 -10.87 8.20
CA VAL A 575 13.82 -11.31 7.19
C VAL A 575 15.09 -10.49 7.28
N GLU A 576 14.97 -9.17 7.28
CA GLU A 576 16.17 -8.36 7.21
C GLU A 576 16.94 -8.35 8.51
N ARG A 577 16.32 -8.69 9.64
CA ARG A 577 17.12 -9.11 10.79
C ARG A 577 17.91 -10.34 10.43
N TYR A 578 17.21 -11.38 9.99
CA TYR A 578 17.82 -12.66 9.67
C TYR A 578 18.79 -12.50 8.50
N LEU A 579 18.50 -11.56 7.61
CA LEU A 579 19.51 -11.13 6.65
C LEU A 579 20.66 -10.42 7.33
N GLY A 580 20.33 -9.42 8.16
CA GLY A 580 21.38 -8.63 8.79
C GLY A 580 22.17 -9.45 9.79
N ASP A 581 21.55 -10.50 10.33
CA ASP A 581 22.30 -11.53 11.00
C ASP A 581 23.22 -12.24 10.01
N GLN A 582 22.65 -12.71 8.90
CA GLN A 582 23.44 -13.48 7.96
C GLN A 582 24.41 -12.62 7.19
N GLN A 583 24.16 -11.31 7.13
CA GLN A 583 25.16 -10.42 6.56
C GLN A 583 26.41 -10.38 7.43
N LEU A 584 26.21 -10.50 8.74
CA LEU A 584 27.34 -10.31 9.64
C LEU A 584 27.93 -11.63 10.07
N LEU A 585 27.45 -12.73 9.50
CA LEU A 585 28.05 -14.03 9.81
C LEU A 585 29.42 -14.16 9.18
N GLY A 586 29.52 -13.93 7.88
CA GLY A 586 30.76 -14.20 7.19
C GLY A 586 31.81 -13.13 7.45
N ILE A 587 31.39 -11.87 7.44
CA ILE A 587 32.34 -10.76 7.51
C ILE A 587 32.97 -10.67 8.89
N TRP A 588 32.32 -11.24 9.90
CA TRP A 588 32.91 -11.23 11.23
C TRP A 588 33.73 -12.49 11.49
N GLY A 589 33.09 -13.65 11.35
CA GLY A 589 33.72 -14.86 11.84
C GLY A 589 34.22 -15.84 10.81
N CYS A 590 33.70 -15.73 9.58
CA CYS A 590 34.06 -16.58 8.44
C CYS A 590 33.78 -18.06 8.71
N SER A 591 32.78 -18.34 9.55
CA SER A 591 32.47 -19.71 9.95
C SER A 591 30.97 -19.86 10.13
N GLY A 592 30.50 -21.11 9.98
CA GLY A 592 29.09 -21.38 10.25
C GLY A 592 28.81 -21.62 11.71
N LYS A 593 29.76 -22.21 12.42
CA LYS A 593 29.60 -22.48 13.85
C LYS A 593 30.01 -21.27 14.66
N LEU A 594 29.28 -21.02 15.75
CA LEU A 594 29.37 -19.75 16.47
C LEU A 594 30.65 -19.63 17.29
N ILE A 595 31.25 -20.76 17.67
CA ILE A 595 32.40 -20.70 18.56
C ILE A 595 33.65 -20.39 17.75
N CYS A 596 33.87 -21.12 16.66
CA CYS A 596 35.11 -21.05 15.89
C CYS A 596 35.29 -19.69 15.22
N THR A 597 34.22 -18.91 15.13
CA THR A 597 34.33 -17.49 14.92
C THR A 597 35.11 -16.87 16.06
N THR A 598 36.38 -16.58 15.81
CA THR A 598 37.29 -16.08 16.83
C THR A 598 38.03 -14.89 16.26
N ALA A 599 38.63 -14.09 17.14
CA ALA A 599 39.47 -12.98 16.73
C ALA A 599 40.76 -13.03 17.55
N VAL A 600 41.89 -12.87 16.86
CA VAL A 600 43.18 -12.83 17.55
C VAL A 600 43.40 -11.60 18.43
N PRO A 601 43.27 -10.30 17.94
CA PRO A 601 44.00 -9.19 18.61
C PRO A 601 43.65 -8.91 20.06
N TRP A 602 44.69 -8.72 20.85
CA TRP A 602 44.58 -8.67 22.30
C TRP A 602 44.06 -7.31 22.73
N ASN A 603 42.75 -7.18 22.84
CA ASN A 603 42.13 -6.00 23.40
C ASN A 603 42.40 -5.99 24.89
N ALA A 604 43.53 -5.43 25.29
CA ALA A 604 43.84 -5.28 26.70
C ALA A 604 43.99 -3.80 26.98
N SER A 605 44.60 -3.09 26.04
CA SER A 605 44.87 -1.66 26.23
C SER A 605 43.63 -0.82 26.05
N TRP A 606 42.56 -1.39 25.46
CA TRP A 606 41.36 -0.62 25.25
C TRP A 606 40.07 -1.35 25.62
N SER A 607 40.09 -2.66 25.82
CA SER A 607 38.93 -3.30 26.43
C SER A 607 38.85 -2.97 27.92
N ASN A 608 39.99 -3.06 28.61
CA ASN A 608 40.23 -2.43 29.91
C ASN A 608 39.31 -2.96 31.00
N LYS A 609 39.22 -4.29 31.10
CA LYS A 609 38.33 -4.90 32.08
C LYS A 609 39.18 -5.63 33.12
N SER A 610 39.20 -5.11 34.34
CA SER A 610 39.98 -5.68 35.42
C SER A 610 39.28 -6.92 35.95
N LEU A 611 39.41 -8.03 35.21
CA LEU A 611 38.75 -9.29 35.56
C LEU A 611 39.65 -10.44 35.12
N ASP A 612 39.07 -11.64 35.07
CA ASP A 612 39.80 -12.83 34.67
C ASP A 612 38.78 -13.87 34.22
N ARG A 613 39.28 -14.98 33.71
CA ARG A 613 38.47 -16.17 33.45
C ARG A 613 37.80 -16.67 34.72
N ILE A 614 38.54 -16.65 35.83
CA ILE A 614 37.97 -17.05 37.11
C ILE A 614 36.95 -16.02 37.58
N TRP A 615 37.11 -14.77 37.17
CA TRP A 615 36.02 -13.84 37.30
C TRP A 615 34.89 -14.17 36.36
N ASN A 616 35.22 -14.53 35.11
CA ASN A 616 34.21 -14.90 34.13
C ASN A 616 33.48 -16.18 34.53
N ASN A 617 34.11 -17.04 35.33
CA ASN A 617 33.41 -18.20 35.87
C ASN A 617 32.28 -17.82 36.81
N MET A 618 32.28 -16.60 37.36
CA MET A 618 31.12 -16.06 38.09
C MET A 618 30.81 -14.68 37.50
N THR A 619 30.10 -14.69 36.38
CA THR A 619 29.66 -13.47 35.70
C THR A 619 28.26 -13.61 35.13
N TRP A 620 27.91 -12.68 34.25
CA TRP A 620 26.58 -12.59 33.70
C TRP A 620 26.65 -11.74 32.43
N MET A 621 25.60 -11.84 31.61
CA MET A 621 25.56 -11.13 30.36
C MET A 621 25.29 -9.64 30.53
N GLU A 622 24.77 -9.23 31.69
CA GLU A 622 24.63 -7.81 31.98
C GLU A 622 25.99 -7.16 32.17
N TRP A 623 26.97 -7.93 32.62
CA TRP A 623 28.35 -7.46 32.59
C TRP A 623 28.77 -7.14 31.18
N GLU A 624 28.45 -8.04 30.26
CA GLU A 624 28.69 -7.79 28.84
C GLU A 624 27.86 -6.64 28.33
N ARG A 625 26.68 -6.40 28.92
CA ARG A 625 25.94 -5.19 28.62
C ARG A 625 26.65 -3.94 29.14
N GLU A 626 27.28 -4.04 30.31
CA GLU A 626 28.08 -2.93 30.80
C GLU A 626 29.35 -2.77 29.98
N ILE A 627 29.80 -3.87 29.38
CA ILE A 627 30.94 -3.82 28.47
C ILE A 627 30.55 -3.06 27.19
N ASP A 628 29.26 -3.13 26.83
CA ASP A 628 28.79 -2.49 25.60
C ASP A 628 28.80 -0.98 25.69
N ASN A 629 28.59 -0.43 26.90
CA ASN A 629 28.69 1.01 27.10
C ASN A 629 30.12 1.49 26.87
N TYR A 630 31.08 0.61 27.10
CA TYR A 630 32.48 0.96 26.97
C TYR A 630 33.09 0.49 25.64
N THR A 631 32.59 -0.61 25.06
CA THR A 631 33.29 -1.24 23.95
C THR A 631 32.48 -1.35 22.67
N SER A 632 31.40 -0.57 22.51
CA SER A 632 30.55 -0.69 21.33
C SER A 632 31.30 -0.35 20.06
N GLU A 633 32.24 0.58 20.15
CA GLU A 633 33.09 0.94 19.04
C GLU A 633 34.15 -0.12 18.79
N ILE A 634 34.43 -0.94 19.79
CA ILE A 634 35.57 -1.84 19.68
C ILE A 634 35.21 -3.02 18.79
N TYR A 635 33.92 -3.29 18.63
CA TYR A 635 33.47 -4.26 17.63
C TYR A 635 33.82 -3.80 16.23
N THR A 636 33.52 -2.55 15.93
CA THR A 636 33.96 -1.95 14.68
C THR A 636 35.47 -1.93 14.59
N LEU A 637 36.14 -1.72 15.73
CA LEU A 637 37.59 -1.86 15.79
C LEU A 637 38.00 -3.32 15.62
N ILE A 638 37.20 -4.25 16.14
CA ILE A 638 37.46 -5.65 15.87
C ILE A 638 37.23 -5.95 14.41
N GLU A 639 36.17 -5.39 13.83
CA GLU A 639 35.79 -5.75 12.47
C GLU A 639 36.79 -5.21 11.46
N GLU A 640 37.32 -4.00 11.66
CA GLU A 640 38.40 -3.56 10.79
C GLU A 640 39.66 -4.37 11.03
N SER A 641 39.89 -4.80 12.27
CA SER A 641 41.00 -5.71 12.50
C SER A 641 40.66 -7.10 12.00
N GLN A 642 39.37 -7.43 11.97
CA GLN A 642 38.95 -8.62 11.25
C GLN A 642 39.22 -8.46 9.76
N ASN A 643 38.99 -7.25 9.22
CA ASN A 643 39.31 -6.98 7.83
C ASN A 643 40.80 -7.08 7.54
N GLN A 644 41.63 -6.92 8.57
CA GLN A 644 43.08 -6.89 8.37
C GLN A 644 43.61 -8.26 7.97
N GLN A 645 42.98 -9.34 8.44
CA GLN A 645 43.51 -10.67 8.11
C GLN A 645 43.20 -11.04 6.66
N GLU A 646 41.96 -10.83 6.20
CA GLU A 646 41.65 -11.23 4.83
C GLU A 646 42.19 -10.24 3.81
N LYS A 647 42.58 -9.03 4.22
CA LYS A 647 43.29 -8.18 3.27
C LYS A 647 44.75 -8.56 3.17
N ASN A 648 45.28 -9.27 4.16
CA ASN A 648 46.61 -9.87 4.02
C ASN A 648 46.53 -11.29 3.46
N GLU A 649 45.39 -11.96 3.62
CA GLU A 649 45.20 -13.23 2.93
C GLU A 649 44.86 -13.03 1.46
N GLN A 650 44.48 -11.81 1.08
CA GLN A 650 44.20 -11.53 -0.33
C GLN A 650 45.47 -11.45 -1.15
N GLU A 651 46.50 -10.76 -0.62
CA GLU A 651 47.76 -10.62 -1.35
C GLU A 651 48.52 -11.93 -1.42
N LEU A 652 48.22 -12.87 -0.52
CA LEU A 652 48.70 -14.24 -0.69
C LEU A 652 48.07 -14.89 -1.91
N LEU A 653 46.82 -14.52 -2.22
CA LEU A 653 46.14 -15.10 -3.38
C LEU A 653 46.21 -14.18 -4.59
N GLU A 654 46.66 -12.95 -4.40
CA GLU A 654 46.64 -11.97 -5.49
C GLU A 654 47.75 -12.24 -6.51
N LEU A 655 49.00 -12.16 -6.07
CA LEU A 655 50.15 -12.28 -6.96
C LEU A 655 50.34 -13.70 -7.46
N THR B 31 24.33 -47.94 -5.08
CA THR B 31 23.86 -49.31 -4.87
C THR B 31 23.19 -49.45 -3.51
N GLU B 32 23.52 -50.54 -2.80
CA GLU B 32 22.85 -50.86 -1.54
C GLU B 32 23.36 -50.00 -0.40
N LYS B 33 24.38 -49.17 -0.65
CA LYS B 33 24.75 -48.11 0.28
C LYS B 33 23.57 -47.20 0.55
N LEU B 34 22.84 -46.83 -0.50
CA LEU B 34 21.50 -46.27 -0.44
C LEU B 34 21.42 -44.95 0.32
N TRP B 35 22.56 -44.28 0.50
CA TRP B 35 22.62 -43.02 1.22
C TRP B 35 21.82 -41.99 0.45
N VAL B 36 20.68 -41.59 1.00
CA VAL B 36 19.75 -40.81 0.22
C VAL B 36 20.32 -39.41 0.05
N THR B 37 20.07 -38.84 -1.11
CA THR B 37 20.81 -37.65 -1.54
C THR B 37 19.81 -36.61 -2.01
N VAL B 38 19.96 -35.40 -1.51
CA VAL B 38 19.01 -34.35 -1.85
C VAL B 38 19.32 -33.84 -3.26
N TYR B 39 18.39 -33.07 -3.80
CA TYR B 39 18.53 -32.50 -5.13
C TYR B 39 17.83 -31.15 -5.15
N TYR B 40 18.55 -30.12 -5.55
CA TYR B 40 17.98 -28.79 -5.61
C TYR B 40 17.81 -28.36 -7.05
N GLY B 41 16.65 -27.78 -7.34
CA GLY B 41 16.39 -27.32 -8.69
C GLY B 41 15.88 -28.40 -9.61
N VAL B 42 15.14 -29.37 -9.09
CA VAL B 42 14.63 -30.46 -9.92
C VAL B 42 13.52 -29.92 -10.82
N PRO B 43 13.57 -30.16 -12.13
CA PRO B 43 12.53 -29.62 -13.03
C PRO B 43 11.19 -30.28 -12.81
N VAL B 44 10.50 -29.90 -11.75
CA VAL B 44 9.18 -30.42 -11.42
C VAL B 44 8.28 -29.24 -11.13
N TRP B 45 7.02 -29.53 -10.93
CA TRP B 45 6.04 -28.49 -10.71
C TRP B 45 4.84 -29.06 -10.00
N LYS B 46 4.13 -28.21 -9.28
CA LYS B 46 2.82 -28.55 -8.77
C LYS B 46 1.86 -27.46 -9.17
N GLU B 47 0.65 -27.88 -9.52
CA GLU B 47 -0.42 -26.91 -9.76
C GLU B 47 -0.70 -26.15 -8.48
N ALA B 48 -0.59 -24.84 -8.56
CA ALA B 48 -0.95 -23.99 -7.45
C ALA B 48 -1.60 -22.74 -8.03
N THR B 49 -2.37 -22.06 -7.19
CA THR B 49 -3.02 -20.83 -7.58
C THR B 49 -2.45 -19.71 -6.73
N THR B 50 -1.73 -18.80 -7.38
CA THR B 50 -1.12 -17.65 -6.74
C THR B 50 -1.49 -16.46 -7.61
N THR B 51 -1.32 -15.25 -7.06
CA THR B 51 -1.65 -14.03 -7.76
C THR B 51 -0.88 -13.90 -9.07
N LEU B 52 -1.53 -13.28 -10.06
CA LEU B 52 -1.01 -13.21 -11.40
C LEU B 52 0.04 -12.12 -11.52
N PHE B 53 0.38 -11.80 -12.78
CA PHE B 53 1.22 -10.66 -13.06
C PHE B 53 0.93 -10.19 -14.49
N CYS B 54 1.17 -8.92 -14.76
CA CYS B 54 0.81 -8.36 -16.06
C CYS B 54 2.05 -8.02 -16.88
N ALA B 55 1.81 -7.41 -18.04
CA ALA B 55 2.87 -7.10 -18.98
C ALA B 55 2.39 -6.09 -20.02
N SER B 56 3.13 -5.00 -20.15
CA SER B 56 2.70 -3.91 -21.00
C SER B 56 3.80 -3.26 -21.82
N ASP B 57 4.60 -4.04 -22.58
CA ASP B 57 5.56 -3.46 -23.51
C ASP B 57 4.90 -2.48 -24.48
N ALA B 58 3.75 -2.87 -25.03
CA ALA B 58 3.09 -2.04 -26.03
C ALA B 58 2.46 -0.80 -25.39
N LYS B 59 1.95 -0.94 -24.16
CA LYS B 59 1.41 0.21 -23.45
C LYS B 59 2.54 1.14 -23.01
N ALA B 60 3.73 0.59 -22.81
CA ALA B 60 4.91 1.42 -22.58
C ALA B 60 5.52 1.89 -23.89
N TYR B 61 5.11 1.30 -25.01
CA TYR B 61 5.67 1.71 -26.29
C TYR B 61 5.08 3.04 -26.75
N ASP B 62 3.81 3.30 -26.43
CA ASP B 62 3.18 4.58 -26.74
C ASP B 62 2.15 4.95 -25.69
N THR B 63 1.97 6.25 -25.47
CA THR B 63 0.93 6.79 -24.59
C THR B 63 0.60 8.21 -25.04
N GLU B 64 -0.62 8.37 -25.57
CA GLU B 64 -1.11 9.71 -25.91
C GLU B 64 -1.49 10.47 -24.65
N VAL B 65 -2.29 9.85 -23.80
CA VAL B 65 -2.69 10.38 -22.51
C VAL B 65 -2.95 9.19 -21.61
N HIS B 66 -2.63 9.32 -20.32
CA HIS B 66 -2.61 8.18 -19.41
C HIS B 66 -3.96 7.89 -18.78
N ASN B 67 -5.06 8.30 -19.43
CA ASN B 67 -6.38 8.04 -18.89
C ASN B 67 -6.87 6.63 -19.19
N VAL B 68 -6.45 6.07 -20.33
CA VAL B 68 -6.53 4.63 -20.51
C VAL B 68 -5.56 3.91 -19.59
N TRP B 69 -4.35 4.45 -19.43
CA TRP B 69 -3.41 3.94 -18.44
C TRP B 69 -3.96 4.08 -17.03
N ALA B 70 -4.76 5.12 -16.78
CA ALA B 70 -5.53 5.17 -15.55
C ALA B 70 -6.50 4.02 -15.46
N THR B 71 -7.18 3.67 -16.56
CA THR B 71 -8.03 2.50 -16.53
C THR B 71 -7.21 1.22 -16.60
N HIS B 72 -6.02 1.27 -17.22
CA HIS B 72 -5.22 0.06 -17.46
C HIS B 72 -3.75 0.36 -17.26
N ALA B 73 -3.27 0.17 -16.03
CA ALA B 73 -1.87 0.45 -15.70
C ALA B 73 -1.09 -0.84 -15.55
N CYS B 74 0.02 -0.95 -16.28
CA CYS B 74 0.87 -2.14 -16.14
C CYS B 74 2.28 -1.83 -16.62
N VAL B 75 3.22 -2.65 -16.16
CA VAL B 75 4.66 -2.48 -16.35
C VAL B 75 5.05 -3.16 -17.67
N PRO B 76 6.04 -2.66 -18.41
CA PRO B 76 6.49 -3.37 -19.62
C PRO B 76 7.16 -4.71 -19.32
N THR B 77 7.56 -5.40 -20.40
CA THR B 77 8.07 -6.75 -20.20
C THR B 77 9.20 -7.17 -21.14
N ASP B 78 9.93 -6.20 -21.77
CA ASP B 78 11.16 -6.46 -22.52
C ASP B 78 10.98 -7.49 -23.64
N PRO B 79 10.49 -7.08 -24.82
CA PRO B 79 9.91 -8.03 -25.78
C PRO B 79 10.93 -8.97 -26.40
N ASN B 80 10.40 -9.80 -27.30
CA ASN B 80 10.93 -11.11 -27.69
C ASN B 80 11.19 -11.92 -26.43
N PRO B 81 10.16 -12.41 -25.75
CA PRO B 81 10.40 -13.24 -24.57
C PRO B 81 10.81 -14.63 -24.99
N GLN B 82 11.30 -15.39 -24.02
CA GLN B 82 11.70 -16.77 -24.26
C GLN B 82 10.47 -17.66 -24.22
N GLU B 83 10.35 -18.53 -25.21
CA GLU B 83 9.30 -19.53 -25.26
C GLU B 83 9.92 -20.89 -25.53
N VAL B 84 9.62 -21.86 -24.67
CA VAL B 84 10.25 -23.17 -24.74
C VAL B 84 9.17 -24.22 -24.88
N VAL B 85 9.43 -25.19 -25.78
CA VAL B 85 8.54 -26.35 -26.01
C VAL B 85 8.93 -27.50 -25.08
N LEU B 86 7.96 -28.16 -24.42
CA LEU B 86 8.25 -29.41 -23.66
C LEU B 86 7.42 -30.45 -24.41
N GLU B 87 8.03 -31.25 -25.28
CA GLU B 87 7.20 -32.06 -26.16
C GLU B 87 6.91 -33.44 -25.60
N ASN B 88 7.72 -33.90 -24.64
CA ASN B 88 7.60 -35.31 -24.23
C ASN B 88 6.72 -35.57 -23.01
N VAL B 89 5.98 -34.58 -22.53
CA VAL B 89 5.07 -34.90 -21.39
C VAL B 89 3.69 -34.28 -21.61
N THR B 90 2.66 -35.11 -21.80
CA THR B 90 1.31 -34.57 -21.81
C THR B 90 0.84 -34.26 -20.40
N GLU B 91 -0.21 -33.43 -20.31
CA GLU B 91 -0.78 -33.07 -19.02
C GLU B 91 -2.27 -32.85 -19.20
N HIS B 92 -3.03 -33.09 -18.14
CA HIS B 92 -4.45 -32.80 -18.19
C HIS B 92 -4.71 -31.31 -18.08
N PHE B 93 -5.13 -30.71 -19.17
CA PHE B 93 -5.58 -29.33 -19.16
C PHE B 93 -7.01 -29.34 -18.67
N ASN B 94 -7.33 -28.48 -17.72
CA ASN B 94 -8.70 -28.33 -17.27
C ASN B 94 -9.24 -27.00 -17.78
N MET B 95 -9.94 -27.02 -18.89
CA MET B 95 -10.67 -25.85 -19.35
C MET B 95 -11.87 -25.63 -18.44
N TRP B 96 -12.43 -24.41 -18.52
CA TRP B 96 -13.65 -23.95 -17.86
C TRP B 96 -13.52 -23.78 -16.35
N LYS B 97 -12.42 -24.25 -15.77
CA LYS B 97 -12.34 -24.44 -14.33
C LYS B 97 -11.00 -23.98 -13.80
N ASN B 98 -10.33 -23.10 -14.52
CA ASN B 98 -9.05 -22.60 -14.05
C ASN B 98 -9.25 -21.37 -13.18
N ASN B 99 -8.43 -21.25 -12.15
CA ASN B 99 -8.61 -20.16 -11.20
C ASN B 99 -8.15 -18.83 -11.81
N MET B 100 -7.34 -18.89 -12.87
CA MET B 100 -6.86 -17.69 -13.53
C MET B 100 -7.98 -16.89 -14.16
N VAL B 101 -9.10 -17.55 -14.43
CA VAL B 101 -10.34 -16.84 -14.75
C VAL B 101 -10.73 -15.92 -13.60
N GLU B 102 -10.64 -16.42 -12.37
CA GLU B 102 -11.33 -15.79 -11.25
C GLU B 102 -10.68 -14.47 -10.84
N GLN B 103 -9.36 -14.39 -10.90
CA GLN B 103 -8.72 -13.17 -10.44
C GLN B 103 -8.89 -12.07 -11.46
N MET B 104 -8.71 -12.39 -12.74
CA MET B 104 -8.67 -11.36 -13.76
C MET B 104 -10.03 -10.71 -13.93
N GLN B 105 -11.11 -11.42 -13.62
CA GLN B 105 -12.40 -10.76 -13.64
C GLN B 105 -12.58 -9.88 -12.43
N GLU B 106 -12.10 -10.32 -11.26
CA GLU B 106 -12.34 -9.52 -10.07
C GLU B 106 -11.32 -8.39 -9.98
N ASP B 107 -10.20 -8.54 -10.70
CA ASP B 107 -9.28 -7.42 -10.84
C ASP B 107 -9.94 -6.27 -11.57
N ILE B 108 -10.55 -6.57 -12.71
CA ILE B 108 -11.00 -5.51 -13.61
C ILE B 108 -12.16 -4.73 -13.03
N ILE B 109 -13.02 -5.42 -12.28
CA ILE B 109 -14.09 -4.75 -11.54
C ILE B 109 -13.50 -3.80 -10.52
N SER B 110 -12.42 -4.21 -9.85
CA SER B 110 -11.69 -3.29 -8.99
C SER B 110 -10.99 -2.20 -9.80
N LEU B 111 -10.48 -2.55 -10.98
CA LEU B 111 -9.97 -1.51 -11.88
C LEU B 111 -11.10 -0.62 -12.35
N TRP B 112 -12.30 -1.18 -12.51
CA TRP B 112 -13.44 -0.32 -12.68
C TRP B 112 -13.79 0.45 -11.42
N ASP B 113 -13.38 -0.03 -10.26
CA ASP B 113 -13.72 0.70 -9.06
C ASP B 113 -12.84 1.94 -8.91
N GLN B 114 -11.51 1.81 -9.13
CA GLN B 114 -10.59 2.95 -9.02
C GLN B 114 -10.94 4.06 -9.99
N SER B 115 -11.45 3.70 -11.16
CA SER B 115 -11.95 4.67 -12.12
C SER B 115 -13.08 5.50 -11.54
N LEU B 116 -14.03 4.86 -10.87
CA LEU B 116 -15.21 5.58 -10.42
C LEU B 116 -15.03 6.29 -9.10
N LYS B 117 -13.93 6.03 -8.38
CA LYS B 117 -13.69 6.71 -7.11
C LYS B 117 -13.60 8.22 -7.23
N PRO B 118 -12.79 8.81 -8.13
CA PRO B 118 -12.80 10.29 -8.18
C PRO B 118 -14.00 10.83 -8.92
N CYS B 119 -14.68 10.02 -9.72
CA CYS B 119 -15.76 10.52 -10.54
C CYS B 119 -16.96 10.89 -9.70
N VAL B 120 -17.70 11.87 -10.17
CA VAL B 120 -18.75 12.50 -9.40
C VAL B 120 -20.01 11.65 -9.46
N LYS B 121 -20.93 11.87 -8.52
CA LYS B 121 -22.14 11.09 -8.39
C LYS B 121 -23.33 11.98 -8.75
N LEU B 122 -24.12 11.56 -9.72
CA LEU B 122 -25.21 12.40 -10.22
C LEU B 122 -26.40 12.35 -9.29
N THR B 123 -26.26 12.91 -8.09
CA THR B 123 -27.14 12.56 -7.00
C THR B 123 -28.58 13.10 -7.11
N PRO B 124 -28.85 14.37 -7.43
CA PRO B 124 -30.25 14.81 -7.43
C PRO B 124 -31.06 14.38 -8.64
N LEU B 125 -30.62 13.38 -9.41
CA LEU B 125 -31.10 13.27 -10.77
C LEU B 125 -32.40 12.49 -10.90
N CYS B 126 -32.85 11.79 -9.84
CA CYS B 126 -34.06 10.97 -9.95
C CYS B 126 -35.32 11.81 -9.75
N VAL B 127 -35.20 13.13 -9.96
CA VAL B 127 -36.35 14.00 -10.01
C VAL B 127 -37.18 13.71 -11.27
N THR B 128 -38.41 14.25 -11.29
CA THR B 128 -39.35 14.06 -12.38
C THR B 128 -38.87 14.76 -13.66
N LEU B 129 -39.44 14.32 -14.78
CA LEU B 129 -39.05 14.81 -16.11
C LEU B 129 -40.28 15.16 -16.91
N ASN B 130 -40.27 16.35 -17.50
CA ASN B 130 -41.24 16.69 -18.54
C ASN B 130 -40.52 16.60 -19.88
N CYS B 131 -41.09 15.85 -20.81
CA CYS B 131 -40.38 15.47 -22.01
C CYS B 131 -41.32 15.47 -23.21
N LYS B 132 -40.79 15.84 -24.37
CA LYS B 132 -41.50 15.75 -25.64
C LYS B 132 -40.67 14.98 -26.64
N ASP B 133 -41.31 14.09 -27.39
CA ASP B 133 -40.58 13.22 -28.31
C ASP B 133 -40.11 14.02 -29.52
N VAL B 134 -38.96 13.62 -30.07
CA VAL B 134 -38.36 14.30 -31.21
C VAL B 134 -38.26 13.32 -32.37
N ASN B 135 -38.72 13.75 -33.54
CA ASN B 135 -38.60 12.95 -34.76
C ASN B 135 -37.56 13.58 -35.67
N ALA B 136 -36.71 12.75 -36.26
CA ALA B 136 -35.69 13.22 -37.18
C ALA B 136 -36.14 13.06 -38.62
N ARG B 149 -37.02 7.40 -37.57
CA ARG B 149 -36.82 6.82 -36.25
C ARG B 149 -38.03 7.11 -35.35
N GLY B 150 -37.79 7.71 -34.18
CA GLY B 150 -38.87 8.04 -33.28
C GLY B 150 -38.62 7.78 -31.81
N GLU B 151 -37.36 7.51 -31.44
CA GLU B 151 -37.07 7.13 -30.07
C GLU B 151 -36.29 8.20 -29.32
N ILE B 152 -35.82 9.24 -30.01
CA ILE B 152 -35.03 10.28 -29.36
C ILE B 152 -35.93 11.38 -28.83
N LYS B 153 -35.75 11.74 -27.57
CA LYS B 153 -36.71 12.61 -26.89
C LYS B 153 -35.99 13.66 -26.06
N ASN B 154 -36.37 14.92 -26.22
CA ASN B 154 -35.75 15.94 -25.38
C ASN B 154 -36.57 16.15 -24.10
N CYS B 155 -35.91 16.67 -23.08
CA CYS B 155 -36.49 16.80 -21.75
C CYS B 155 -36.08 18.12 -21.11
N SER B 156 -37.06 18.82 -20.54
CA SER B 156 -36.83 20.04 -19.77
C SER B 156 -37.78 20.08 -18.59
N PHE B 157 -37.28 20.51 -17.44
CA PHE B 157 -38.04 20.38 -16.20
C PHE B 157 -37.52 21.31 -15.13
N ASN B 158 -38.34 21.51 -14.10
CA ASN B 158 -38.12 22.51 -13.05
C ASN B 158 -37.03 22.02 -12.10
N ILE B 159 -35.80 22.02 -12.57
CA ILE B 159 -34.71 21.49 -11.76
C ILE B 159 -34.11 22.60 -10.91
N THR B 160 -33.74 22.26 -9.67
CA THR B 160 -32.95 23.10 -8.79
C THR B 160 -31.57 22.45 -8.73
N THR B 161 -30.68 22.87 -9.62
CA THR B 161 -29.42 22.16 -9.80
C THR B 161 -28.27 22.77 -9.00
N SER B 162 -28.12 24.08 -9.05
CA SER B 162 -27.04 24.77 -8.34
C SER B 162 -27.55 25.40 -7.04
N ILE B 163 -26.73 26.29 -6.48
CA ILE B 163 -27.14 27.19 -5.41
C ILE B 163 -28.31 28.04 -5.90
N ARG B 164 -28.17 28.55 -7.11
CA ARG B 164 -29.11 29.43 -7.79
C ARG B 164 -29.41 28.80 -9.16
N ASP B 165 -30.04 29.58 -10.06
CA ASP B 165 -30.26 29.25 -11.47
C ASP B 165 -31.16 28.04 -11.69
N GLU B 166 -32.45 28.18 -11.35
CA GLU B 166 -33.46 27.19 -11.63
C GLU B 166 -33.58 27.01 -13.15
N VAL B 167 -32.99 25.92 -13.65
CA VAL B 167 -32.93 25.66 -15.08
C VAL B 167 -34.26 25.07 -15.49
N GLN B 168 -34.93 25.70 -16.45
CA GLN B 168 -36.18 25.16 -16.96
C GLN B 168 -36.20 25.03 -18.47
N LYS B 169 -35.39 25.81 -19.18
CA LYS B 169 -35.20 25.68 -20.62
C LYS B 169 -34.14 24.62 -20.94
N GLU B 170 -34.31 23.44 -20.39
CA GLU B 170 -33.20 22.53 -20.17
C GLU B 170 -32.76 21.80 -21.44
N TYR B 171 -33.64 21.51 -22.39
CA TYR B 171 -33.17 21.03 -23.72
C TYR B 171 -32.18 19.86 -23.57
N ALA B 172 -32.65 18.70 -23.10
CA ALA B 172 -31.76 17.54 -22.89
C ALA B 172 -32.26 16.34 -23.69
N LEU B 173 -31.55 15.92 -24.75
CA LEU B 173 -32.06 14.86 -25.67
C LEU B 173 -31.79 13.47 -25.09
N PHE B 174 -32.82 12.62 -25.00
CA PHE B 174 -32.59 11.25 -24.54
C PHE B 174 -33.22 10.21 -25.45
N TYR B 175 -32.77 8.98 -25.31
CA TYR B 175 -33.26 7.84 -26.07
C TYR B 175 -34.51 7.24 -25.43
N LYS B 176 -35.20 6.36 -26.16
CA LYS B 176 -36.30 5.62 -25.56
C LYS B 176 -35.79 4.62 -24.54
N LEU B 177 -34.65 4.00 -24.83
CA LEU B 177 -34.18 2.89 -24.02
C LEU B 177 -33.59 3.37 -22.70
N ASP B 178 -33.40 4.66 -22.53
CA ASP B 178 -32.71 5.15 -21.37
C ASP B 178 -33.64 5.78 -20.34
N VAL B 179 -34.95 5.67 -20.53
CA VAL B 179 -35.93 6.16 -19.58
C VAL B 179 -36.92 5.04 -19.29
N VAL B 180 -37.45 5.04 -18.08
CA VAL B 180 -38.61 4.19 -17.77
C VAL B 180 -39.85 5.01 -18.04
N PRO B 181 -40.74 4.55 -18.91
CA PRO B 181 -42.03 5.21 -19.08
C PRO B 181 -42.87 5.12 -17.83
N ILE B 182 -43.07 6.25 -17.18
CA ILE B 182 -43.96 6.33 -16.04
C ILE B 182 -45.01 7.38 -16.34
N ASP B 183 -46.20 7.17 -15.77
CA ASP B 183 -47.38 8.02 -15.89
C ASP B 183 -47.74 8.20 -17.37
N ASN B 184 -48.17 7.11 -18.01
CA ASN B 184 -48.17 6.98 -19.47
C ASN B 184 -49.08 8.00 -20.14
N ASN B 185 -50.20 8.33 -19.52
CA ASN B 185 -51.08 9.35 -20.06
C ASN B 185 -50.44 10.74 -19.99
N ASN B 186 -49.73 11.02 -18.89
CA ASN B 186 -48.96 12.25 -18.75
C ASN B 186 -47.62 12.09 -19.44
N THR B 187 -46.67 12.99 -19.18
CA THR B 187 -45.33 12.91 -19.74
C THR B 187 -44.32 12.93 -18.60
N SER B 188 -44.09 11.79 -17.98
CA SER B 188 -43.10 11.69 -16.91
C SER B 188 -41.85 10.93 -17.34
N TYR B 189 -42.00 9.66 -17.77
CA TYR B 189 -41.12 8.96 -18.70
C TYR B 189 -39.61 9.04 -18.42
N ARG B 190 -39.12 8.50 -17.32
CA ARG B 190 -37.77 8.87 -16.93
C ARG B 190 -37.04 7.76 -16.19
N LEU B 191 -35.73 7.72 -16.42
CA LEU B 191 -34.75 7.23 -15.45
C LEU B 191 -34.88 5.79 -15.02
N ILE B 192 -34.32 4.90 -15.84
CA ILE B 192 -34.31 3.45 -15.72
C ILE B 192 -34.14 2.90 -14.31
N SER B 193 -33.11 3.35 -13.59
CA SER B 193 -32.68 2.59 -12.42
C SER B 193 -32.33 3.50 -11.25
N CYS B 194 -32.96 4.67 -11.18
CA CYS B 194 -32.56 5.64 -10.16
C CYS B 194 -33.06 5.29 -8.76
N ASP B 195 -33.81 4.20 -8.61
CA ASP B 195 -34.10 3.66 -7.29
C ASP B 195 -32.82 3.19 -6.60
N THR B 196 -31.88 2.68 -7.39
CA THR B 196 -30.64 2.15 -6.87
C THR B 196 -29.50 3.12 -7.16
N SER B 197 -28.31 2.77 -6.68
CA SER B 197 -27.23 3.74 -6.51
C SER B 197 -26.50 4.07 -7.80
N VAL B 198 -27.25 4.43 -8.84
CA VAL B 198 -26.76 4.43 -10.20
C VAL B 198 -26.20 5.77 -10.63
N ILE B 199 -26.06 6.71 -9.71
CA ILE B 199 -25.73 8.08 -10.04
C ILE B 199 -24.26 8.26 -10.40
N THR B 200 -23.49 7.17 -10.40
CA THR B 200 -22.13 7.19 -10.90
C THR B 200 -22.12 7.46 -12.41
N GLN B 201 -21.10 8.19 -12.84
CA GLN B 201 -20.98 8.61 -14.23
C GLN B 201 -19.50 8.60 -14.60
N ALA B 202 -19.23 8.68 -15.89
CA ALA B 202 -17.84 8.62 -16.35
C ALA B 202 -17.20 9.99 -16.37
N CYS B 203 -15.96 10.05 -15.91
CA CYS B 203 -15.17 11.27 -16.02
C CYS B 203 -14.78 11.50 -17.47
N PRO B 204 -15.02 12.69 -18.03
CA PRO B 204 -14.96 12.84 -19.50
C PRO B 204 -13.56 12.78 -20.05
N LYS B 205 -12.58 13.19 -19.25
CA LYS B 205 -11.19 13.13 -19.65
C LYS B 205 -10.66 11.70 -19.65
N ILE B 206 -11.39 10.77 -19.09
CA ILE B 206 -10.92 9.38 -19.03
C ILE B 206 -11.37 8.64 -20.27
N SER B 207 -10.44 7.95 -20.91
CA SER B 207 -10.73 7.20 -22.12
C SER B 207 -10.78 5.71 -21.82
N PHE B 208 -11.36 4.96 -22.77
CA PHE B 208 -11.85 3.62 -22.52
C PHE B 208 -11.32 2.62 -23.53
N GLU B 209 -10.41 3.06 -24.38
CA GLU B 209 -9.99 2.22 -25.47
C GLU B 209 -9.08 1.11 -24.96
N PRO B 210 -9.44 -0.15 -25.16
CA PRO B 210 -8.72 -1.24 -24.52
C PRO B 210 -7.35 -1.45 -25.14
N ILE B 211 -6.47 -2.06 -24.35
CA ILE B 211 -5.09 -2.26 -24.73
C ILE B 211 -4.84 -3.76 -24.76
N PRO B 212 -4.14 -4.27 -25.75
CA PRO B 212 -3.60 -5.63 -25.64
C PRO B 212 -2.61 -5.70 -24.50
N ILE B 213 -2.91 -6.53 -23.50
CA ILE B 213 -2.08 -6.64 -22.32
C ILE B 213 -1.58 -8.07 -22.24
N HIS B 214 -0.28 -8.23 -22.27
CA HIS B 214 0.29 -9.52 -22.01
C HIS B 214 0.27 -9.76 -20.49
N TYR B 215 0.42 -11.01 -20.08
CA TYR B 215 0.32 -11.33 -18.67
C TYR B 215 1.34 -12.36 -18.25
N CYS B 216 2.05 -12.08 -17.17
CA CYS B 216 3.16 -12.88 -16.72
C CYS B 216 2.84 -13.49 -15.37
N ALA B 217 3.85 -14.05 -14.76
CA ALA B 217 3.69 -14.59 -13.43
C ALA B 217 4.75 -14.03 -12.51
N PRO B 218 4.47 -13.97 -11.21
CA PRO B 218 5.54 -13.80 -10.23
C PRO B 218 6.47 -15.02 -10.26
N ALA B 219 7.68 -14.80 -9.76
CA ALA B 219 8.72 -15.82 -9.85
C ALA B 219 8.37 -17.03 -9.01
N GLY B 220 8.87 -18.19 -9.42
CA GLY B 220 8.46 -19.44 -8.84
C GLY B 220 7.22 -20.02 -9.45
N PHE B 221 6.74 -19.45 -10.55
CA PHE B 221 5.52 -19.89 -11.20
C PHE B 221 5.71 -19.79 -12.71
N ALA B 222 5.15 -20.77 -13.43
CA ALA B 222 5.27 -20.79 -14.88
C ALA B 222 3.96 -21.23 -15.49
N ILE B 223 3.55 -20.54 -16.54
CA ILE B 223 2.30 -20.81 -17.21
C ILE B 223 2.57 -21.82 -18.30
N LEU B 224 1.67 -22.78 -18.47
CA LEU B 224 1.86 -23.89 -19.38
C LEU B 224 0.98 -23.67 -20.61
N LYS B 225 1.55 -23.87 -21.79
CA LYS B 225 0.87 -23.55 -23.05
C LYS B 225 0.87 -24.77 -23.96
N CYS B 226 -0.31 -25.23 -24.33
CA CYS B 226 -0.45 -26.45 -25.12
C CYS B 226 -0.30 -26.14 -26.61
N ASN B 227 0.78 -26.63 -27.19
CA ASN B 227 0.96 -26.25 -28.60
C ASN B 227 0.28 -27.30 -29.47
N ASP B 228 -0.78 -27.93 -28.98
CA ASP B 228 -1.60 -28.84 -29.85
C ASP B 228 -2.59 -27.90 -30.53
N LYS B 229 -3.40 -28.38 -31.48
CA LYS B 229 -4.21 -27.37 -32.16
C LYS B 229 -5.69 -27.58 -31.89
N THR B 230 -6.28 -26.62 -31.16
CA THR B 230 -7.71 -26.48 -30.87
C THR B 230 -8.33 -27.77 -30.36
N PHE B 231 -7.62 -28.41 -29.43
CA PHE B 231 -7.67 -29.85 -29.22
C PHE B 231 -8.97 -30.36 -28.62
N ASN B 232 -9.53 -29.69 -27.62
CA ASN B 232 -10.83 -30.11 -27.09
C ASN B 232 -11.52 -28.93 -26.46
N GLY B 233 -12.58 -29.25 -25.71
CA GLY B 233 -13.21 -28.35 -24.78
C GLY B 233 -12.91 -28.63 -23.33
N LYS B 234 -12.38 -29.80 -23.00
CA LYS B 234 -11.91 -30.20 -21.67
C LYS B 234 -10.96 -31.39 -21.79
N GLY B 235 -9.80 -31.34 -21.16
CA GLY B 235 -8.98 -32.53 -21.08
C GLY B 235 -7.54 -32.35 -21.51
N PRO B 236 -6.80 -33.45 -21.57
CA PRO B 236 -5.36 -33.37 -21.80
C PRO B 236 -4.98 -33.14 -23.25
N CYS B 237 -3.69 -32.94 -23.46
CA CYS B 237 -3.11 -32.70 -24.79
C CYS B 237 -1.62 -32.97 -24.75
N LYS B 238 -1.09 -33.43 -25.88
CA LYS B 238 0.29 -33.93 -25.92
C LYS B 238 1.29 -32.79 -26.10
N ASN B 239 1.21 -32.17 -27.27
CA ASN B 239 2.16 -31.06 -27.61
C ASN B 239 1.88 -29.90 -26.67
N VAL B 240 2.85 -29.55 -25.81
CA VAL B 240 2.70 -28.47 -24.85
C VAL B 240 4.01 -27.70 -24.78
N SER B 241 3.98 -26.65 -23.97
CA SER B 241 5.10 -25.72 -23.85
C SER B 241 4.91 -24.90 -22.58
N THR B 242 5.99 -24.28 -22.14
CA THR B 242 5.92 -23.30 -21.08
C THR B 242 5.81 -21.92 -21.71
N VAL B 243 5.14 -21.02 -21.01
CA VAL B 243 5.06 -19.62 -21.42
C VAL B 243 5.25 -18.75 -20.18
N GLN B 244 6.15 -17.78 -20.30
CA GLN B 244 6.33 -16.84 -19.22
C GLN B 244 5.27 -15.75 -19.26
N CYS B 245 4.99 -15.21 -20.44
CA CYS B 245 4.08 -14.09 -20.56
C CYS B 245 3.20 -14.33 -21.77
N THR B 246 1.89 -14.24 -21.58
CA THR B 246 0.98 -14.64 -22.64
C THR B 246 0.86 -13.56 -23.71
N HIS B 247 -0.07 -13.79 -24.63
CA HIS B 247 -0.37 -12.81 -25.66
C HIS B 247 -1.13 -11.64 -25.06
N GLY B 248 -1.36 -10.62 -25.89
CA GLY B 248 -2.08 -9.46 -25.44
C GLY B 248 -3.58 -9.71 -25.46
N ILE B 249 -4.26 -9.14 -24.47
CA ILE B 249 -5.72 -9.25 -24.40
C ILE B 249 -6.29 -7.86 -24.23
N ARG B 250 -7.08 -7.44 -25.20
CA ARG B 250 -7.89 -6.26 -25.03
C ARG B 250 -9.03 -6.58 -24.09
N PRO B 251 -9.25 -5.79 -23.06
CA PRO B 251 -10.45 -5.98 -22.23
C PRO B 251 -11.69 -5.59 -22.99
N VAL B 252 -12.43 -6.58 -23.47
CA VAL B 252 -13.58 -6.37 -24.33
C VAL B 252 -14.69 -7.29 -23.86
N VAL B 253 -15.87 -6.73 -23.64
CA VAL B 253 -17.05 -7.50 -23.28
C VAL B 253 -18.15 -7.21 -24.29
N SER B 254 -18.66 -8.27 -24.91
CA SER B 254 -19.83 -8.16 -25.76
C SER B 254 -20.72 -9.38 -25.54
N THR B 255 -21.97 -9.27 -26.00
CA THR B 255 -22.93 -10.33 -25.76
C THR B 255 -23.15 -11.14 -27.03
N GLN B 256 -23.04 -12.46 -26.89
CA GLN B 256 -23.34 -13.49 -27.90
C GLN B 256 -22.44 -13.32 -29.11
N LEU B 257 -21.24 -12.78 -28.92
CA LEU B 257 -20.51 -12.18 -30.03
C LEU B 257 -19.09 -11.85 -29.58
N LEU B 258 -18.16 -12.01 -30.50
CA LEU B 258 -16.73 -11.97 -30.18
C LEU B 258 -16.03 -10.86 -30.97
N LEU B 259 -16.07 -9.64 -30.41
CA LEU B 259 -15.45 -8.47 -31.07
C LEU B 259 -13.94 -8.51 -30.85
N ASN B 260 -13.16 -8.19 -31.87
CA ASN B 260 -11.68 -8.13 -31.73
C ASN B 260 -11.18 -9.36 -30.97
N GLY B 261 -11.51 -10.55 -31.45
CA GLY B 261 -11.07 -11.74 -30.77
C GLY B 261 -9.86 -12.38 -31.41
N SER B 262 -9.71 -13.68 -31.17
CA SER B 262 -8.55 -14.44 -31.63
C SER B 262 -8.96 -15.54 -32.59
N LEU B 263 -8.16 -15.74 -33.64
CA LEU B 263 -8.52 -16.65 -34.71
C LEU B 263 -8.32 -18.10 -34.29
N ALA B 264 -8.77 -19.00 -35.15
CA ALA B 264 -8.50 -20.43 -35.00
C ALA B 264 -7.71 -20.88 -36.22
N GLU B 265 -6.50 -21.38 -35.98
CA GLU B 265 -5.58 -21.73 -37.06
C GLU B 265 -6.02 -23.01 -37.77
N GLU B 266 -6.77 -23.84 -37.06
CA GLU B 266 -7.43 -24.98 -37.68
C GLU B 266 -8.69 -24.53 -38.41
N GLU B 267 -9.54 -25.50 -38.71
CA GLU B 267 -10.90 -25.21 -39.14
C GLU B 267 -11.76 -24.90 -37.91
N VAL B 268 -13.07 -24.80 -38.10
CA VAL B 268 -13.96 -24.40 -37.00
C VAL B 268 -13.96 -25.47 -35.92
N VAL B 269 -13.97 -25.03 -34.65
CA VAL B 269 -13.97 -25.95 -33.52
C VAL B 269 -14.98 -25.48 -32.49
N ILE B 270 -15.36 -26.41 -31.62
CA ILE B 270 -16.32 -26.16 -30.56
C ILE B 270 -15.64 -26.54 -29.26
N ARG B 271 -16.08 -25.92 -28.16
CA ARG B 271 -15.57 -26.22 -26.84
C ARG B 271 -16.72 -26.25 -25.85
N SER B 272 -16.81 -27.35 -25.11
CA SER B 272 -17.95 -27.61 -24.23
C SER B 272 -17.48 -28.34 -22.99
N ASP B 273 -18.43 -28.54 -22.07
CA ASP B 273 -18.20 -29.47 -20.96
C ASP B 273 -18.74 -30.85 -21.30
N ASN B 274 -19.85 -30.90 -22.03
CA ASN B 274 -20.41 -32.10 -22.67
C ASN B 274 -20.84 -33.17 -21.66
N PHE B 275 -21.18 -32.75 -20.44
CA PHE B 275 -21.77 -33.70 -19.50
C PHE B 275 -23.14 -33.20 -19.02
N THR B 276 -23.22 -31.92 -18.69
CA THR B 276 -24.49 -31.24 -18.52
C THR B 276 -24.73 -30.41 -19.77
N ASN B 277 -24.39 -31.01 -20.91
CA ASN B 277 -24.43 -30.35 -22.21
C ASN B 277 -25.85 -29.93 -22.57
N ASN B 278 -26.84 -30.63 -22.03
CA ASN B 278 -28.23 -30.34 -22.34
C ASN B 278 -28.67 -29.02 -21.72
N ALA B 279 -28.01 -28.61 -20.63
CA ALA B 279 -28.47 -27.49 -19.84
C ALA B 279 -27.33 -26.55 -19.48
N LYS B 280 -26.49 -26.21 -20.45
CA LYS B 280 -25.41 -25.28 -20.18
C LYS B 280 -24.97 -24.56 -21.45
N THR B 281 -24.86 -23.25 -21.36
CA THR B 281 -24.38 -22.43 -22.48
C THR B 281 -22.90 -22.66 -22.71
N ILE B 282 -22.53 -22.91 -23.97
CA ILE B 282 -21.14 -23.15 -24.32
C ILE B 282 -20.69 -22.16 -25.38
N ILE B 283 -19.41 -22.25 -25.73
CA ILE B 283 -18.74 -21.28 -26.57
C ILE B 283 -18.53 -21.87 -27.95
N VAL B 284 -18.32 -20.99 -28.93
CA VAL B 284 -18.01 -21.37 -30.30
C VAL B 284 -16.78 -20.56 -30.72
N GLN B 285 -15.83 -21.23 -31.37
CA GLN B 285 -14.67 -20.55 -31.93
C GLN B 285 -14.66 -20.69 -33.45
N LEU B 286 -14.36 -19.60 -34.14
CA LEU B 286 -14.43 -19.53 -35.59
C LEU B 286 -13.03 -19.53 -36.20
N LYS B 287 -12.88 -20.19 -37.35
CA LYS B 287 -11.56 -20.34 -37.96
C LYS B 287 -11.06 -19.02 -38.56
N GLU B 288 -11.89 -18.36 -39.37
CA GLU B 288 -11.57 -17.09 -39.99
C GLU B 288 -12.33 -15.99 -39.26
N SER B 289 -12.33 -14.79 -39.83
CA SER B 289 -13.01 -13.68 -39.20
C SER B 289 -13.63 -12.78 -40.26
N VAL B 290 -14.60 -11.98 -39.83
CA VAL B 290 -15.13 -10.90 -40.65
C VAL B 290 -15.14 -9.63 -39.84
N GLU B 291 -14.59 -8.57 -40.41
CA GLU B 291 -14.79 -7.26 -39.80
C GLU B 291 -16.24 -6.83 -40.05
N ILE B 292 -16.75 -6.00 -39.15
CA ILE B 292 -18.02 -5.33 -39.38
C ILE B 292 -17.82 -3.87 -39.02
N ASN B 293 -17.94 -3.06 -40.08
CA ASN B 293 -17.92 -1.58 -39.96
C ASN B 293 -19.32 -1.21 -39.43
N CYS B 294 -19.42 -0.45 -38.35
CA CYS B 294 -20.71 -0.15 -37.76
C CYS B 294 -20.88 1.36 -37.69
N THR B 295 -22.06 1.85 -38.07
CA THR B 295 -22.17 3.19 -38.62
C THR B 295 -22.20 4.29 -37.58
N ARG B 296 -22.42 5.49 -38.07
CA ARG B 296 -22.46 6.78 -37.44
C ARG B 296 -23.89 7.30 -37.41
N PRO B 297 -24.38 7.73 -36.26
CA PRO B 297 -25.69 8.40 -36.24
C PRO B 297 -25.64 9.70 -37.02
N ASN B 298 -24.85 10.64 -36.50
CA ASN B 298 -24.68 12.00 -37.02
C ASN B 298 -23.69 12.71 -36.11
N ASN B 299 -23.24 13.88 -36.55
CA ASN B 299 -22.28 14.67 -35.80
C ASN B 299 -22.97 15.36 -34.62
N ASN B 300 -22.28 15.42 -33.48
CA ASN B 300 -22.94 15.70 -32.22
C ASN B 300 -22.22 16.79 -31.42
N THR B 301 -22.80 17.13 -30.26
CA THR B 301 -22.39 18.27 -29.45
C THR B 301 -22.43 17.85 -27.99
N ARG B 302 -21.51 18.39 -27.17
CA ARG B 302 -21.38 17.96 -25.78
C ARG B 302 -22.23 18.72 -24.78
N LYS B 303 -22.24 20.06 -24.82
CA LYS B 303 -23.14 20.91 -24.03
C LYS B 303 -23.02 20.69 -22.52
N SER B 304 -21.92 21.16 -21.93
CA SER B 304 -21.77 21.15 -20.48
C SER B 304 -22.92 21.91 -19.82
N ILE B 305 -23.57 21.28 -18.85
CA ILE B 305 -24.64 21.89 -18.08
C ILE B 305 -24.10 22.17 -16.68
N HIS B 306 -24.29 23.38 -16.20
CA HIS B 306 -23.84 23.76 -14.86
C HIS B 306 -24.64 23.01 -13.80
N ILE B 307 -23.94 22.19 -13.02
CA ILE B 307 -24.60 21.43 -11.98
C ILE B 307 -24.08 21.80 -10.60
N GLY B 308 -22.77 21.94 -10.45
CA GLY B 308 -22.19 22.22 -9.15
C GLY B 308 -20.69 22.28 -9.13
N PRO B 309 -20.08 21.76 -8.04
CA PRO B 309 -18.65 21.98 -7.75
C PRO B 309 -17.65 21.50 -8.78
N GLY B 310 -17.64 20.19 -9.00
CA GLY B 310 -16.90 19.61 -10.09
C GLY B 310 -17.94 19.08 -11.05
N ARG B 311 -19.17 19.45 -10.76
CA ARG B 311 -20.32 18.86 -11.44
C ARG B 311 -20.66 19.65 -12.70
N ALA B 312 -20.24 19.12 -13.86
CA ALA B 312 -20.72 19.60 -15.15
C ALA B 312 -20.67 18.43 -16.12
N PHE B 313 -21.77 17.71 -16.22
CA PHE B 313 -21.79 16.60 -17.16
C PHE B 313 -22.31 17.07 -18.51
N TYR B 314 -22.54 16.11 -19.40
CA TYR B 314 -22.79 16.42 -20.80
C TYR B 314 -23.99 15.65 -21.30
N THR B 315 -24.76 16.32 -22.16
CA THR B 315 -25.79 15.67 -22.95
C THR B 315 -25.94 16.45 -24.24
N THR B 316 -26.38 15.79 -25.30
CA THR B 316 -26.44 16.47 -26.57
C THR B 316 -27.60 17.47 -26.62
N GLY B 317 -27.29 18.71 -27.01
CA GLY B 317 -28.33 19.66 -27.30
C GLY B 317 -28.42 19.96 -28.78
N GLU B 318 -27.36 19.64 -29.52
CA GLU B 318 -27.27 19.98 -30.93
C GLU B 318 -26.73 18.78 -31.70
N ILE B 319 -27.25 18.61 -32.90
CA ILE B 319 -26.75 17.63 -33.85
C ILE B 319 -26.61 18.31 -35.21
N ILE B 320 -25.45 18.17 -35.83
CA ILE B 320 -25.24 18.72 -37.16
C ILE B 320 -26.10 17.96 -38.17
N GLY B 321 -27.19 18.56 -38.60
CA GLY B 321 -28.01 17.98 -39.66
C GLY B 321 -29.05 16.97 -39.18
N ASP B 322 -29.42 16.07 -40.09
CA ASP B 322 -30.46 15.08 -39.87
C ASP B 322 -29.84 13.70 -39.68
N ILE B 323 -30.29 13.02 -38.64
CA ILE B 323 -29.60 11.83 -38.14
C ILE B 323 -30.02 10.62 -38.95
N ARG B 324 -29.06 9.79 -39.31
CA ARG B 324 -29.32 8.54 -40.00
C ARG B 324 -29.28 7.40 -39.01
N GLN B 325 -30.09 6.37 -39.26
CA GLN B 325 -30.21 5.26 -38.32
C GLN B 325 -28.91 4.47 -38.25
N ALA B 326 -28.45 4.25 -37.02
CA ALA B 326 -27.23 3.50 -36.78
C ALA B 326 -27.38 2.06 -37.26
N HIS B 327 -26.31 1.55 -37.87
CA HIS B 327 -26.30 0.21 -38.42
C HIS B 327 -24.91 -0.37 -38.32
N CYS B 328 -24.84 -1.69 -38.31
CA CYS B 328 -23.59 -2.41 -38.50
C CYS B 328 -23.66 -3.13 -39.84
N ASN B 329 -22.72 -2.81 -40.73
CA ASN B 329 -22.80 -3.17 -42.14
C ASN B 329 -21.97 -4.42 -42.39
N ILE B 330 -22.56 -5.40 -43.09
CA ILE B 330 -21.89 -6.68 -43.35
C ILE B 330 -22.62 -7.37 -44.50
N SER B 331 -21.87 -8.16 -45.28
CA SER B 331 -22.49 -8.98 -46.31
C SER B 331 -22.90 -10.33 -45.75
N ARG B 332 -24.07 -10.80 -46.18
CA ARG B 332 -24.61 -12.07 -45.70
C ARG B 332 -23.81 -13.27 -46.17
N ALA B 333 -23.16 -13.18 -47.33
CA ALA B 333 -22.64 -14.36 -48.02
C ALA B 333 -21.50 -15.00 -47.24
N LYS B 334 -20.63 -14.20 -46.65
CA LYS B 334 -19.58 -14.75 -45.80
C LYS B 334 -20.18 -15.38 -44.56
N TRP B 335 -21.16 -14.71 -43.97
CA TRP B 335 -21.91 -15.27 -42.85
C TRP B 335 -22.70 -16.49 -43.29
N ASN B 336 -23.17 -16.50 -44.54
CA ASN B 336 -23.83 -17.67 -45.10
C ASN B 336 -22.87 -18.85 -45.17
N ASP B 337 -21.59 -18.57 -45.38
CA ASP B 337 -20.60 -19.65 -45.41
C ASP B 337 -20.39 -20.23 -44.02
N THR B 338 -20.40 -19.37 -43.01
CA THR B 338 -20.07 -19.77 -41.65
C THR B 338 -21.12 -20.70 -41.08
N LEU B 339 -22.37 -20.49 -41.45
CA LEU B 339 -23.48 -21.24 -40.86
C LEU B 339 -23.42 -22.70 -41.26
N LYS B 340 -22.97 -22.97 -42.49
CA LYS B 340 -22.74 -24.34 -42.93
C LYS B 340 -21.61 -24.98 -42.12
N GLN B 341 -20.60 -24.18 -41.77
CA GLN B 341 -19.44 -24.69 -41.05
C GLN B 341 -19.82 -25.08 -39.64
N ILE B 342 -20.85 -24.43 -39.10
CA ILE B 342 -21.38 -24.77 -37.79
C ILE B 342 -21.97 -26.16 -37.80
N VAL B 343 -22.80 -26.44 -38.81
CA VAL B 343 -23.55 -27.68 -38.91
C VAL B 343 -22.60 -28.86 -39.07
N ILE B 344 -21.44 -28.61 -39.66
CA ILE B 344 -20.35 -29.59 -39.72
C ILE B 344 -19.94 -30.00 -38.31
N LYS B 345 -19.78 -29.02 -37.42
CA LYS B 345 -19.48 -29.34 -36.03
C LYS B 345 -20.69 -29.90 -35.32
N LEU B 346 -21.88 -29.48 -35.73
CA LEU B 346 -23.09 -30.03 -35.14
C LEU B 346 -23.29 -31.48 -35.53
N ARG B 347 -22.95 -31.81 -36.77
CA ARG B 347 -23.08 -33.19 -37.22
C ARG B 347 -22.01 -34.07 -36.60
N GLU B 348 -20.89 -33.48 -36.19
CA GLU B 348 -19.90 -34.22 -35.41
C GLU B 348 -20.46 -34.61 -34.05
N GLN B 349 -21.28 -33.75 -33.46
CA GLN B 349 -21.87 -34.07 -32.17
C GLN B 349 -23.20 -34.81 -32.34
N PHE B 350 -24.09 -34.30 -33.20
CA PHE B 350 -25.45 -34.90 -33.32
C PHE B 350 -25.49 -35.91 -34.47
N GLU B 351 -26.16 -37.04 -34.25
CA GLU B 351 -26.30 -38.08 -35.31
C GLU B 351 -26.91 -37.45 -36.56
N ASN B 352 -28.07 -36.80 -36.43
CA ASN B 352 -28.74 -36.11 -37.58
C ASN B 352 -29.86 -35.23 -37.05
N LYS B 353 -29.57 -34.39 -36.05
CA LYS B 353 -30.62 -33.54 -35.45
C LYS B 353 -30.93 -32.37 -36.39
N THR B 354 -32.15 -31.81 -36.29
CA THR B 354 -32.51 -30.62 -37.10
C THR B 354 -31.91 -29.40 -36.42
N ILE B 355 -31.50 -28.41 -37.21
CA ILE B 355 -30.82 -27.23 -36.71
C ILE B 355 -31.70 -26.01 -36.93
N VAL B 356 -32.16 -25.41 -35.83
CA VAL B 356 -33.17 -24.36 -35.85
C VAL B 356 -32.62 -23.14 -35.08
N PHE B 357 -32.96 -21.94 -35.56
CA PHE B 357 -32.54 -20.69 -34.92
C PHE B 357 -33.74 -19.78 -34.71
N ASN B 358 -34.34 -19.84 -33.55
CA ASN B 358 -35.26 -18.79 -33.16
C ASN B 358 -34.45 -17.69 -32.47
N HIS B 359 -35.11 -16.61 -32.09
CA HIS B 359 -34.50 -15.52 -31.34
C HIS B 359 -34.83 -15.77 -29.87
N SER B 360 -33.91 -15.37 -29.00
CA SER B 360 -34.04 -15.59 -27.56
C SER B 360 -35.17 -14.75 -26.96
N SER B 361 -35.52 -15.05 -25.71
CA SER B 361 -36.68 -14.49 -25.04
C SER B 361 -36.53 -13.00 -24.78
N GLY B 362 -37.62 -12.39 -24.30
CA GLY B 362 -37.68 -10.96 -24.13
C GLY B 362 -36.83 -10.39 -23.01
N GLY B 363 -36.60 -11.17 -21.96
CA GLY B 363 -35.86 -10.68 -20.81
C GLY B 363 -34.37 -10.52 -21.09
N ASP B 364 -33.69 -9.78 -20.19
CA ASP B 364 -32.27 -9.43 -20.26
C ASP B 364 -31.94 -8.74 -21.59
N PRO B 365 -32.37 -7.49 -21.78
CA PRO B 365 -32.28 -6.87 -23.12
C PRO B 365 -30.87 -6.63 -23.58
N GLU B 366 -29.96 -6.32 -22.66
CA GLU B 366 -28.55 -6.21 -23.02
C GLU B 366 -27.96 -7.56 -23.41
N ILE B 367 -28.44 -8.65 -22.81
CA ILE B 367 -28.03 -9.98 -23.27
C ILE B 367 -28.61 -10.33 -24.63
N VAL B 368 -29.86 -9.95 -24.88
CA VAL B 368 -30.52 -10.22 -26.16
C VAL B 368 -29.82 -9.53 -27.32
N MET B 369 -29.60 -8.23 -27.20
CA MET B 369 -28.93 -7.50 -28.27
C MET B 369 -27.43 -7.69 -28.18
N HIS B 370 -26.68 -6.84 -28.84
CA HIS B 370 -25.23 -7.00 -28.86
C HIS B 370 -24.58 -5.71 -28.40
N SER B 371 -23.88 -5.79 -27.29
CA SER B 371 -23.23 -4.62 -26.76
C SER B 371 -21.95 -4.33 -27.52
N PHE B 372 -21.94 -3.21 -28.21
CA PHE B 372 -20.75 -2.77 -28.92
C PHE B 372 -20.28 -1.57 -28.13
N ASN B 373 -19.14 -1.73 -27.46
CA ASN B 373 -18.62 -0.70 -26.58
C ASN B 373 -17.53 0.12 -27.25
N CYS B 374 -17.44 0.04 -28.58
CA CYS B 374 -16.37 0.69 -29.31
C CYS B 374 -16.56 2.21 -29.28
N GLY B 375 -15.43 2.90 -29.40
CA GLY B 375 -15.42 4.35 -29.26
C GLY B 375 -15.74 4.84 -27.88
N GLY B 376 -15.60 3.99 -26.86
CA GLY B 376 -16.13 4.29 -25.55
C GLY B 376 -17.62 4.45 -25.50
N GLU B 377 -18.34 3.89 -26.46
CA GLU B 377 -19.75 4.15 -26.66
C GLU B 377 -20.49 2.84 -26.81
N PHE B 378 -21.56 2.67 -26.05
CA PHE B 378 -22.15 1.35 -25.81
C PHE B 378 -23.33 1.09 -26.74
N PHE B 379 -23.00 0.66 -27.95
CA PHE B 379 -24.02 0.42 -28.96
C PHE B 379 -24.75 -0.88 -28.68
N TYR B 380 -26.01 -0.93 -29.08
CA TYR B 380 -26.80 -2.14 -29.08
C TYR B 380 -27.58 -2.22 -30.37
N CYS B 381 -27.55 -3.41 -30.99
CA CYS B 381 -28.14 -3.55 -32.31
C CYS B 381 -29.09 -4.74 -32.32
N ASN B 382 -30.25 -4.53 -32.96
CA ASN B 382 -31.23 -5.60 -33.08
C ASN B 382 -30.73 -6.65 -34.05
N SER B 383 -30.69 -7.89 -33.59
CA SER B 383 -30.28 -9.00 -34.43
C SER B 383 -31.47 -9.87 -34.80
N THR B 384 -32.68 -9.32 -34.82
CA THR B 384 -33.79 -10.20 -35.28
C THR B 384 -33.73 -10.36 -36.81
N GLN B 385 -32.91 -9.54 -37.45
CA GLN B 385 -32.73 -9.71 -38.92
C GLN B 385 -31.63 -10.73 -39.17
N LEU B 386 -31.17 -11.45 -38.13
CA LEU B 386 -30.10 -12.39 -38.38
C LEU B 386 -30.57 -13.83 -38.49
N PHE B 387 -31.49 -14.27 -37.63
CA PHE B 387 -31.89 -15.67 -37.63
C PHE B 387 -33.32 -15.88 -38.10
N ASN B 388 -33.74 -15.13 -39.12
CA ASN B 388 -34.96 -15.49 -39.85
C ASN B 388 -34.80 -16.87 -40.47
N SER B 389 -33.61 -17.18 -40.95
CA SER B 389 -33.32 -18.50 -41.47
C SER B 389 -32.99 -19.44 -40.31
N THR B 390 -33.70 -20.56 -40.25
CA THR B 390 -33.25 -21.72 -39.51
C THR B 390 -32.65 -22.68 -40.50
N TRP B 391 -31.75 -23.54 -40.04
CA TRP B 391 -30.92 -24.27 -40.98
C TRP B 391 -31.66 -25.45 -41.60
N ASN B 392 -31.57 -25.54 -42.92
CA ASN B 392 -32.13 -26.66 -43.66
C ASN B 392 -31.26 -27.89 -43.49
N ASN B 393 -31.83 -28.94 -42.94
CA ASN B 393 -31.21 -30.26 -43.02
C ASN B 393 -31.24 -30.71 -44.47
N ASN B 394 -30.06 -30.81 -45.08
CA ASN B 394 -29.97 -31.13 -46.50
C ASN B 394 -30.31 -32.58 -46.78
N THR B 395 -30.27 -33.42 -45.76
CA THR B 395 -30.74 -34.80 -45.86
C THR B 395 -32.24 -34.82 -46.08
N THR B 401 -27.87 -12.95 -55.87
CA THR B 401 -28.02 -13.24 -54.45
C THR B 401 -29.12 -12.39 -53.84
N GLU B 402 -30.11 -13.04 -53.24
CA GLU B 402 -31.21 -12.36 -52.58
C GLU B 402 -30.68 -11.73 -51.29
N GLY B 403 -30.34 -10.45 -51.37
CA GLY B 403 -29.77 -9.77 -50.22
C GLY B 403 -28.35 -10.20 -49.92
N ASN B 404 -27.40 -9.77 -50.75
CA ASN B 404 -25.99 -10.05 -50.50
C ASN B 404 -25.52 -9.43 -49.19
N THR B 405 -25.93 -8.21 -48.90
CA THR B 405 -25.43 -7.47 -47.75
C THR B 405 -26.56 -7.22 -46.76
N ILE B 406 -26.17 -6.91 -45.53
CA ILE B 406 -27.14 -6.67 -44.47
C ILE B 406 -26.64 -5.68 -43.43
N THR B 407 -27.46 -4.68 -43.13
CA THR B 407 -27.23 -3.76 -42.03
C THR B 407 -28.29 -3.99 -40.97
N LEU B 408 -27.92 -3.78 -39.71
CA LEU B 408 -28.78 -4.19 -38.63
C LEU B 408 -29.29 -2.99 -37.87
N PRO B 409 -30.54 -2.99 -37.40
CA PRO B 409 -31.07 -1.84 -36.68
C PRO B 409 -30.42 -1.72 -35.31
N CYS B 410 -30.03 -0.50 -34.96
CA CYS B 410 -29.19 -0.29 -33.79
C CYS B 410 -29.74 0.83 -32.92
N ARG B 411 -29.59 0.68 -31.61
CA ARG B 411 -29.75 1.77 -30.67
C ARG B 411 -28.71 1.65 -29.58
N ILE B 412 -27.78 2.57 -29.58
CA ILE B 412 -26.89 2.79 -28.44
C ILE B 412 -27.72 3.24 -27.25
N LYS B 413 -27.28 2.90 -26.05
CA LYS B 413 -27.88 3.38 -24.82
C LYS B 413 -26.93 4.35 -24.13
N GLN B 414 -27.49 5.26 -23.34
CA GLN B 414 -26.68 6.28 -22.68
C GLN B 414 -26.36 5.89 -21.25
N ILE B 415 -27.18 5.05 -20.62
CA ILE B 415 -26.94 4.58 -19.27
C ILE B 415 -26.66 3.08 -19.32
N ILE B 416 -25.63 2.65 -18.58
CA ILE B 416 -25.12 1.27 -18.62
C ILE B 416 -25.04 0.76 -17.20
N ASN B 417 -25.69 -0.38 -16.94
CA ASN B 417 -25.77 -0.88 -15.57
C ASN B 417 -24.70 -1.91 -15.28
N MET B 418 -24.26 -1.90 -14.02
CA MET B 418 -23.54 -3.04 -13.46
C MET B 418 -24.43 -4.27 -13.50
N TRP B 419 -23.85 -5.38 -13.95
CA TRP B 419 -24.66 -6.55 -14.28
C TRP B 419 -24.83 -7.51 -13.11
N GLN B 420 -23.80 -7.68 -12.28
CA GLN B 420 -23.83 -8.77 -11.33
C GLN B 420 -24.67 -8.44 -10.10
N GLU B 421 -25.01 -7.16 -9.90
CA GLU B 421 -25.83 -6.78 -8.76
C GLU B 421 -26.71 -5.60 -9.15
N VAL B 422 -27.49 -5.12 -8.17
CA VAL B 422 -28.45 -4.04 -8.42
C VAL B 422 -27.97 -2.77 -7.71
N GLY B 423 -27.67 -1.76 -8.52
CA GLY B 423 -27.04 -0.55 -8.02
C GLY B 423 -25.88 -0.19 -8.91
N LYS B 424 -25.47 1.09 -8.87
CA LYS B 424 -24.23 1.55 -9.50
C LYS B 424 -24.20 1.31 -11.01
N ALA B 425 -25.07 2.01 -11.74
CA ALA B 425 -24.95 2.03 -13.18
C ALA B 425 -23.95 3.11 -13.60
N MET B 426 -23.40 2.94 -14.79
CA MET B 426 -22.34 3.79 -15.29
C MET B 426 -22.91 4.67 -16.39
N TYR B 427 -22.74 5.97 -16.26
CA TYR B 427 -23.20 6.91 -17.26
C TYR B 427 -22.05 7.49 -18.06
N ALA B 428 -22.24 7.55 -19.38
CA ALA B 428 -21.23 8.09 -20.27
C ALA B 428 -21.74 9.36 -20.93
N PRO B 429 -20.88 10.37 -21.12
CA PRO B 429 -21.29 11.58 -21.79
C PRO B 429 -21.24 11.41 -23.30
N PRO B 430 -21.97 12.24 -24.05
CA PRO B 430 -21.89 12.16 -25.51
C PRO B 430 -20.57 12.69 -26.04
N ILE B 431 -20.40 12.52 -27.35
CA ILE B 431 -19.18 12.88 -28.04
C ILE B 431 -19.49 14.06 -28.96
N ARG B 432 -18.46 14.80 -29.33
CA ARG B 432 -18.66 15.90 -30.31
C ARG B 432 -18.50 15.31 -31.71
N GLY B 433 -18.91 14.05 -31.91
CA GLY B 433 -18.68 13.41 -33.21
C GLY B 433 -19.48 12.15 -33.48
N GLN B 434 -19.14 11.41 -34.54
CA GLN B 434 -19.83 10.21 -34.95
C GLN B 434 -18.82 9.18 -35.47
N ILE B 435 -18.95 7.95 -35.00
CA ILE B 435 -17.84 7.00 -35.01
C ILE B 435 -18.17 5.78 -35.87
N ARG B 436 -17.25 5.40 -36.74
CA ARG B 436 -17.34 4.21 -37.59
C ARG B 436 -16.27 3.25 -37.11
N CYS B 437 -16.60 2.38 -36.17
CA CYS B 437 -15.63 1.40 -35.71
C CYS B 437 -15.84 0.10 -36.46
N SER B 438 -14.79 -0.72 -36.52
CA SER B 438 -14.86 -2.00 -37.17
C SER B 438 -14.01 -2.99 -36.40
N SER B 439 -14.47 -4.24 -36.33
CA SER B 439 -13.76 -5.27 -35.60
C SER B 439 -14.01 -6.63 -36.22
N ASN B 440 -12.93 -7.39 -36.38
CA ASN B 440 -13.02 -8.77 -36.81
C ASN B 440 -13.71 -9.62 -35.76
N ILE B 441 -14.52 -10.58 -36.20
CA ILE B 441 -15.33 -11.39 -35.30
C ILE B 441 -14.88 -12.84 -35.39
N THR B 442 -14.49 -13.42 -34.26
CA THR B 442 -13.82 -14.70 -34.27
C THR B 442 -14.51 -15.81 -33.50
N GLY B 443 -15.72 -15.59 -32.98
CA GLY B 443 -16.33 -16.65 -32.20
C GLY B 443 -17.77 -16.33 -31.87
N LEU B 444 -18.37 -17.22 -31.10
CA LEU B 444 -19.80 -17.13 -30.85
C LEU B 444 -20.13 -17.82 -29.53
N LEU B 445 -21.25 -17.42 -28.94
CA LEU B 445 -21.74 -17.96 -27.68
C LEU B 445 -23.20 -18.35 -27.87
N LEU B 446 -23.53 -19.61 -27.60
CA LEU B 446 -24.86 -20.11 -27.87
C LEU B 446 -25.39 -20.98 -26.75
N THR B 447 -26.71 -20.96 -26.59
CA THR B 447 -27.41 -21.87 -25.69
C THR B 447 -27.65 -23.21 -26.37
N ARG B 448 -27.91 -24.22 -25.54
CA ARG B 448 -28.36 -25.52 -26.04
C ARG B 448 -29.85 -25.50 -26.35
N ASP B 449 -30.63 -24.80 -25.52
CA ASP B 449 -32.09 -24.80 -25.53
C ASP B 449 -32.63 -26.22 -25.41
N GLY B 450 -32.32 -26.86 -24.29
CA GLY B 450 -32.66 -28.25 -24.08
C GLY B 450 -34.13 -28.55 -23.89
N GLY B 451 -34.58 -29.70 -24.39
CA GLY B 451 -35.96 -30.10 -24.26
C GLY B 451 -36.27 -31.18 -25.28
N ILE B 452 -37.56 -31.39 -25.50
CA ILE B 452 -38.03 -32.30 -26.54
C ILE B 452 -39.37 -31.80 -27.07
N ASN B 453 -39.43 -31.50 -28.37
CA ASN B 453 -40.65 -30.98 -28.97
C ASN B 453 -41.17 -31.83 -30.12
N GLU B 454 -40.36 -32.08 -31.15
CA GLU B 454 -40.80 -32.89 -32.27
C GLU B 454 -39.81 -34.00 -32.59
N ASN B 455 -38.97 -34.37 -31.61
CA ASN B 455 -38.13 -35.57 -31.63
C ASN B 455 -37.14 -35.54 -32.80
N GLY B 456 -36.21 -34.60 -32.71
CA GLY B 456 -35.16 -34.50 -33.71
C GLY B 456 -35.01 -33.08 -34.20
N THR B 457 -35.84 -32.19 -33.68
CA THR B 457 -35.81 -30.78 -34.02
C THR B 457 -35.48 -29.99 -32.77
N GLU B 458 -34.29 -29.40 -32.71
CA GLU B 458 -33.91 -28.58 -31.58
C GLU B 458 -33.51 -27.21 -32.09
N ILE B 459 -33.71 -26.22 -31.25
CA ILE B 459 -33.59 -24.83 -31.65
C ILE B 459 -32.35 -24.25 -30.99
N PHE B 460 -31.68 -23.35 -31.69
CA PHE B 460 -30.60 -22.56 -31.11
C PHE B 460 -31.01 -21.09 -31.09
N ARG B 461 -31.67 -20.71 -30.00
CA ARG B 461 -31.74 -19.31 -29.62
C ARG B 461 -30.34 -18.86 -29.22
N PRO B 462 -30.00 -17.58 -29.43
CA PRO B 462 -28.62 -17.14 -29.17
C PRO B 462 -28.31 -17.10 -27.68
N GLY B 463 -27.02 -17.28 -27.35
CA GLY B 463 -26.63 -17.45 -25.97
C GLY B 463 -25.75 -16.37 -25.36
N GLY B 464 -26.27 -15.67 -24.35
CA GLY B 464 -25.51 -14.61 -23.70
C GLY B 464 -25.02 -15.05 -22.32
N GLY B 465 -23.94 -14.42 -21.86
CA GLY B 465 -23.30 -14.79 -20.62
C GLY B 465 -22.80 -13.60 -19.81
N ASP B 466 -21.81 -13.90 -18.95
CA ASP B 466 -21.20 -12.90 -18.10
C ASP B 466 -19.88 -12.44 -18.71
N MET B 467 -19.13 -11.64 -17.96
CA MET B 467 -17.82 -11.19 -18.42
C MET B 467 -16.78 -12.29 -18.31
N ARG B 468 -17.02 -13.30 -17.48
CA ARG B 468 -16.02 -14.32 -17.22
C ARG B 468 -15.77 -15.16 -18.46
N ASP B 469 -16.83 -15.60 -19.10
CA ASP B 469 -16.72 -16.50 -20.23
C ASP B 469 -16.16 -15.82 -21.46
N ASN B 470 -16.27 -14.49 -21.52
CA ASN B 470 -15.48 -13.73 -22.48
C ASN B 470 -14.00 -13.98 -22.28
N TRP B 471 -13.57 -14.11 -21.04
CA TRP B 471 -12.16 -14.08 -20.72
C TRP B 471 -11.60 -15.47 -20.52
N ARG B 472 -12.48 -16.45 -20.40
CA ARG B 472 -12.05 -17.85 -20.34
C ARG B 472 -11.43 -18.25 -21.65
N SER B 473 -12.03 -17.77 -22.74
CA SER B 473 -11.82 -18.33 -24.07
C SER B 473 -10.38 -18.20 -24.55
N GLU B 474 -9.81 -17.01 -24.41
CA GLU B 474 -8.43 -16.79 -24.80
C GLU B 474 -7.48 -17.49 -23.85
N LEU B 475 -7.92 -17.71 -22.61
CA LEU B 475 -7.08 -18.34 -21.62
C LEU B 475 -7.21 -19.84 -21.62
N TYR B 476 -7.87 -20.41 -22.63
CA TYR B 476 -8.07 -21.84 -22.72
C TYR B 476 -6.88 -22.58 -23.30
N LYS B 477 -5.69 -22.01 -23.19
CA LYS B 477 -4.47 -22.71 -23.54
C LYS B 477 -3.40 -22.43 -22.48
N TYR B 478 -3.80 -21.94 -21.32
CA TYR B 478 -2.87 -21.42 -20.33
C TYR B 478 -3.23 -21.91 -18.95
N LYS B 479 -2.29 -22.57 -18.29
CA LYS B 479 -2.44 -22.97 -16.89
C LYS B 479 -1.11 -22.78 -16.20
N VAL B 480 -1.14 -22.34 -14.94
CA VAL B 480 0.07 -21.99 -14.22
C VAL B 480 0.25 -22.93 -13.03
N VAL B 481 1.50 -23.25 -12.75
CA VAL B 481 1.89 -24.18 -11.70
C VAL B 481 2.94 -23.51 -10.84
N LYS B 482 3.26 -24.11 -9.70
CA LYS B 482 4.35 -23.59 -8.90
C LYS B 482 5.57 -24.46 -9.07
N ILE B 483 6.65 -24.10 -8.38
CA ILE B 483 7.90 -24.84 -8.44
C ILE B 483 8.39 -25.13 -7.04
N GLU B 484 8.51 -26.42 -6.71
CA GLU B 484 9.32 -26.89 -5.60
C GLU B 484 10.63 -27.35 -6.19
N PRO B 485 11.70 -26.57 -6.06
CA PRO B 485 12.98 -26.98 -6.65
C PRO B 485 13.63 -28.14 -5.94
N LEU B 486 13.23 -28.42 -4.71
CA LEU B 486 13.91 -29.44 -3.93
C LEU B 486 13.38 -30.82 -4.27
N GLY B 487 14.31 -31.77 -4.39
CA GLY B 487 13.95 -33.18 -4.46
C GLY B 487 14.99 -34.00 -3.71
N VAL B 488 14.66 -35.27 -3.48
CA VAL B 488 15.62 -36.17 -2.81
C VAL B 488 15.40 -37.63 -3.19
N ALA B 489 16.46 -38.28 -3.66
CA ALA B 489 16.42 -39.65 -4.15
C ALA B 489 17.66 -40.36 -3.65
N PRO B 490 17.60 -41.68 -3.46
CA PRO B 490 18.78 -42.40 -2.97
C PRO B 490 19.89 -42.44 -4.01
N THR B 491 21.07 -42.84 -3.53
CA THR B 491 22.29 -42.68 -4.29
C THR B 491 22.35 -43.61 -5.49
N LYS B 492 23.26 -43.30 -6.41
CA LYS B 492 23.56 -44.18 -7.51
C LYS B 492 24.63 -45.18 -7.09
N ALA B 493 25.18 -45.88 -8.08
CA ALA B 493 26.23 -46.85 -7.80
C ALA B 493 27.54 -46.14 -7.46
N LYS B 494 28.09 -45.41 -8.42
CA LYS B 494 29.36 -44.72 -8.24
C LYS B 494 29.11 -43.30 -7.78
N ARG B 495 29.84 -42.89 -6.76
CA ARG B 495 29.70 -41.55 -6.21
C ARG B 495 30.34 -40.52 -7.12
N ALA B 509 25.13 -29.90 -25.79
CA ALA B 509 25.59 -28.98 -26.83
C ALA B 509 24.42 -28.21 -27.44
N VAL B 510 23.46 -27.84 -26.59
CA VAL B 510 22.26 -27.13 -27.02
C VAL B 510 21.70 -26.43 -25.79
N PHE B 511 20.84 -25.44 -26.01
CA PHE B 511 19.94 -25.01 -24.95
C PHE B 511 18.88 -26.07 -24.72
N LEU B 512 18.60 -26.36 -23.46
CA LEU B 512 17.69 -27.43 -23.09
C LEU B 512 16.36 -26.84 -22.65
N GLY B 513 15.32 -27.68 -22.62
CA GLY B 513 14.03 -27.21 -22.17
C GLY B 513 14.00 -27.01 -20.67
N PHE B 514 13.06 -26.17 -20.22
CA PHE B 514 12.80 -26.04 -18.79
C PHE B 514 12.31 -27.35 -18.21
N LEU B 515 11.40 -28.02 -18.91
CA LEU B 515 10.80 -29.23 -18.40
C LEU B 515 11.05 -30.43 -19.29
N GLY B 516 11.88 -30.28 -20.34
CA GLY B 516 12.21 -31.41 -21.18
C GLY B 516 13.05 -32.44 -20.47
N ALA B 517 13.76 -32.02 -19.42
CA ALA B 517 14.42 -32.98 -18.54
C ALA B 517 13.39 -33.86 -17.84
N ALA B 518 12.27 -33.28 -17.42
CA ALA B 518 11.15 -34.09 -16.97
C ALA B 518 10.31 -34.56 -18.15
N GLY B 519 10.46 -33.90 -19.29
CA GLY B 519 9.82 -34.31 -20.52
C GLY B 519 10.29 -35.69 -20.94
N SER B 520 11.60 -35.85 -21.07
CA SER B 520 12.19 -37.12 -21.39
C SER B 520 13.49 -37.29 -20.63
N THR B 521 13.88 -38.56 -20.47
CA THR B 521 15.12 -38.99 -19.80
C THR B 521 15.21 -38.43 -18.38
N MET B 522 14.29 -38.88 -17.54
CA MET B 522 14.27 -38.41 -16.17
C MET B 522 15.45 -38.95 -15.39
N GLY B 523 16.00 -40.08 -15.82
CA GLY B 523 17.26 -40.54 -15.32
C GLY B 523 18.37 -39.61 -15.72
N ALA B 524 18.38 -39.24 -17.00
CA ALA B 524 19.37 -38.29 -17.48
C ALA B 524 18.91 -36.85 -17.31
N ALA B 525 17.94 -36.60 -16.43
CA ALA B 525 17.53 -35.25 -16.08
C ALA B 525 18.48 -34.68 -15.02
N SER B 526 19.53 -35.44 -14.69
CA SER B 526 20.54 -35.14 -13.70
C SER B 526 21.38 -33.92 -14.02
N MET B 527 21.22 -33.31 -15.19
CA MET B 527 21.95 -32.11 -15.54
C MET B 527 20.95 -31.00 -15.80
N THR B 528 21.50 -29.81 -16.08
CA THR B 528 20.80 -28.59 -16.47
C THR B 528 19.83 -28.06 -15.43
N LEU B 529 19.96 -28.48 -14.17
CA LEU B 529 18.96 -28.12 -13.16
C LEU B 529 19.00 -26.64 -12.85
N THR B 530 20.19 -26.03 -12.98
CA THR B 530 20.37 -24.66 -12.54
C THR B 530 19.66 -23.69 -13.45
N VAL B 531 19.85 -23.84 -14.76
CA VAL B 531 19.30 -22.90 -15.73
C VAL B 531 17.79 -23.03 -15.80
N GLN B 532 17.27 -24.18 -15.35
CA GLN B 532 15.85 -24.33 -15.16
C GLN B 532 15.34 -23.45 -14.03
N ALA B 533 16.23 -23.03 -13.13
CA ALA B 533 15.81 -22.14 -12.06
C ALA B 533 16.07 -20.67 -12.38
N ARG B 534 17.01 -20.39 -13.29
CA ARG B 534 17.52 -19.02 -13.44
C ARG B 534 16.52 -18.11 -14.12
N LEU B 535 15.49 -18.68 -14.72
CA LEU B 535 14.44 -17.88 -15.31
C LEU B 535 13.16 -17.97 -14.50
N LEU B 536 12.94 -19.06 -13.77
CA LEU B 536 11.62 -19.32 -13.25
C LEU B 536 11.41 -18.75 -11.84
N LEU B 537 12.24 -19.14 -10.87
CA LEU B 537 12.21 -18.43 -9.59
C LEU B 537 13.43 -17.53 -9.47
N SER B 538 14.62 -18.04 -9.80
CA SER B 538 15.86 -17.23 -9.63
C SER B 538 15.75 -15.97 -10.48
N GLY B 539 16.45 -14.92 -10.08
CA GLY B 539 16.19 -13.64 -10.78
C GLY B 539 14.83 -13.27 -10.24
N ILE B 540 14.72 -13.20 -8.91
CA ILE B 540 13.43 -12.88 -8.22
C ILE B 540 12.65 -11.91 -9.10
N VAL B 541 13.32 -10.90 -9.64
CA VAL B 541 12.66 -9.97 -10.56
C VAL B 541 13.18 -10.32 -11.94
N GLN B 542 12.39 -11.12 -12.66
CA GLN B 542 12.71 -11.39 -14.04
C GLN B 542 11.96 -10.44 -14.97
N GLN B 543 10.86 -9.90 -14.50
CA GLN B 543 10.13 -8.89 -15.27
C GLN B 543 10.91 -7.57 -15.27
N GLN B 544 11.31 -7.14 -16.47
CA GLN B 544 12.16 -5.96 -16.72
C GLN B 544 13.40 -6.01 -15.84
N ASN B 545 14.26 -7.02 -16.12
CA ASN B 545 15.46 -7.28 -15.33
C ASN B 545 16.32 -6.03 -15.17
N ASN B 546 16.89 -5.89 -13.95
CA ASN B 546 17.32 -4.69 -13.18
C ASN B 546 16.14 -4.08 -12.40
N LEU B 547 14.93 -4.65 -12.50
CA LEU B 547 13.69 -4.09 -11.91
C LEU B 547 13.48 -2.65 -12.37
N LEU B 548 13.12 -2.49 -13.64
CA LEU B 548 12.94 -1.16 -14.22
C LEU B 548 11.78 -0.43 -13.57
N ARG B 549 12.11 0.53 -12.70
CA ARG B 549 11.14 1.52 -12.27
C ARG B 549 10.84 2.41 -13.46
N ALA B 550 9.60 2.35 -13.92
CA ALA B 550 9.21 2.82 -15.23
C ALA B 550 7.89 3.54 -15.06
N ILE B 551 7.12 3.68 -16.15
CA ILE B 551 5.86 4.44 -16.16
C ILE B 551 4.77 3.90 -15.25
N GLU B 552 5.02 2.79 -14.54
CA GLU B 552 4.22 2.46 -13.37
C GLU B 552 4.78 3.10 -12.12
N ALA B 553 6.08 2.93 -11.86
CA ALA B 553 6.70 3.64 -10.74
C ALA B 553 6.71 5.14 -10.98
N GLN B 554 6.87 5.55 -12.23
CA GLN B 554 6.56 6.90 -12.64
C GLN B 554 5.04 7.09 -12.68
N GLN B 555 4.59 8.26 -12.19
CA GLN B 555 3.30 8.87 -12.57
C GLN B 555 2.11 8.08 -12.00
N ARG B 556 2.35 7.27 -10.98
CA ARG B 556 1.28 6.54 -10.32
C ARG B 556 0.53 7.45 -9.34
N MET B 557 -0.79 7.51 -9.49
CA MET B 557 -1.60 8.25 -8.54
C MET B 557 -1.69 7.49 -7.23
N LEU B 558 -1.58 8.22 -6.12
CA LEU B 558 -1.93 7.81 -4.75
C LEU B 558 -0.96 6.80 -4.14
N GLN B 559 -0.07 6.21 -4.95
CA GLN B 559 0.86 5.13 -4.62
C GLN B 559 0.14 3.89 -4.03
N LEU B 560 -1.18 3.80 -4.18
CA LEU B 560 -1.98 2.73 -3.62
C LEU B 560 -2.68 2.08 -4.79
N THR B 561 -1.99 1.15 -5.42
CA THR B 561 -2.48 0.56 -6.66
C THR B 561 -2.91 -0.87 -6.42
N VAL B 562 -3.71 -1.39 -7.33
CA VAL B 562 -3.97 -2.82 -7.34
C VAL B 562 -2.70 -3.57 -7.72
N TRP B 563 -1.88 -2.98 -8.57
CA TRP B 563 -0.75 -3.71 -9.10
C TRP B 563 0.44 -3.66 -8.16
N GLY B 564 0.88 -2.46 -7.78
CA GLY B 564 2.14 -2.31 -7.09
C GLY B 564 2.12 -2.86 -5.69
N ILE B 565 0.98 -2.71 -5.01
CA ILE B 565 0.83 -3.32 -3.68
C ILE B 565 0.86 -4.83 -3.78
N LYS B 566 0.21 -5.39 -4.80
CA LYS B 566 0.36 -6.81 -5.08
C LYS B 566 1.77 -7.11 -5.57
N GLN B 567 2.38 -6.16 -6.29
CA GLN B 567 3.78 -6.34 -6.67
C GLN B 567 4.68 -6.28 -5.45
N LEU B 568 4.37 -5.39 -4.51
CA LEU B 568 5.02 -5.43 -3.21
C LEU B 568 4.79 -6.75 -2.53
N GLN B 569 3.55 -7.26 -2.61
CA GLN B 569 3.26 -8.59 -2.13
C GLN B 569 3.96 -9.66 -2.95
N ALA B 570 4.28 -9.36 -4.21
CA ALA B 570 4.86 -10.39 -5.06
C ALA B 570 6.29 -10.71 -4.65
N ARG B 571 7.13 -9.69 -4.60
CA ARG B 571 8.57 -9.93 -4.48
C ARG B 571 8.92 -10.38 -3.08
N VAL B 572 8.10 -10.01 -2.10
CA VAL B 572 8.35 -10.51 -0.75
C VAL B 572 8.03 -11.99 -0.70
N LEU B 573 7.01 -12.44 -1.43
CA LEU B 573 6.65 -13.84 -1.39
C LEU B 573 7.60 -14.66 -2.23
N ALA B 574 8.35 -13.99 -3.10
CA ALA B 574 9.40 -14.67 -3.85
C ALA B 574 10.50 -15.13 -2.91
N VAL B 575 11.03 -14.22 -2.10
CA VAL B 575 12.28 -14.48 -1.41
C VAL B 575 12.06 -15.39 -0.22
N GLU B 576 10.91 -15.23 0.46
CA GLU B 576 10.66 -16.02 1.66
C GLU B 576 10.51 -17.49 1.35
N ARG B 577 10.10 -17.81 0.13
CA ARG B 577 10.33 -19.15 -0.37
C ARG B 577 11.83 -19.42 -0.39
N TYR B 578 12.55 -18.68 -1.23
CA TYR B 578 13.95 -18.93 -1.51
C TYR B 578 14.83 -18.86 -0.27
N LEU B 579 14.60 -17.85 0.56
CA LEU B 579 15.33 -17.79 1.80
C LEU B 579 14.86 -18.87 2.75
N GLY B 580 13.55 -19.08 2.83
CA GLY B 580 13.04 -20.15 3.67
C GLY B 580 13.42 -21.52 3.15
N ASP B 581 13.58 -21.64 1.84
CA ASP B 581 14.27 -22.81 1.29
C ASP B 581 15.68 -22.86 1.81
N GLN B 582 16.39 -21.73 1.75
CA GLN B 582 17.77 -21.72 2.15
C GLN B 582 17.91 -21.77 3.66
N GLN B 583 16.89 -21.29 4.38
CA GLN B 583 16.74 -21.64 5.78
C GLN B 583 16.70 -23.13 5.95
N LEU B 584 15.84 -23.78 5.17
CA LEU B 584 15.70 -25.22 5.25
C LEU B 584 16.93 -25.92 4.72
N LEU B 585 17.62 -25.30 3.75
CA LEU B 585 18.91 -25.81 3.33
C LEU B 585 19.92 -25.76 4.47
N GLY B 586 19.93 -24.66 5.22
CA GLY B 586 20.69 -24.63 6.44
C GLY B 586 20.16 -25.60 7.48
N ILE B 587 18.84 -25.82 7.50
CA ILE B 587 18.29 -26.86 8.36
C ILE B 587 18.67 -28.23 7.83
N TRP B 588 18.73 -28.38 6.51
CA TRP B 588 19.34 -29.60 5.99
C TRP B 588 20.85 -29.60 6.14
N GLY B 589 21.45 -28.47 6.52
CA GLY B 589 22.85 -28.43 6.83
C GLY B 589 23.75 -28.22 5.64
N CYS B 590 23.18 -27.99 4.46
CA CYS B 590 24.00 -27.73 3.30
C CYS B 590 23.32 -26.73 2.38
N SER B 591 24.11 -25.78 1.90
CA SER B 591 23.67 -24.77 0.94
C SER B 591 24.78 -24.62 -0.09
N GLY B 592 24.41 -24.15 -1.28
CA GLY B 592 25.39 -23.98 -2.34
C GLY B 592 25.84 -25.26 -3.00
N LYS B 593 25.13 -26.35 -2.78
CA LYS B 593 25.37 -27.62 -3.46
C LYS B 593 24.03 -28.06 -4.03
N LEU B 594 24.03 -28.52 -5.28
CA LEU B 594 22.80 -29.02 -5.86
C LEU B 594 22.37 -30.31 -5.18
N ILE B 595 23.33 -31.17 -4.87
CA ILE B 595 23.05 -32.42 -4.17
C ILE B 595 23.81 -32.42 -2.86
N CYS B 596 23.31 -33.20 -1.91
CA CYS B 596 23.97 -33.45 -0.64
C CYS B 596 23.69 -34.90 -0.32
N THR B 597 24.71 -35.74 -0.42
CA THR B 597 24.59 -37.11 0.04
C THR B 597 24.45 -37.13 1.55
N THR B 598 23.41 -37.80 2.05
CA THR B 598 23.07 -37.71 3.46
C THR B 598 23.19 -39.07 4.12
N ALA B 599 23.29 -39.03 5.45
CA ALA B 599 23.77 -40.16 6.24
C ALA B 599 22.68 -41.11 6.70
N VAL B 600 21.55 -41.21 6.00
CA VAL B 600 20.71 -42.39 6.23
C VAL B 600 20.76 -43.21 4.94
N PRO B 601 20.87 -44.54 5.03
CA PRO B 601 20.59 -45.36 3.87
C PRO B 601 19.09 -45.41 3.62
N TRP B 602 18.73 -45.54 2.36
CA TRP B 602 17.35 -45.68 1.93
C TRP B 602 16.81 -46.99 2.47
N ASN B 603 15.90 -46.92 3.44
CA ASN B 603 15.17 -48.11 3.80
C ASN B 603 14.18 -48.43 2.69
N ALA B 604 14.04 -49.73 2.40
CA ALA B 604 13.21 -50.16 1.27
C ALA B 604 11.75 -50.30 1.67
N SER B 605 11.38 -49.72 2.82
CA SER B 605 9.98 -49.66 3.22
C SER B 605 9.17 -48.81 2.25
N TRP B 606 9.81 -47.82 1.64
CA TRP B 606 9.15 -46.84 0.81
C TRP B 606 8.87 -47.37 -0.59
N SER B 607 9.85 -48.03 -1.20
CA SER B 607 9.70 -48.61 -2.51
C SER B 607 10.57 -49.85 -2.66
N ASN B 608 10.33 -50.60 -3.74
CA ASN B 608 11.00 -51.88 -3.96
C ASN B 608 11.58 -52.02 -5.37
N LYS B 609 11.69 -50.93 -6.13
CA LYS B 609 12.21 -50.99 -7.49
C LYS B 609 13.72 -51.17 -7.50
N SER B 610 14.26 -51.39 -8.70
CA SER B 610 15.71 -51.47 -8.85
C SER B 610 16.30 -50.09 -9.11
N LEU B 611 17.63 -49.99 -8.95
CA LEU B 611 18.31 -48.72 -9.09
C LEU B 611 18.29 -48.22 -10.52
N ASP B 612 18.54 -49.12 -11.47
CA ASP B 612 18.70 -48.71 -12.88
C ASP B 612 17.38 -48.25 -13.48
N ARG B 613 16.28 -48.91 -13.12
CA ARG B 613 14.97 -48.58 -13.67
C ARG B 613 14.53 -47.19 -13.29
N ILE B 614 14.91 -46.73 -12.10
CA ILE B 614 14.58 -45.37 -11.70
C ILE B 614 15.34 -44.37 -12.53
N TRP B 615 16.60 -44.67 -12.86
CA TRP B 615 17.35 -43.87 -13.80
C TRP B 615 17.07 -44.28 -15.23
N ASN B 616 16.22 -45.28 -15.45
CA ASN B 616 15.50 -45.45 -16.69
C ASN B 616 14.21 -44.63 -16.61
N ASN B 617 13.23 -44.97 -17.44
CA ASN B 617 12.09 -44.12 -17.71
C ASN B 617 11.11 -44.01 -16.56
N MET B 618 11.48 -43.34 -15.48
CA MET B 618 10.51 -43.06 -14.43
C MET B 618 10.31 -41.56 -14.31
N THR B 619 9.14 -41.08 -14.71
CA THR B 619 8.80 -39.66 -14.71
C THR B 619 8.88 -39.10 -13.30
N TRP B 620 9.36 -37.86 -13.20
CA TRP B 620 9.35 -37.16 -11.93
C TRP B 620 7.95 -37.06 -11.38
N MET B 621 6.98 -36.79 -12.25
CA MET B 621 5.58 -36.71 -11.85
C MET B 621 5.08 -38.06 -11.36
N GLU B 622 5.54 -39.15 -11.96
CA GLU B 622 5.36 -40.48 -11.39
C GLU B 622 6.05 -40.57 -10.04
N TRP B 623 7.33 -40.19 -10.02
CA TRP B 623 8.18 -40.50 -8.88
C TRP B 623 7.83 -39.63 -7.69
N GLU B 624 7.27 -38.45 -7.93
CA GLU B 624 6.88 -37.63 -6.79
C GLU B 624 5.66 -38.21 -6.09
N ARG B 625 4.72 -38.77 -6.82
CA ARG B 625 3.48 -39.19 -6.19
C ARG B 625 3.60 -40.60 -5.64
N GLU B 626 4.61 -41.34 -6.08
CA GLU B 626 4.93 -42.59 -5.41
C GLU B 626 5.51 -42.33 -4.03
N ILE B 627 6.22 -41.21 -3.88
CA ILE B 627 6.84 -40.90 -2.60
C ILE B 627 5.99 -39.91 -1.81
N ASP B 628 4.82 -39.54 -2.33
CA ASP B 628 3.94 -38.64 -1.58
C ASP B 628 3.33 -39.29 -0.34
N ASN B 629 3.59 -40.57 -0.11
CA ASN B 629 3.10 -41.17 1.16
C ASN B 629 4.09 -40.79 2.24
N TYR B 630 5.32 -40.62 1.81
CA TYR B 630 6.40 -40.32 2.77
C TYR B 630 6.93 -38.93 2.44
N THR B 631 6.09 -37.90 2.53
CA THR B 631 6.61 -36.55 2.36
C THR B 631 7.32 -35.99 3.57
N SER B 632 6.59 -35.78 4.67
CA SER B 632 7.22 -35.31 5.89
C SER B 632 7.99 -36.44 6.55
N GLU B 633 7.67 -37.68 6.20
CA GLU B 633 8.37 -38.84 6.75
C GLU B 633 9.83 -38.83 6.34
N ILE B 634 10.08 -38.75 5.02
CA ILE B 634 11.46 -38.70 4.55
C ILE B 634 12.10 -37.37 4.90
N TYR B 635 11.32 -36.38 5.28
CA TYR B 635 11.91 -35.15 5.80
C TYR B 635 12.51 -35.39 7.16
N THR B 636 11.66 -35.75 8.13
CA THR B 636 11.99 -35.65 9.53
C THR B 636 13.10 -36.57 9.98
N LEU B 637 13.16 -37.78 9.48
CA LEU B 637 14.09 -38.77 10.00
C LEU B 637 15.54 -38.48 9.64
N ILE B 638 15.81 -37.84 8.51
CA ILE B 638 17.20 -37.61 8.16
C ILE B 638 17.70 -36.30 8.77
N GLU B 639 16.83 -35.29 8.88
CA GLU B 639 17.27 -34.04 9.49
C GLU B 639 17.54 -34.20 10.98
N GLU B 640 16.78 -35.08 11.65
CA GLU B 640 17.08 -35.35 13.05
C GLU B 640 18.37 -36.13 13.19
N SER B 641 18.67 -36.98 12.21
CA SER B 641 19.97 -37.63 12.20
C SER B 641 21.04 -36.64 11.77
N GLN B 642 20.66 -35.69 10.91
CA GLN B 642 21.52 -34.55 10.68
C GLN B 642 21.61 -33.69 11.94
N ASN B 643 20.53 -33.65 12.73
CA ASN B 643 20.63 -33.07 14.06
C ASN B 643 21.40 -33.99 15.00
N GLN B 644 21.37 -35.31 14.75
CA GLN B 644 22.20 -36.20 15.53
C GLN B 644 23.67 -35.98 15.18
N GLN B 645 23.94 -35.59 13.95
CA GLN B 645 25.26 -35.08 13.61
C GLN B 645 25.52 -33.78 14.35
N GLU B 646 24.49 -32.95 14.53
CA GLU B 646 24.67 -31.66 15.19
C GLU B 646 24.95 -31.81 16.68
N LYS B 647 24.52 -32.93 17.28
CA LYS B 647 24.88 -33.15 18.67
C LYS B 647 26.15 -33.97 18.81
N ASN B 648 26.77 -34.38 17.70
CA ASN B 648 28.04 -35.10 17.77
C ASN B 648 29.21 -34.14 17.94
N GLU B 649 29.46 -33.30 16.94
CA GLU B 649 30.69 -32.52 16.93
C GLU B 649 30.59 -31.22 17.73
N GLN B 650 29.38 -30.80 18.10
CA GLN B 650 29.22 -29.54 18.82
C GLN B 650 29.77 -29.65 20.25
N GLU B 651 29.49 -30.78 20.90
CA GLU B 651 30.12 -31.06 22.19
C GLU B 651 31.61 -31.30 22.03
N LEU B 652 32.04 -31.75 20.85
CA LEU B 652 33.46 -31.97 20.59
C LEU B 652 34.19 -30.65 20.35
N LEU B 653 33.52 -29.68 19.72
CA LEU B 653 34.18 -28.39 19.46
C LEU B 653 34.19 -27.47 20.66
N GLU B 654 33.72 -27.92 21.83
CA GLU B 654 33.84 -27.12 23.04
C GLU B 654 35.29 -26.98 23.48
N LEU B 655 36.03 -28.09 23.51
CA LEU B 655 37.43 -28.09 23.91
C LEU B 655 38.33 -27.53 22.81
N THR C 31 48.69 -18.69 -18.69
CA THR C 31 48.78 -19.17 -20.06
C THR C 31 48.18 -18.16 -21.02
N GLU C 32 48.23 -18.48 -22.32
CA GLU C 32 47.72 -17.55 -23.32
C GLU C 32 46.20 -17.64 -23.46
N LYS C 33 45.58 -18.67 -22.89
CA LYS C 33 44.14 -18.83 -23.05
C LYS C 33 43.42 -17.86 -22.12
N LEU C 34 42.23 -17.44 -22.52
CA LEU C 34 41.42 -16.61 -21.64
C LEU C 34 40.87 -17.51 -20.55
N TRP C 35 41.39 -17.36 -19.35
CA TRP C 35 40.84 -18.07 -18.20
C TRP C 35 40.12 -17.06 -17.33
N VAL C 36 38.80 -17.08 -17.41
CA VAL C 36 38.03 -16.02 -16.77
C VAL C 36 37.87 -16.35 -15.30
N THR C 37 37.71 -15.29 -14.51
CA THR C 37 37.72 -15.38 -13.06
C THR C 37 37.05 -14.10 -12.53
N VAL C 38 36.15 -14.28 -11.55
CA VAL C 38 35.24 -13.21 -11.18
C VAL C 38 35.97 -12.09 -10.45
N TYR C 39 35.69 -10.87 -10.86
CA TYR C 39 36.10 -9.69 -10.12
C TYR C 39 34.83 -9.09 -9.52
N TYR C 40 34.49 -9.53 -8.32
CA TYR C 40 33.37 -8.93 -7.65
C TYR C 40 33.76 -7.55 -7.12
N GLY C 41 32.82 -6.62 -7.20
CA GLY C 41 33.04 -5.29 -6.67
C GLY C 41 33.83 -4.35 -7.55
N VAL C 42 33.87 -4.58 -8.86
CA VAL C 42 34.59 -3.68 -9.76
C VAL C 42 33.81 -2.36 -9.86
N PRO C 43 34.48 -1.22 -9.76
CA PRO C 43 33.75 0.06 -9.74
C PRO C 43 33.17 0.46 -11.08
N VAL C 44 32.04 -0.15 -11.42
CA VAL C 44 31.29 0.23 -12.60
C VAL C 44 29.94 0.79 -12.17
N TRP C 45 29.53 1.85 -12.84
CA TRP C 45 28.25 2.49 -12.61
C TRP C 45 27.42 2.34 -13.88
N LYS C 46 26.10 2.37 -13.74
CA LYS C 46 25.19 2.43 -14.88
C LYS C 46 23.87 2.97 -14.37
N GLU C 47 23.12 3.63 -15.26
CA GLU C 47 21.95 4.38 -14.85
C GLU C 47 20.83 3.44 -14.43
N ALA C 48 20.08 3.86 -13.40
CA ALA C 48 18.80 3.25 -13.06
C ALA C 48 17.94 4.32 -12.42
N THR C 49 16.68 4.39 -12.84
CA THR C 49 15.71 5.27 -12.18
C THR C 49 15.18 4.60 -10.92
N THR C 50 15.24 5.32 -9.81
CA THR C 50 14.91 4.77 -8.51
C THR C 50 14.62 5.89 -7.52
N THR C 51 13.52 5.75 -6.80
CA THR C 51 13.21 6.64 -5.70
C THR C 51 14.14 6.34 -4.55
N LEU C 52 14.40 7.35 -3.71
CA LEU C 52 15.51 7.25 -2.80
C LEU C 52 15.16 7.82 -1.42
N PHE C 53 16.15 7.76 -0.53
CA PHE C 53 15.93 8.15 0.84
C PHE C 53 16.02 9.66 1.03
N CYS C 54 15.63 10.08 2.23
CA CYS C 54 15.68 11.45 2.70
C CYS C 54 16.30 11.45 4.09
N ALA C 55 16.78 12.62 4.52
CA ALA C 55 17.35 12.76 5.86
C ALA C 55 17.19 14.19 6.34
N SER C 56 17.02 14.35 7.65
CA SER C 56 16.80 15.65 8.27
C SER C 56 17.46 15.70 9.64
N ASP C 57 17.61 16.91 10.18
CA ASP C 57 18.26 17.12 11.46
C ASP C 57 17.40 16.55 12.59
N ALA C 58 18.09 16.09 13.64
CA ALA C 58 17.38 15.67 14.85
C ALA C 58 17.04 16.86 15.73
N LYS C 59 17.57 18.04 15.41
CA LYS C 59 17.23 19.22 16.19
C LYS C 59 16.16 20.06 15.53
N ALA C 60 15.54 19.57 14.47
CA ALA C 60 14.71 20.43 13.64
C ALA C 60 13.22 20.31 13.98
N TYR C 61 12.81 19.18 14.57
CA TYR C 61 11.40 18.81 14.55
C TYR C 61 10.57 19.62 15.55
N ASP C 62 11.04 19.75 16.79
CA ASP C 62 10.41 20.52 17.87
C ASP C 62 8.95 20.11 18.10
N THR C 63 8.76 18.80 18.27
CA THR C 63 7.48 18.10 18.54
C THR C 63 6.41 18.36 17.50
N GLU C 64 6.77 18.86 16.32
CA GLU C 64 5.83 19.29 15.31
C GLU C 64 6.25 18.82 13.93
N VAL C 65 6.52 17.52 13.79
CA VAL C 65 6.84 16.90 12.50
C VAL C 65 5.71 17.15 11.50
N HIS C 66 4.48 17.01 11.94
CA HIS C 66 3.33 17.28 11.09
C HIS C 66 3.10 18.78 10.91
N ASN C 67 3.19 19.55 12.00
CA ASN C 67 2.79 20.95 11.95
C ASN C 67 3.76 21.83 11.18
N VAL C 68 5.00 21.40 10.95
CA VAL C 68 5.91 22.20 10.16
C VAL C 68 5.58 22.17 8.68
N TRP C 69 5.24 21.00 8.13
CA TRP C 69 5.02 20.77 6.71
C TRP C 69 4.59 19.32 6.60
N ALA C 70 4.10 18.93 5.42
CA ALA C 70 3.43 17.63 5.26
C ALA C 70 4.38 16.45 5.37
N THR C 71 5.69 16.68 5.35
CA THR C 71 6.65 15.59 5.24
C THR C 71 6.87 14.83 6.53
N HIS C 72 6.20 15.21 7.62
CA HIS C 72 6.56 14.80 8.99
C HIS C 72 8.03 15.03 9.28
N ALA C 73 8.53 16.15 8.76
CA ALA C 73 9.87 16.67 8.96
C ALA C 73 10.96 15.69 8.55
N CYS C 74 10.63 14.83 7.57
CA CYS C 74 11.50 13.78 7.05
C CYS C 74 11.98 12.87 8.19
N VAL C 75 11.06 12.05 8.69
CA VAL C 75 11.19 11.13 9.81
C VAL C 75 12.54 10.41 9.96
N PRO C 76 13.21 9.89 8.92
CA PRO C 76 14.57 9.38 9.14
C PRO C 76 15.57 10.51 9.31
N THR C 77 16.43 10.37 10.31
CA THR C 77 17.34 11.42 10.71
C THR C 77 18.49 11.58 9.72
N ASP C 78 19.26 12.65 9.92
CA ASP C 78 20.50 12.85 9.18
C ASP C 78 21.66 12.67 10.14
N PRO C 79 22.24 11.48 10.25
CA PRO C 79 23.32 11.26 11.23
C PRO C 79 24.62 12.00 10.92
N ASN C 80 25.19 11.75 9.75
CA ASN C 80 26.52 12.24 9.45
C ASN C 80 26.66 12.52 7.96
N PRO C 81 27.37 13.57 7.59
CA PRO C 81 27.66 13.85 6.16
C PRO C 81 28.92 13.20 5.63
N GLN C 82 29.43 12.15 6.28
CA GLN C 82 30.78 11.67 6.03
C GLN C 82 30.92 11.05 4.65
N GLU C 83 31.47 11.82 3.72
CA GLU C 83 31.61 11.38 2.34
C GLU C 83 33.08 11.39 1.96
N VAL C 84 33.35 10.93 0.74
CA VAL C 84 34.65 11.04 0.11
C VAL C 84 34.45 11.58 -1.29
N VAL C 85 35.53 12.06 -1.90
CA VAL C 85 35.49 12.64 -3.22
C VAL C 85 36.36 11.80 -4.14
N LEU C 86 35.89 11.59 -5.37
CA LEU C 86 36.37 10.48 -6.17
C LEU C 86 36.80 10.97 -7.53
N GLU C 87 38.05 11.40 -7.63
CA GLU C 87 38.56 12.10 -8.81
C GLU C 87 39.69 11.26 -9.41
N ASN C 88 39.38 10.58 -10.50
CA ASN C 88 40.44 10.04 -11.33
C ASN C 88 40.39 10.73 -12.68
N VAL C 89 39.24 10.64 -13.34
CA VAL C 89 39.08 11.07 -14.72
C VAL C 89 37.70 11.69 -14.89
N THR C 90 37.52 12.35 -16.04
CA THR C 90 36.27 13.02 -16.37
C THR C 90 35.47 12.23 -17.39
N GLU C 91 34.15 12.34 -17.30
CA GLU C 91 33.26 11.75 -18.28
C GLU C 91 32.08 12.69 -18.46
N HIS C 92 31.56 12.74 -19.68
CA HIS C 92 30.42 13.60 -19.98
C HIS C 92 29.17 12.85 -19.56
N PHE C 93 28.67 13.15 -18.37
CA PHE C 93 27.47 12.48 -17.89
C PHE C 93 26.21 13.20 -18.25
N ASN C 94 26.29 14.14 -19.21
CA ASN C 94 25.23 14.93 -19.85
C ASN C 94 24.13 15.34 -18.90
N MET C 95 24.52 15.86 -17.76
CA MET C 95 23.75 16.08 -16.54
C MET C 95 22.64 17.07 -16.71
N TRP C 96 22.41 17.64 -17.88
CA TRP C 96 21.22 18.44 -18.11
C TRP C 96 19.96 17.64 -17.96
N LYS C 97 19.78 16.64 -18.81
CA LYS C 97 18.59 15.81 -18.71
C LYS C 97 18.73 14.88 -17.52
N ASN C 98 17.69 14.83 -16.69
CA ASN C 98 17.79 14.31 -15.33
C ASN C 98 16.53 13.53 -14.94
N ASN C 99 16.72 12.41 -14.26
CA ASN C 99 15.60 11.57 -13.88
C ASN C 99 15.11 11.79 -12.46
N MET C 100 15.91 12.44 -11.61
CA MET C 100 15.57 12.60 -10.20
C MET C 100 14.35 13.48 -10.00
N VAL C 101 14.20 14.48 -10.87
CA VAL C 101 13.24 15.54 -10.66
C VAL C 101 11.82 14.99 -10.75
N GLU C 102 11.62 14.10 -11.72
CA GLU C 102 10.29 13.58 -12.05
C GLU C 102 9.71 12.78 -10.91
N GLN C 103 10.56 12.11 -10.15
CA GLN C 103 10.15 11.55 -8.88
C GLN C 103 9.70 12.65 -7.95
N MET C 104 10.57 13.64 -7.76
CA MET C 104 10.39 14.64 -6.72
C MET C 104 9.18 15.51 -6.98
N GLN C 105 8.98 15.93 -8.24
CA GLN C 105 7.80 16.71 -8.56
C GLN C 105 6.53 15.88 -8.46
N GLU C 106 6.63 14.57 -8.69
CA GLU C 106 5.50 13.72 -8.37
C GLU C 106 5.34 13.60 -6.86
N ASP C 107 6.46 13.52 -6.16
CA ASP C 107 6.45 13.30 -4.72
C ASP C 107 5.81 14.46 -3.98
N ILE C 108 6.07 15.69 -4.44
CA ILE C 108 5.58 16.84 -3.71
C ILE C 108 4.08 16.95 -3.83
N ILE C 109 3.52 16.59 -4.98
CA ILE C 109 2.08 16.62 -5.15
C ILE C 109 1.45 15.53 -4.33
N SER C 110 2.16 14.41 -4.15
CA SER C 110 1.71 13.37 -3.25
C SER C 110 1.72 13.86 -1.81
N LEU C 111 2.61 14.79 -1.48
CA LEU C 111 2.62 15.33 -0.14
C LEU C 111 1.52 16.35 0.06
N TRP C 112 1.17 17.10 -0.98
CA TRP C 112 0.21 18.17 -0.75
C TRP C 112 -1.22 17.69 -0.66
N ASP C 113 -1.60 16.65 -1.36
CA ASP C 113 -2.92 16.09 -1.14
C ASP C 113 -2.99 15.31 0.15
N GLN C 114 -1.83 14.83 0.60
CA GLN C 114 -1.74 14.04 1.82
C GLN C 114 -2.22 14.82 3.02
N SER C 115 -1.72 16.04 3.18
CA SER C 115 -2.18 16.88 4.27
C SER C 115 -3.57 17.40 4.01
N LEU C 116 -3.94 17.56 2.75
CA LEU C 116 -5.22 18.15 2.45
C LEU C 116 -6.35 17.14 2.46
N LYS C 117 -6.05 15.85 2.49
CA LYS C 117 -7.11 14.85 2.56
C LYS C 117 -7.89 14.86 3.88
N PRO C 118 -7.27 14.96 5.07
CA PRO C 118 -8.11 15.08 6.27
C PRO C 118 -8.77 16.43 6.41
N CYS C 119 -8.43 17.40 5.58
CA CYS C 119 -9.14 18.66 5.58
C CYS C 119 -10.52 18.48 4.97
N VAL C 120 -11.36 19.49 5.15
CA VAL C 120 -12.78 19.38 4.82
C VAL C 120 -13.15 20.32 3.69
N LYS C 121 -14.18 19.92 2.93
CA LYS C 121 -14.60 20.57 1.71
C LYS C 121 -15.28 21.90 2.00
N LEU C 122 -15.72 22.56 0.93
CA LEU C 122 -16.51 23.78 1.05
C LEU C 122 -17.83 23.59 0.33
N THR C 123 -18.92 23.71 1.06
CA THR C 123 -20.25 23.69 0.44
C THR C 123 -20.73 25.03 -0.13
N PRO C 124 -20.54 26.22 0.50
CA PRO C 124 -21.16 27.37 -0.20
C PRO C 124 -20.30 27.89 -1.34
N LEU C 125 -20.34 27.20 -2.48
CA LEU C 125 -19.37 27.52 -3.52
C LEU C 125 -19.77 28.76 -4.29
N CYS C 126 -20.81 28.67 -5.09
CA CYS C 126 -21.11 29.69 -6.09
C CYS C 126 -22.25 30.50 -5.50
N VAL C 127 -21.87 31.45 -4.65
CA VAL C 127 -22.80 32.25 -3.86
C VAL C 127 -22.55 33.72 -4.21
N THR C 128 -23.61 34.52 -4.19
CA THR C 128 -23.61 35.91 -4.67
C THR C 128 -22.63 36.80 -3.91
N LEU C 129 -22.91 37.01 -2.61
CA LEU C 129 -22.01 37.66 -1.66
C LEU C 129 -21.65 39.09 -2.08
N ASN C 130 -22.65 39.95 -2.05
CA ASN C 130 -22.51 41.36 -2.40
C ASN C 130 -21.44 42.06 -1.56
N CYS C 131 -20.38 42.50 -2.21
CA CYS C 131 -19.19 42.99 -1.53
C CYS C 131 -19.19 44.52 -1.45
N LYS C 132 -18.72 45.01 -0.31
CA LYS C 132 -18.54 46.44 -0.10
C LYS C 132 -17.17 46.63 0.55
N ASP C 133 -16.54 47.78 0.33
CA ASP C 133 -15.26 48.05 0.94
C ASP C 133 -15.42 49.02 2.10
N VAL C 134 -14.60 48.84 3.13
CA VAL C 134 -14.61 49.79 4.25
C VAL C 134 -13.66 50.94 3.94
N ASN C 135 -14.19 52.17 4.03
CA ASN C 135 -13.46 53.43 3.85
C ASN C 135 -12.78 53.49 2.47
N ALA C 136 -13.61 53.43 1.43
CA ALA C 136 -13.22 53.49 0.01
C ALA C 136 -12.19 52.46 -0.40
N GLU C 148 -8.40 52.45 0.32
CA GLU C 148 -7.60 52.04 -0.82
C GLU C 148 -8.43 51.02 -1.62
N ARG C 149 -8.26 51.02 -2.94
CA ARG C 149 -9.15 50.27 -3.82
C ARG C 149 -8.59 48.88 -4.11
N GLY C 150 -9.48 47.98 -4.53
CA GLY C 150 -9.10 46.64 -4.93
C GLY C 150 -8.69 45.71 -3.81
N GLU C 151 -8.95 46.09 -2.56
CA GLU C 151 -8.47 45.38 -1.40
C GLU C 151 -9.49 44.35 -0.93
N ILE C 152 -9.31 43.90 0.31
CA ILE C 152 -10.34 43.19 1.06
C ILE C 152 -11.68 43.95 0.99
N LYS C 153 -12.73 43.21 0.64
CA LYS C 153 -14.09 43.73 0.61
C LYS C 153 -14.92 43.02 1.67
N ASN C 154 -15.74 43.78 2.39
CA ASN C 154 -16.74 43.17 3.28
C ASN C 154 -17.89 42.71 2.41
N CYS C 155 -18.18 41.41 2.43
CA CYS C 155 -19.08 40.85 1.44
C CYS C 155 -20.37 40.26 1.98
N SER C 156 -20.61 40.38 3.29
CA SER C 156 -21.90 40.11 3.94
C SER C 156 -22.41 38.70 3.71
N PHE C 157 -21.73 37.73 4.32
CA PHE C 157 -21.83 36.32 3.94
C PHE C 157 -23.20 35.70 4.20
N ASN C 158 -23.99 35.51 3.13
CA ASN C 158 -25.31 34.92 3.25
C ASN C 158 -25.23 33.41 3.04
N ILE C 159 -25.87 32.67 3.94
CA ILE C 159 -25.81 31.22 3.92
C ILE C 159 -26.99 30.63 4.69
N THR C 160 -27.51 29.51 4.24
CA THR C 160 -28.24 28.62 5.13
C THR C 160 -27.33 27.43 5.45
N THR C 161 -27.31 27.01 6.71
CA THR C 161 -26.33 26.05 7.17
C THR C 161 -26.57 24.65 6.61
N SER C 162 -25.73 23.71 7.07
CA SER C 162 -25.57 22.39 6.45
C SER C 162 -26.83 21.53 6.44
N ILE C 163 -27.29 21.09 7.60
CA ILE C 163 -28.47 20.23 7.65
C ILE C 163 -29.62 20.90 8.38
N ARG C 164 -29.34 21.95 9.16
CA ARG C 164 -30.35 22.71 9.83
C ARG C 164 -30.86 23.74 8.82
N ASP C 165 -31.80 24.59 9.24
CA ASP C 165 -32.66 25.26 8.28
C ASP C 165 -32.75 26.76 8.60
N GLU C 166 -31.61 27.40 8.83
CA GLU C 166 -31.57 28.82 9.24
C GLU C 166 -30.72 29.62 8.27
N VAL C 167 -31.36 30.60 7.63
CA VAL C 167 -30.65 31.49 6.67
C VAL C 167 -29.87 32.51 7.49
N GLN C 168 -28.55 32.34 7.55
CA GLN C 168 -27.70 33.24 8.37
C GLN C 168 -26.94 34.26 7.53
N LYS C 169 -26.36 35.26 8.18
CA LYS C 169 -25.59 36.35 7.60
C LYS C 169 -24.31 36.55 8.40
N GLU C 170 -23.18 36.64 7.70
CA GLU C 170 -21.89 36.75 8.38
C GLU C 170 -21.08 37.86 7.71
N TYR C 171 -19.86 38.07 8.26
CA TYR C 171 -18.96 39.15 7.74
C TYR C 171 -17.86 38.54 6.88
N ALA C 172 -18.06 38.54 5.57
CA ALA C 172 -17.13 37.99 4.60
C ALA C 172 -16.14 39.07 4.18
N LEU C 173 -14.94 39.02 4.73
CA LEU C 173 -13.92 40.05 4.54
C LEU C 173 -12.89 39.47 3.58
N PHE C 174 -12.98 39.82 2.30
CA PHE C 174 -12.20 39.13 1.29
C PHE C 174 -11.72 40.05 0.18
N TYR C 175 -10.56 39.71 -0.39
CA TYR C 175 -9.91 40.41 -1.47
C TYR C 175 -10.81 40.61 -2.68
N LYS C 176 -10.43 41.59 -3.50
CA LYS C 176 -11.00 41.69 -4.83
C LYS C 176 -10.45 40.59 -5.74
N LEU C 177 -9.24 40.13 -5.45
CA LEU C 177 -8.50 39.28 -6.38
C LEU C 177 -9.10 37.89 -6.46
N ASP C 178 -9.36 37.28 -5.32
CA ASP C 178 -9.77 35.88 -5.25
C ASP C 178 -11.25 35.67 -5.56
N VAL C 179 -11.96 36.69 -6.03
CA VAL C 179 -13.40 36.59 -6.22
C VAL C 179 -13.72 37.26 -7.56
N VAL C 180 -14.85 36.87 -8.15
CA VAL C 180 -15.21 37.44 -9.44
C VAL C 180 -16.70 37.78 -9.52
N PRO C 181 -17.04 39.05 -9.70
CA PRO C 181 -18.42 39.42 -10.02
C PRO C 181 -18.62 39.41 -11.52
N ILE C 182 -19.84 39.72 -11.97
CA ILE C 182 -20.11 39.93 -13.39
C ILE C 182 -20.80 41.28 -13.56
N ASP C 183 -20.59 41.88 -14.73
CA ASP C 183 -21.45 42.89 -15.36
C ASP C 183 -21.46 44.25 -14.67
N ASN C 184 -20.66 44.45 -13.61
CA ASN C 184 -20.41 45.73 -12.91
C ASN C 184 -21.63 46.27 -12.17
N ASN C 185 -22.81 45.66 -12.35
CA ASN C 185 -24.01 46.03 -11.62
C ASN C 185 -24.51 44.84 -10.82
N ASN C 186 -24.34 43.64 -11.37
CA ASN C 186 -24.50 42.41 -10.60
C ASN C 186 -23.38 42.35 -9.58
N THR C 187 -23.73 42.30 -8.29
CA THR C 187 -22.75 42.01 -7.27
C THR C 187 -22.69 40.51 -7.06
N SER C 188 -22.52 39.76 -8.14
CA SER C 188 -22.52 38.31 -8.14
C SER C 188 -21.08 37.87 -7.98
N TYR C 189 -20.51 38.19 -6.82
CA TYR C 189 -19.10 37.91 -6.55
C TYR C 189 -18.91 36.41 -6.37
N ARG C 190 -18.86 35.73 -7.52
CA ARG C 190 -18.76 34.30 -7.53
C ARG C 190 -17.33 33.91 -7.22
N LEU C 191 -17.17 32.72 -6.64
CA LEU C 191 -15.84 32.23 -6.35
C LEU C 191 -15.16 31.79 -7.63
N ILE C 192 -13.86 32.09 -7.73
CA ILE C 192 -13.14 32.07 -9.01
C ILE C 192 -12.94 30.65 -9.51
N SER C 193 -13.04 29.67 -8.64
CA SER C 193 -12.82 28.30 -9.06
C SER C 193 -13.99 27.38 -8.71
N CYS C 194 -15.15 27.93 -8.36
CA CYS C 194 -16.24 27.10 -7.85
C CYS C 194 -16.87 26.29 -8.97
N ASP C 195 -16.94 26.87 -10.17
CA ASP C 195 -17.42 26.12 -11.33
C ASP C 195 -16.42 25.07 -11.75
N THR C 196 -15.13 25.33 -11.51
CA THR C 196 -14.10 24.38 -11.90
C THR C 196 -14.11 23.17 -11.01
N SER C 197 -13.88 23.39 -9.72
CA SER C 197 -13.59 22.28 -8.81
C SER C 197 -13.89 22.73 -7.39
N VAL C 198 -13.60 21.85 -6.45
CA VAL C 198 -13.85 22.09 -5.05
C VAL C 198 -12.72 22.89 -4.42
N ILE C 199 -12.93 23.32 -3.19
CA ILE C 199 -11.95 24.06 -2.43
C ILE C 199 -12.07 23.62 -0.97
N THR C 200 -10.93 23.58 -0.28
CA THR C 200 -10.88 23.06 1.07
C THR C 200 -9.97 23.93 1.93
N GLN C 201 -10.29 23.98 3.22
CA GLN C 201 -9.52 24.70 4.23
C GLN C 201 -8.18 23.96 4.44
N ALA C 202 -7.21 24.64 5.03
CA ALA C 202 -5.83 24.18 4.97
C ALA C 202 -5.40 23.35 6.17
N CYS C 203 -6.31 23.02 7.10
CA CYS C 203 -6.04 22.38 8.39
C CYS C 203 -4.95 23.15 9.12
N PRO C 204 -5.30 24.33 9.65
CA PRO C 204 -4.28 25.38 9.86
C PRO C 204 -3.32 25.14 11.00
N LYS C 205 -3.35 23.97 11.65
CA LYS C 205 -2.30 23.65 12.61
C LYS C 205 -0.97 23.44 11.91
N ILE C 206 -1.00 23.02 10.66
CA ILE C 206 0.22 22.75 9.93
C ILE C 206 0.71 24.04 9.28
N SER C 207 1.95 24.39 9.54
CA SER C 207 2.56 25.58 8.95
C SER C 207 3.18 25.23 7.61
N PHE C 208 4.03 26.12 7.09
CA PHE C 208 4.55 25.99 5.74
C PHE C 208 6.05 26.23 5.65
N GLU C 209 6.84 25.67 6.54
CA GLU C 209 8.26 25.98 6.55
C GLU C 209 9.01 25.00 5.67
N PRO C 210 9.85 25.48 4.76
CA PRO C 210 10.65 24.56 3.94
C PRO C 210 11.86 24.07 4.70
N ILE C 211 11.97 22.75 4.81
CA ILE C 211 12.96 22.16 5.68
C ILE C 211 14.19 21.81 4.85
N PRO C 212 15.39 22.13 5.33
CA PRO C 212 16.60 21.62 4.68
C PRO C 212 16.69 20.12 4.84
N ILE C 213 16.48 19.40 3.75
CA ILE C 213 16.39 17.95 3.79
C ILE C 213 17.51 17.35 2.96
N HIS C 214 18.14 16.34 3.53
CA HIS C 214 19.25 15.64 2.87
C HIS C 214 18.66 14.45 2.17
N TYR C 215 18.45 14.60 0.87
CA TYR C 215 17.84 13.51 0.11
C TYR C 215 18.89 12.45 -0.14
N CYS C 216 18.82 11.37 0.63
CA CYS C 216 19.81 10.30 0.60
C CYS C 216 19.43 9.27 -0.44
N ALA C 217 20.03 8.10 -0.33
CA ALA C 217 19.77 7.03 -1.27
C ALA C 217 19.90 5.67 -0.62
N PRO C 218 19.25 4.64 -1.17
CA PRO C 218 19.49 3.26 -0.73
C PRO C 218 20.83 2.69 -1.17
N ALA C 219 20.99 1.39 -0.92
CA ALA C 219 22.23 0.70 -1.21
C ALA C 219 22.43 0.57 -2.72
N GLY C 220 23.67 0.35 -3.12
CA GLY C 220 24.04 0.23 -4.52
C GLY C 220 23.79 1.47 -5.36
N PHE C 221 23.68 2.64 -4.75
CA PHE C 221 23.28 3.87 -5.41
C PHE C 221 24.31 4.93 -5.09
N ALA C 222 24.64 5.75 -6.09
CA ALA C 222 25.55 6.86 -5.89
C ALA C 222 24.93 8.13 -6.43
N ILE C 223 25.12 9.21 -5.69
CA ILE C 223 24.69 10.53 -6.11
C ILE C 223 25.92 11.24 -6.66
N LEU C 224 25.96 11.42 -7.96
CA LEU C 224 27.10 12.04 -8.59
C LEU C 224 27.07 13.53 -8.33
N LYS C 225 28.24 14.12 -8.17
CA LYS C 225 28.34 15.56 -8.13
C LYS C 225 29.70 15.98 -8.67
N CYS C 226 29.87 17.27 -8.85
CA CYS C 226 30.99 17.83 -9.57
C CYS C 226 31.52 19.04 -8.83
N ASN C 227 32.74 18.94 -8.31
CA ASN C 227 33.36 20.10 -7.69
C ASN C 227 34.16 20.90 -8.69
N ASP C 228 34.24 20.42 -9.93
CA ASP C 228 34.76 21.28 -10.97
C ASP C 228 33.73 22.33 -11.30
N LYS C 229 34.19 23.52 -11.63
CA LYS C 229 33.28 24.60 -11.92
C LYS C 229 32.97 24.64 -13.41
N THR C 230 32.01 25.51 -13.80
CA THR C 230 31.70 25.85 -15.19
C THR C 230 31.31 24.62 -16.03
N PHE C 231 30.16 24.04 -15.71
CA PHE C 231 29.55 23.01 -16.55
C PHE C 231 28.07 23.32 -16.69
N ASN C 232 27.60 23.35 -17.94
CA ASN C 232 26.30 23.92 -18.25
C ASN C 232 25.33 22.83 -18.70
N GLY C 233 24.77 22.13 -17.73
CA GLY C 233 23.89 21.04 -18.08
C GLY C 233 24.68 19.87 -18.62
N LYS C 234 24.60 19.67 -19.94
CA LYS C 234 25.39 18.61 -20.57
C LYS C 234 26.87 18.96 -20.57
N GLY C 235 27.64 18.30 -19.72
CA GLY C 235 29.04 18.59 -19.56
C GLY C 235 29.81 17.42 -19.00
N PRO C 236 31.13 17.47 -19.11
CA PRO C 236 31.99 16.56 -18.36
C PRO C 236 32.43 17.23 -17.07
N CYS C 237 33.10 16.47 -16.20
CA CYS C 237 33.55 16.99 -14.93
C CYS C 237 34.78 16.27 -14.43
N LYS C 238 35.87 17.01 -14.27
CA LYS C 238 37.13 16.45 -13.79
C LYS C 238 37.06 16.25 -12.29
N ASN C 239 36.96 17.37 -11.55
CA ASN C 239 36.81 17.33 -10.08
C ASN C 239 35.40 16.77 -9.85
N VAL C 240 35.23 15.45 -9.84
CA VAL C 240 33.94 14.78 -9.79
C VAL C 240 33.87 13.91 -8.53
N SER C 241 32.67 13.69 -8.01
CA SER C 241 32.54 12.89 -6.81
C SER C 241 31.18 12.22 -6.69
N THR C 242 31.10 11.20 -5.83
CA THR C 242 29.86 10.54 -5.50
C THR C 242 29.57 10.80 -4.04
N VAL C 243 28.33 11.16 -3.73
CA VAL C 243 27.90 11.27 -2.35
C VAL C 243 26.74 10.31 -2.12
N GLN C 244 26.38 10.14 -0.86
CA GLN C 244 25.27 9.29 -0.47
C GLN C 244 24.02 10.08 -0.21
N CYS C 245 24.16 11.35 0.17
CA CYS C 245 23.01 12.18 0.46
C CYS C 245 23.24 13.55 -0.16
N THR C 246 22.14 14.24 -0.43
CA THR C 246 22.27 15.61 -0.86
C THR C 246 22.49 16.52 0.34
N HIS C 247 22.72 17.80 0.05
CA HIS C 247 22.68 18.78 1.10
C HIS C 247 21.22 19.11 1.43
N GLY C 248 21.04 20.00 2.41
CA GLY C 248 19.74 20.29 2.95
C GLY C 248 18.92 21.20 2.07
N ILE C 249 18.33 20.64 1.03
CA ILE C 249 17.59 21.44 0.06
C ILE C 249 16.24 21.85 0.62
N ARG C 250 15.85 23.09 0.35
CA ARG C 250 14.56 23.65 0.80
C ARG C 250 13.69 24.01 -0.41
N PRO C 251 13.04 23.06 -1.04
CA PRO C 251 12.30 23.38 -2.27
C PRO C 251 10.94 23.96 -1.94
N VAL C 252 10.68 25.18 -2.41
CA VAL C 252 9.41 25.77 -2.03
C VAL C 252 8.55 26.39 -3.16
N VAL C 253 8.99 27.50 -3.77
CA VAL C 253 8.12 28.42 -4.51
C VAL C 253 8.97 29.22 -5.48
N SER C 254 8.53 29.29 -6.75
CA SER C 254 9.15 30.23 -7.69
C SER C 254 8.23 30.59 -8.84
N THR C 255 8.19 31.87 -9.22
CA THR C 255 7.61 32.20 -10.52
C THR C 255 8.70 32.41 -11.55
N GLN C 256 9.60 33.36 -11.31
CA GLN C 256 10.72 33.62 -12.19
C GLN C 256 12.03 33.77 -11.42
N LEU C 257 11.95 33.81 -10.10
CA LEU C 257 13.08 34.15 -9.27
C LEU C 257 13.41 32.94 -8.42
N LEU C 258 14.67 32.80 -8.08
CA LEU C 258 15.11 31.70 -7.21
C LEU C 258 15.35 32.23 -5.81
N LEU C 259 14.66 31.64 -4.83
CA LEU C 259 14.56 32.17 -3.48
C LEU C 259 15.10 31.16 -2.49
N ASN C 260 15.93 31.66 -1.55
CA ASN C 260 16.57 30.87 -0.49
C ASN C 260 17.40 29.70 -1.02
N GLY C 261 17.87 29.83 -2.26
CA GLY C 261 18.58 28.76 -2.91
C GLY C 261 20.06 28.86 -2.67
N SER C 262 20.77 27.81 -3.09
CA SER C 262 22.22 27.77 -2.87
C SER C 262 22.93 28.70 -3.86
N LEU C 263 24.12 29.12 -3.48
CA LEU C 263 24.90 30.01 -4.32
C LEU C 263 25.54 29.24 -5.46
N ALA C 264 26.07 30.00 -6.40
CA ALA C 264 26.81 29.46 -7.53
C ALA C 264 28.30 29.65 -7.28
N GLU C 265 29.11 29.40 -8.31
CA GLU C 265 30.50 29.80 -8.36
C GLU C 265 30.63 31.32 -8.38
N GLU C 266 31.89 31.78 -8.41
CA GLU C 266 32.18 33.21 -8.30
C GLU C 266 31.71 33.97 -9.54
N GLU C 267 31.71 33.31 -10.68
CA GLU C 267 31.25 33.93 -11.92
C GLU C 267 29.74 33.74 -12.05
N VAL C 268 29.00 34.85 -12.19
CA VAL C 268 27.56 34.74 -12.35
C VAL C 268 27.30 34.28 -13.78
N VAL C 269 27.16 32.96 -13.94
CA VAL C 269 27.13 32.31 -15.24
C VAL C 269 26.04 31.25 -15.20
N ILE C 270 25.18 31.26 -16.23
CA ILE C 270 24.23 30.20 -16.51
C ILE C 270 24.96 28.86 -16.61
N ARG C 271 24.48 27.87 -15.85
CA ARG C 271 25.04 26.52 -15.90
C ARG C 271 23.99 25.49 -16.25
N SER C 272 23.22 25.77 -17.28
CA SER C 272 22.24 24.84 -17.81
C SER C 272 22.51 24.61 -19.28
N ASP C 273 21.95 23.54 -19.82
CA ASP C 273 21.93 23.30 -21.26
C ASP C 273 20.55 23.69 -21.78
N ASN C 274 20.53 24.52 -22.82
CA ASN C 274 19.31 24.98 -23.47
C ASN C 274 19.56 25.10 -24.96
N PHE C 275 18.63 24.62 -25.78
CA PHE C 275 18.80 24.70 -27.23
C PHE C 275 18.60 26.14 -27.68
N THR C 276 19.14 26.47 -28.86
CA THR C 276 19.12 27.83 -29.34
C THR C 276 17.76 28.26 -29.87
N ASN C 277 16.74 27.39 -29.82
CA ASN C 277 15.37 27.84 -30.07
C ASN C 277 14.99 28.85 -29.01
N ASN C 278 14.32 29.93 -29.43
CA ASN C 278 13.95 30.98 -28.50
C ASN C 278 12.84 30.54 -27.56
N ALA C 279 12.13 29.46 -27.91
CA ALA C 279 11.12 28.89 -27.02
C ALA C 279 11.73 28.11 -25.87
N LYS C 280 13.02 27.82 -25.91
CA LYS C 280 13.67 27.14 -24.80
C LYS C 280 13.86 28.10 -23.64
N THR C 281 13.56 27.64 -22.43
CA THR C 281 13.57 28.50 -21.26
C THR C 281 15.00 28.70 -20.78
N ILE C 282 15.30 29.90 -20.29
CA ILE C 282 16.67 30.22 -19.89
C ILE C 282 16.70 30.52 -18.40
N ILE C 283 17.28 29.62 -17.64
CA ILE C 283 17.56 29.85 -16.23
C ILE C 283 18.88 30.58 -16.18
N VAL C 284 19.20 31.17 -15.03
CA VAL C 284 20.57 31.56 -14.72
C VAL C 284 20.79 31.43 -13.23
N GLN C 285 21.99 31.02 -12.83
CA GLN C 285 22.42 31.03 -11.45
C GLN C 285 22.86 32.44 -11.05
N LEU C 286 23.46 32.53 -9.86
CA LEU C 286 23.90 33.80 -9.33
C LEU C 286 24.88 33.57 -8.19
N LYS C 287 25.96 34.35 -8.18
CA LYS C 287 26.91 34.31 -7.08
C LYS C 287 26.39 35.11 -5.89
N GLU C 288 26.20 36.42 -6.10
CA GLU C 288 25.92 37.35 -5.02
C GLU C 288 24.52 37.14 -4.46
N SER C 289 24.42 36.66 -3.24
CA SER C 289 23.13 36.44 -2.61
C SER C 289 22.45 37.77 -2.33
N VAL C 290 21.22 37.90 -2.77
CA VAL C 290 20.47 39.13 -2.61
C VAL C 290 19.37 38.87 -1.58
N GLU C 291 19.15 39.86 -0.71
CA GLU C 291 18.25 39.71 0.42
C GLU C 291 17.27 40.88 0.43
N ILE C 292 15.98 40.57 0.42
CA ILE C 292 14.93 41.55 0.21
C ILE C 292 13.96 41.56 1.38
N ASN C 293 13.70 42.75 1.92
CA ASN C 293 12.76 42.91 3.01
C ASN C 293 11.35 43.04 2.44
N CYS C 294 10.50 42.06 2.71
CA CYS C 294 9.11 42.09 2.26
C CYS C 294 8.19 41.83 3.46
N THR C 295 7.11 42.60 3.55
CA THR C 295 6.31 42.55 4.76
C THR C 295 4.87 42.94 4.56
N ARG C 296 4.12 42.80 5.65
CA ARG C 296 2.70 43.15 5.73
C ARG C 296 2.50 44.37 6.59
N PRO C 297 1.85 45.42 6.10
CA PRO C 297 1.38 46.48 7.01
C PRO C 297 -0.01 46.18 7.54
N ASN C 298 -0.28 44.94 7.95
CA ASN C 298 -1.65 44.49 8.11
C ASN C 298 -1.73 43.55 9.31
N ASN C 299 -2.54 43.91 10.30
CA ASN C 299 -2.55 43.22 11.57
C ASN C 299 -3.91 42.57 11.79
N ASN C 300 -4.34 41.76 10.81
CA ASN C 300 -5.64 41.12 10.82
C ASN C 300 -5.88 40.22 12.04
N THR C 301 -7.14 39.92 12.28
CA THR C 301 -7.53 38.95 13.29
C THR C 301 -8.14 37.73 12.59
N ARG C 302 -8.45 36.70 13.36
CA ARG C 302 -9.10 35.51 12.85
C ARG C 302 -10.56 35.56 13.25
N LYS C 303 -11.40 34.87 12.50
CA LYS C 303 -12.78 34.66 12.88
C LYS C 303 -13.21 33.29 12.40
N SER C 304 -13.92 32.57 13.26
CA SER C 304 -14.38 31.23 12.93
C SER C 304 -15.87 31.27 12.62
N ILE C 305 -16.25 30.65 11.51
CA ILE C 305 -17.65 30.55 11.13
C ILE C 305 -18.01 29.09 10.94
N HIS C 306 -18.96 28.64 11.73
CA HIS C 306 -19.46 27.28 11.65
C HIS C 306 -20.49 27.16 10.53
N ILE C 307 -20.47 26.02 9.86
CA ILE C 307 -21.56 25.67 8.95
C ILE C 307 -22.12 24.31 9.32
N GLY C 308 -21.25 23.31 9.40
CA GLY C 308 -21.71 21.95 9.56
C GLY C 308 -21.04 21.20 10.69
N PRO C 309 -21.41 19.92 10.86
CA PRO C 309 -20.86 19.10 11.95
C PRO C 309 -19.37 18.87 11.81
N GLY C 310 -18.62 19.37 12.78
CA GLY C 310 -17.17 19.40 12.66
C GLY C 310 -16.68 20.38 11.62
N ARG C 311 -17.50 21.35 11.24
CA ARG C 311 -17.17 22.28 10.17
C ARG C 311 -17.34 23.70 10.69
N ALA C 312 -16.32 24.17 11.39
CA ALA C 312 -16.12 25.58 11.64
C ALA C 312 -15.03 26.08 10.72
N PHE C 313 -15.28 27.24 10.13
CA PHE C 313 -14.41 27.73 9.06
C PHE C 313 -13.74 28.99 9.55
N TYR C 314 -12.41 28.96 9.59
CA TYR C 314 -11.65 30.16 9.94
C TYR C 314 -11.69 31.14 8.79
N THR C 315 -12.07 32.38 9.08
CA THR C 315 -12.04 33.45 8.09
C THR C 315 -11.30 34.65 8.64
N THR C 316 -11.10 35.61 7.76
CA THR C 316 -10.43 36.85 8.09
C THR C 316 -11.29 37.69 9.02
N GLY C 317 -10.73 38.08 10.16
CA GLY C 317 -11.37 39.02 11.04
C GLY C 317 -11.00 40.45 10.71
N GLU C 318 -11.15 41.32 11.70
CA GLU C 318 -10.87 42.73 11.51
C GLU C 318 -9.36 42.96 11.55
N ILE C 319 -8.90 44.02 10.89
CA ILE C 319 -7.47 44.32 10.87
C ILE C 319 -7.15 45.42 11.89
N ILE C 320 -6.25 45.12 12.81
CA ILE C 320 -5.83 46.07 13.83
C ILE C 320 -5.02 47.18 13.17
N GLY C 321 -5.53 48.40 13.25
CA GLY C 321 -4.72 49.55 12.89
C GLY C 321 -4.60 49.74 11.39
N ASP C 322 -3.37 49.66 10.89
CA ASP C 322 -3.06 50.10 9.53
C ASP C 322 -3.47 49.07 8.50
N ILE C 323 -3.68 49.54 7.27
CA ILE C 323 -4.25 48.77 6.19
C ILE C 323 -3.41 48.87 4.91
N ARG C 324 -2.14 49.21 5.03
CA ARG C 324 -1.39 49.56 3.83
C ARG C 324 -0.89 48.32 3.10
N GLN C 325 -0.45 48.56 1.86
CA GLN C 325 -0.13 47.48 0.95
C GLN C 325 1.20 46.83 1.29
N ALA C 326 1.25 45.51 1.09
CA ALA C 326 2.48 44.78 1.24
C ALA C 326 3.49 45.24 0.20
N HIS C 327 4.72 45.48 0.63
CA HIS C 327 5.74 46.00 -0.26
C HIS C 327 7.04 45.25 -0.04
N CYS C 328 8.04 45.63 -0.83
CA CYS C 328 9.32 44.96 -0.84
C CYS C 328 10.45 45.96 -1.08
N ASN C 329 11.15 46.33 -0.01
CA ASN C 329 12.31 47.22 -0.10
C ASN C 329 13.52 46.41 -0.57
N ILE C 330 14.20 46.90 -1.59
CA ILE C 330 15.40 46.25 -2.14
C ILE C 330 16.24 47.28 -2.87
N SER C 331 17.56 47.23 -2.69
CA SER C 331 18.46 48.21 -3.29
C SER C 331 18.64 47.98 -4.79
N ARG C 332 18.25 48.96 -5.61
CA ARG C 332 18.35 48.75 -7.05
C ARG C 332 19.79 48.91 -7.53
N ALA C 333 20.65 49.56 -6.74
CA ALA C 333 22.04 49.73 -7.12
C ALA C 333 22.77 48.40 -7.11
N LYS C 334 22.41 47.55 -6.16
CA LYS C 334 22.89 46.17 -6.22
C LYS C 334 22.27 45.45 -7.41
N TRP C 335 20.98 45.68 -7.66
CA TRP C 335 20.34 45.18 -8.87
C TRP C 335 20.99 45.75 -10.11
N ASN C 336 21.40 47.02 -10.04
CA ASN C 336 22.24 47.60 -11.10
C ASN C 336 23.58 46.88 -11.16
N ASP C 337 24.14 46.57 -9.99
CA ASP C 337 25.44 45.92 -9.95
C ASP C 337 25.36 44.49 -10.46
N THR C 338 24.25 43.81 -10.19
CA THR C 338 24.06 42.48 -10.74
C THR C 338 23.88 42.52 -12.24
N LEU C 339 23.04 43.45 -12.71
CA LEU C 339 22.61 43.44 -14.10
C LEU C 339 23.76 43.72 -15.05
N LYS C 340 24.67 44.60 -14.64
CA LYS C 340 25.91 44.80 -15.39
C LYS C 340 26.72 43.51 -15.43
N GLN C 341 26.83 42.85 -14.28
CA GLN C 341 27.57 41.59 -14.18
C GLN C 341 26.87 40.49 -14.97
N ILE C 342 25.55 40.60 -15.10
CA ILE C 342 24.80 39.64 -15.90
C ILE C 342 25.15 39.78 -17.38
N VAL C 343 24.99 40.99 -17.92
CA VAL C 343 24.90 41.16 -19.36
C VAL C 343 26.24 40.93 -20.02
N ILE C 344 27.32 41.09 -19.27
CA ILE C 344 28.66 40.84 -19.81
C ILE C 344 28.82 39.37 -20.15
N LYS C 345 28.36 38.50 -19.25
CA LYS C 345 28.35 37.07 -19.57
C LYS C 345 27.33 36.77 -20.64
N LEU C 346 26.25 37.55 -20.67
CA LEU C 346 25.26 37.39 -21.72
C LEU C 346 25.77 37.86 -23.06
N ARG C 347 26.48 38.99 -23.10
CA ARG C 347 27.14 39.41 -24.33
C ARG C 347 28.26 38.48 -24.71
N GLU C 348 28.85 37.77 -23.75
CA GLU C 348 29.91 36.83 -24.05
C GLU C 348 29.38 35.58 -24.74
N GLN C 349 28.13 35.22 -24.43
CA GLN C 349 27.53 33.99 -25.00
C GLN C 349 26.65 34.37 -26.21
N PHE C 350 26.56 35.66 -26.51
CA PHE C 350 25.76 36.13 -27.68
C PHE C 350 26.64 36.91 -28.64
N GLU C 351 27.95 36.63 -28.66
CA GLU C 351 28.90 37.31 -29.59
C GLU C 351 28.62 38.81 -29.60
N ASN C 352 28.60 39.44 -28.43
CA ASN C 352 28.45 40.92 -28.37
C ASN C 352 27.15 41.36 -29.05
N LYS C 353 26.00 40.77 -28.65
CA LYS C 353 24.68 41.20 -29.21
C LYS C 353 24.19 42.41 -28.41
N THR C 354 23.15 43.10 -28.88
CA THR C 354 22.62 44.21 -28.05
C THR C 354 21.39 43.67 -27.32
N ILE C 355 21.43 43.57 -25.99
CA ILE C 355 20.32 42.95 -25.28
C ILE C 355 19.50 44.05 -24.62
N VAL C 356 18.19 44.02 -24.83
CA VAL C 356 17.27 44.92 -24.16
C VAL C 356 16.18 44.09 -23.50
N PHE C 357 15.94 44.33 -22.22
CA PHE C 357 14.89 43.62 -21.48
C PHE C 357 13.58 44.38 -21.59
N ASN C 358 12.54 43.67 -21.97
CA ASN C 358 11.21 44.25 -22.06
C ASN C 358 10.32 43.55 -21.04
N HIS C 359 9.33 44.29 -20.56
CA HIS C 359 8.36 43.75 -19.63
C HIS C 359 7.52 42.68 -20.32
N SER C 360 7.23 41.64 -19.55
CA SER C 360 6.66 40.43 -20.10
C SER C 360 5.24 40.65 -20.60
N SER C 361 4.77 39.69 -21.39
CA SER C 361 3.42 39.75 -21.92
C SER C 361 2.41 39.46 -20.84
N GLY C 362 1.16 39.84 -21.09
CA GLY C 362 0.06 39.53 -20.21
C GLY C 362 -0.35 38.08 -20.28
N GLY C 363 -1.31 37.69 -19.46
CA GLY C 363 -1.77 36.32 -19.48
C GLY C 363 -2.37 35.87 -18.17
N ASP C 364 -1.82 34.80 -17.62
CA ASP C 364 -2.28 34.27 -16.35
C ASP C 364 -1.91 35.23 -15.23
N PRO C 365 -2.70 35.32 -14.16
CA PRO C 365 -2.34 36.21 -13.05
C PRO C 365 -1.12 35.73 -12.31
N GLU C 366 -0.91 34.42 -12.27
CA GLU C 366 0.14 33.89 -11.41
C GLU C 366 1.44 33.62 -12.15
N ILE C 367 1.37 33.32 -13.45
CA ILE C 367 2.58 33.27 -14.23
C ILE C 367 3.22 34.64 -14.37
N VAL C 368 2.41 35.67 -14.64
CA VAL C 368 2.92 37.02 -14.83
C VAL C 368 3.35 37.65 -13.51
N MET C 369 2.41 37.86 -12.61
CA MET C 369 2.70 38.50 -11.34
C MET C 369 3.28 37.45 -10.39
N HIS C 370 4.19 37.88 -9.52
CA HIS C 370 5.07 36.95 -8.83
C HIS C 370 4.47 36.43 -7.55
N SER C 371 3.84 35.25 -7.64
CA SER C 371 3.48 34.48 -6.46
C SER C 371 4.74 34.02 -5.75
N PHE C 372 5.11 34.73 -4.69
CA PHE C 372 6.25 34.37 -3.86
C PHE C 372 5.65 34.19 -2.47
N ASN C 373 5.99 33.10 -1.76
CA ASN C 373 5.23 32.76 -0.52
C ASN C 373 6.02 32.60 0.78
N CYS C 374 6.20 33.66 1.56
CA CYS C 374 6.93 33.64 2.82
C CYS C 374 5.91 33.73 3.94
N GLY C 375 6.16 32.96 5.00
CA GLY C 375 5.19 32.86 6.08
C GLY C 375 3.95 32.06 5.72
N GLY C 376 3.95 31.42 4.55
CA GLY C 376 2.80 30.66 4.13
C GLY C 376 1.67 31.53 3.65
N GLU C 377 1.99 32.73 3.18
CA GLU C 377 0.99 33.59 2.55
C GLU C 377 1.41 33.86 1.12
N PHE C 378 0.54 34.50 0.37
CA PHE C 378 0.70 34.50 -1.08
C PHE C 378 0.90 35.91 -1.60
N PHE C 379 2.15 36.38 -1.53
CA PHE C 379 2.51 37.67 -2.08
C PHE C 379 2.49 37.61 -3.59
N TYR C 380 1.84 38.59 -4.21
CA TYR C 380 1.91 38.75 -5.66
C TYR C 380 2.54 40.12 -5.91
N CYS C 381 3.61 40.16 -6.71
CA CYS C 381 4.34 41.41 -6.89
C CYS C 381 4.42 41.78 -8.36
N ASN C 382 3.96 43.00 -8.67
CA ASN C 382 3.93 43.52 -10.02
C ASN C 382 5.32 44.03 -10.38
N SER C 383 6.03 43.31 -11.24
CA SER C 383 7.43 43.59 -11.55
C SER C 383 7.59 44.63 -12.65
N THR C 384 6.62 45.54 -12.78
CA THR C 384 6.65 46.57 -13.82
C THR C 384 7.72 47.63 -13.53
N GLN C 385 8.35 47.58 -12.36
CA GLN C 385 9.46 48.49 -12.07
C GLN C 385 10.80 47.89 -12.47
N LEU C 386 10.84 46.62 -12.89
CA LEU C 386 12.12 45.93 -12.88
C LEU C 386 12.69 45.62 -14.26
N PHE C 387 12.04 46.02 -15.34
CA PHE C 387 12.56 45.75 -16.67
C PHE C 387 12.41 46.93 -17.62
N ASN C 388 12.22 48.13 -17.10
CA ASN C 388 12.34 49.37 -17.87
C ASN C 388 13.83 49.65 -18.11
N SER C 389 14.41 48.83 -18.96
CA SER C 389 15.85 48.65 -19.01
C SER C 389 16.30 48.36 -20.44
N THR C 390 17.48 48.86 -20.79
CA THR C 390 17.98 48.85 -22.14
C THR C 390 19.50 48.86 -22.10
N TRP C 391 20.13 48.03 -22.92
CA TRP C 391 21.59 47.96 -22.93
C TRP C 391 22.10 47.93 -24.36
N ASN C 392 23.29 48.49 -24.55
CA ASN C 392 23.94 48.55 -25.85
C ASN C 392 25.44 48.67 -25.63
N ASN C 393 26.18 47.70 -26.17
CA ASN C 393 27.63 47.52 -25.97
C ASN C 393 28.09 47.63 -24.52
N ASN C 404 19.77 51.92 -4.22
CA ASN C 404 19.13 53.08 -3.60
C ASN C 404 17.68 52.72 -3.29
N THR C 405 17.50 51.48 -2.82
CA THR C 405 16.29 50.97 -2.17
C THR C 405 15.01 51.12 -2.99
N ILE C 406 14.86 50.36 -4.08
CA ILE C 406 13.57 50.36 -4.78
C ILE C 406 12.56 49.55 -3.98
N THR C 407 11.39 50.15 -3.76
CA THR C 407 10.31 49.48 -3.06
C THR C 407 9.25 49.03 -4.06
N LEU C 408 8.82 47.77 -3.93
CA LEU C 408 7.98 47.17 -4.95
C LEU C 408 6.54 47.02 -4.46
N PRO C 409 5.57 47.65 -5.12
CA PRO C 409 4.17 47.47 -4.72
C PRO C 409 3.68 46.07 -5.04
N CYS C 410 3.10 45.43 -4.02
CA CYS C 410 2.69 44.04 -4.13
C CYS C 410 1.26 43.90 -3.60
N ARG C 411 0.72 42.69 -3.74
CA ARG C 411 -0.66 42.42 -3.37
C ARG C 411 -0.78 40.91 -3.11
N ILE C 412 -1.90 40.48 -2.54
CA ILE C 412 -2.06 39.09 -2.11
C ILE C 412 -3.43 38.57 -2.55
N LYS C 413 -3.44 37.36 -3.11
CA LYS C 413 -4.67 36.60 -3.36
C LYS C 413 -4.67 35.40 -2.43
N GLN C 414 -5.86 34.85 -2.16
CA GLN C 414 -5.96 33.77 -1.18
C GLN C 414 -5.93 32.39 -1.83
N ILE C 415 -6.70 32.17 -2.89
CA ILE C 415 -7.09 30.84 -3.33
C ILE C 415 -6.15 30.41 -4.45
N ILE C 416 -5.57 29.22 -4.32
CA ILE C 416 -4.55 28.74 -5.24
C ILE C 416 -5.02 27.44 -5.87
N ASN C 417 -4.88 27.33 -7.18
CA ASN C 417 -5.15 26.10 -7.90
C ASN C 417 -3.84 25.40 -8.22
N MET C 418 -3.93 24.14 -8.60
CA MET C 418 -2.86 23.59 -9.40
C MET C 418 -2.90 24.24 -10.77
N TRP C 419 -1.73 24.48 -11.34
CA TRP C 419 -1.74 24.89 -12.74
C TRP C 419 -2.02 23.72 -13.66
N GLN C 420 -1.74 22.50 -13.22
CA GLN C 420 -1.77 21.36 -14.12
C GLN C 420 -3.09 20.62 -14.04
N GLU C 421 -3.40 20.05 -12.87
CA GLU C 421 -4.65 19.30 -12.73
C GLU C 421 -5.73 20.24 -12.20
N VAL C 422 -6.83 20.36 -12.93
CA VAL C 422 -7.79 21.43 -12.70
C VAL C 422 -8.80 21.07 -11.62
N GLY C 423 -8.59 19.94 -10.94
CA GLY C 423 -9.53 19.52 -9.93
C GLY C 423 -9.12 19.82 -8.50
N LYS C 424 -7.97 20.45 -8.31
CA LYS C 424 -7.42 20.57 -6.96
C LYS C 424 -7.05 22.01 -6.66
N ALA C 425 -7.65 22.54 -5.59
CA ALA C 425 -7.52 23.93 -5.20
C ALA C 425 -7.26 24.00 -3.71
N MET C 426 -6.49 25.01 -3.30
CA MET C 426 -6.05 25.14 -1.92
C MET C 426 -6.37 26.55 -1.41
N TYR C 427 -6.86 26.63 -0.17
CA TYR C 427 -7.28 27.89 0.42
C TYR C 427 -6.29 28.33 1.50
N ALA C 428 -6.07 29.64 1.57
CA ALA C 428 -5.09 30.21 2.49
C ALA C 428 -5.73 30.51 3.84
N PRO C 429 -5.22 29.95 4.93
CA PRO C 429 -5.77 30.27 6.25
C PRO C 429 -5.26 31.61 6.73
N PRO C 430 -6.12 32.40 7.38
CA PRO C 430 -5.67 33.70 7.89
C PRO C 430 -4.76 33.54 9.10
N ILE C 431 -3.66 34.30 9.12
CA ILE C 431 -2.71 34.30 10.22
C ILE C 431 -2.59 35.73 10.74
N ARG C 432 -2.73 35.89 12.05
CA ARG C 432 -2.72 37.19 12.66
C ARG C 432 -1.30 37.78 12.69
N GLY C 433 -1.21 39.00 13.19
CA GLY C 433 0.05 39.69 13.21
C GLY C 433 0.42 40.22 11.85
N GLN C 434 1.68 40.65 11.72
CA GLN C 434 2.23 41.09 10.46
C GLN C 434 3.44 40.24 10.11
N ILE C 435 3.46 39.73 8.89
CA ILE C 435 4.57 38.89 8.43
C ILE C 435 5.73 39.79 8.09
N ARG C 436 6.88 39.50 8.68
CA ARG C 436 8.12 40.26 8.48
C ARG C 436 9.22 39.24 8.22
N CYS C 437 9.55 39.01 6.96
CA CYS C 437 10.55 38.03 6.59
C CYS C 437 11.24 38.41 5.28
N SER C 438 12.28 37.65 4.97
CA SER C 438 13.15 37.95 3.83
C SER C 438 13.52 36.64 3.16
N SER C 439 14.58 36.70 2.35
CA SER C 439 15.02 35.57 1.56
C SER C 439 16.46 35.76 1.16
N ASN C 440 17.09 34.68 0.69
CA ASN C 440 18.30 34.77 -0.11
C ASN C 440 17.92 34.61 -1.56
N ILE C 441 18.52 35.39 -2.45
CA ILE C 441 18.22 35.32 -3.87
C ILE C 441 19.47 34.93 -4.63
N THR C 442 19.43 33.76 -5.27
CA THR C 442 20.59 33.28 -6.01
C THR C 442 20.25 32.65 -7.36
N GLY C 443 19.30 33.18 -8.12
CA GLY C 443 19.10 32.72 -9.47
C GLY C 443 17.89 33.30 -10.14
N LEU C 444 17.88 33.27 -11.47
CA LEU C 444 16.77 33.80 -12.26
C LEU C 444 16.47 32.89 -13.44
N LEU C 445 15.26 33.05 -13.97
CA LEU C 445 14.75 32.30 -15.11
C LEU C 445 14.06 33.25 -16.09
N LEU C 446 14.56 33.31 -17.33
CA LEU C 446 13.85 34.06 -18.36
C LEU C 446 13.76 33.30 -19.68
N THR C 447 13.35 34.00 -20.73
CA THR C 447 13.13 33.41 -22.04
C THR C 447 13.53 34.40 -23.13
N ARG C 448 14.15 33.90 -24.20
CA ARG C 448 14.35 34.67 -25.42
C ARG C 448 12.99 35.02 -26.00
N ASP C 449 12.70 36.31 -26.12
CA ASP C 449 11.36 36.76 -26.47
C ASP C 449 11.05 36.48 -27.94
N GLY C 450 11.86 36.98 -28.86
CA GLY C 450 11.69 36.61 -30.26
C GLY C 450 11.05 37.62 -31.18
N GLY C 451 11.48 38.88 -31.09
CA GLY C 451 11.02 39.90 -32.02
C GLY C 451 11.74 39.88 -33.35
N ILE C 452 11.43 40.89 -34.17
CA ILE C 452 12.06 41.01 -35.48
C ILE C 452 13.39 41.76 -35.37
N ASN C 453 14.28 41.48 -36.33
CA ASN C 453 15.70 41.82 -36.22
C ASN C 453 16.03 43.28 -36.52
N GLU C 454 15.06 44.18 -36.51
CA GLU C 454 15.36 45.61 -36.61
C GLU C 454 15.88 46.16 -35.28
N ASN C 455 15.86 45.36 -34.24
CA ASN C 455 16.42 45.69 -32.94
C ASN C 455 17.91 45.38 -32.91
N GLY C 456 18.47 45.33 -31.70
CA GLY C 456 19.81 44.82 -31.47
C GLY C 456 19.87 43.31 -31.40
N THR C 457 18.83 42.65 -31.90
CA THR C 457 18.65 41.22 -32.11
C THR C 457 18.64 40.41 -30.82
N GLU C 458 18.29 41.00 -29.68
CA GLU C 458 18.01 40.20 -28.50
C GLU C 458 17.05 40.95 -27.58
N ILE C 459 15.89 40.35 -27.33
CA ILE C 459 14.93 40.80 -26.33
C ILE C 459 14.64 39.62 -25.41
N PHE C 460 14.64 39.88 -24.11
CA PHE C 460 14.12 38.92 -23.14
C PHE C 460 12.87 39.50 -22.52
N ARG C 461 11.72 38.86 -22.75
CA ARG C 461 10.51 39.24 -21.99
C ARG C 461 10.33 38.06 -21.02
N PRO C 462 10.43 38.24 -19.69
CA PRO C 462 10.39 37.12 -18.75
C PRO C 462 9.17 36.17 -18.79
N GLY C 463 9.24 35.05 -18.07
CA GLY C 463 8.12 34.13 -18.06
C GLY C 463 8.06 33.23 -16.83
N GLY C 464 6.88 33.12 -16.23
CA GLY C 464 6.66 32.17 -15.15
C GLY C 464 6.36 30.80 -15.72
N GLY C 465 6.91 29.77 -15.08
CA GLY C 465 6.89 28.46 -15.70
C GLY C 465 6.40 27.30 -14.87
N ASP C 466 6.81 26.11 -15.26
CA ASP C 466 6.40 24.89 -14.59
C ASP C 466 7.25 24.66 -13.34
N MET C 467 6.70 23.88 -12.41
CA MET C 467 7.37 23.63 -11.15
C MET C 467 8.63 22.79 -11.34
N ARG C 468 8.60 21.84 -12.28
CA ARG C 468 9.68 20.89 -12.59
C ARG C 468 11.02 21.58 -12.85
N ASP C 469 10.93 22.78 -13.38
CA ASP C 469 12.06 23.69 -13.49
C ASP C 469 12.77 23.91 -12.15
N ASN C 470 12.01 24.03 -11.07
CA ASN C 470 12.57 24.55 -9.83
C ASN C 470 13.42 23.51 -9.13
N TRP C 471 13.09 22.23 -9.32
CA TRP C 471 14.00 21.19 -8.86
C TRP C 471 15.13 21.00 -9.84
N ARG C 472 14.91 21.33 -11.11
CA ARG C 472 15.98 21.22 -12.10
C ARG C 472 17.01 22.31 -11.87
N SER C 473 16.62 23.34 -11.10
CA SER C 473 17.44 24.52 -10.89
C SER C 473 18.71 24.22 -10.09
N GLU C 474 18.75 23.13 -9.34
CA GLU C 474 19.90 22.86 -8.51
C GLU C 474 20.48 21.49 -8.76
N LEU C 475 19.70 20.57 -9.31
CA LEU C 475 20.14 19.20 -9.45
C LEU C 475 20.94 18.99 -10.72
N TYR C 476 21.21 20.06 -11.46
CA TYR C 476 22.07 19.99 -12.62
C TYR C 476 23.47 19.55 -12.25
N LYS C 477 23.91 19.90 -11.04
CA LYS C 477 25.18 19.40 -10.54
C LYS C 477 25.02 18.06 -9.85
N TYR C 478 23.86 17.42 -9.95
CA TYR C 478 23.64 16.12 -9.35
C TYR C 478 23.26 15.09 -10.40
N LYS C 479 23.56 13.83 -10.10
CA LYS C 479 23.15 12.72 -10.94
C LYS C 479 23.12 11.46 -10.08
N VAL C 480 22.14 10.60 -10.34
CA VAL C 480 21.97 9.37 -9.57
C VAL C 480 22.27 8.18 -10.47
N VAL C 481 23.20 7.34 -10.05
CA VAL C 481 23.64 6.20 -10.83
C VAL C 481 23.62 4.98 -9.92
N LYS C 482 23.61 3.80 -10.53
CA LYS C 482 23.49 2.54 -9.84
C LYS C 482 24.78 1.76 -10.06
N ILE C 483 25.06 0.83 -9.15
CA ILE C 483 26.38 0.21 -9.03
C ILE C 483 26.25 -1.29 -9.27
N GLU C 484 27.19 -1.86 -10.03
CA GLU C 484 27.07 -3.21 -10.54
C GLU C 484 28.31 -3.99 -10.13
N PRO C 485 28.37 -4.46 -8.88
CA PRO C 485 29.62 -5.04 -8.36
C PRO C 485 30.01 -6.35 -9.00
N LEU C 486 29.09 -6.97 -9.74
CA LEU C 486 29.34 -8.04 -10.69
C LEU C 486 30.48 -7.72 -11.65
N GLY C 487 31.18 -8.76 -12.12
CA GLY C 487 32.20 -8.56 -13.13
C GLY C 487 33.19 -9.70 -13.22
N VAL C 488 33.53 -10.10 -14.44
CA VAL C 488 34.53 -11.14 -14.65
C VAL C 488 35.49 -10.69 -15.74
N ALA C 489 36.79 -10.88 -15.52
CA ALA C 489 37.72 -10.63 -16.60
C ALA C 489 38.53 -11.89 -16.86
N PRO C 490 39.02 -12.12 -18.07
CA PRO C 490 39.91 -13.25 -18.30
C PRO C 490 41.27 -13.01 -17.64
N THR C 491 41.75 -14.02 -16.93
CA THR C 491 42.85 -13.85 -15.99
C THR C 491 44.04 -14.73 -16.24
N LYS C 492 44.14 -15.37 -17.42
CA LYS C 492 45.30 -16.08 -17.97
C LYS C 492 45.84 -17.22 -17.10
N ALA C 493 45.17 -17.54 -16.00
CA ALA C 493 45.60 -18.61 -15.12
C ALA C 493 44.53 -19.67 -15.06
N LYS C 494 44.87 -20.88 -15.52
CA LYS C 494 43.95 -22.01 -15.52
C LYS C 494 43.57 -22.40 -14.10
N ARG C 495 42.34 -22.02 -13.72
CA ARG C 495 41.91 -21.69 -12.35
C ARG C 495 43.05 -21.20 -11.46
N GLY C 513 42.36 1.25 2.19
CA GLY C 513 41.29 2.16 2.55
C GLY C 513 41.50 3.55 1.97
N PHE C 514 41.90 3.61 0.71
CA PHE C 514 42.23 4.88 0.09
C PHE C 514 40.98 5.57 -0.42
N LEU C 515 40.33 4.98 -1.42
CA LEU C 515 39.17 5.57 -2.05
C LEU C 515 38.40 4.48 -2.77
N GLY C 516 37.10 4.69 -2.92
CA GLY C 516 36.23 3.63 -3.42
C GLY C 516 36.42 3.33 -4.89
N ALA C 517 36.30 4.34 -5.75
CA ALA C 517 36.21 4.11 -7.19
C ALA C 517 37.18 5.00 -7.94
N ALA C 518 38.33 4.43 -8.31
CA ALA C 518 39.31 5.04 -9.22
C ALA C 518 40.23 3.94 -9.70
N GLY C 519 41.00 4.25 -10.74
CA GLY C 519 42.11 3.42 -11.15
C GLY C 519 41.86 2.72 -12.48
N SER C 520 42.86 1.92 -12.87
CA SER C 520 42.80 1.07 -14.06
C SER C 520 42.92 -0.41 -13.71
N THR C 521 43.68 -0.73 -12.69
CA THR C 521 43.77 -2.07 -12.16
C THR C 521 43.63 -1.99 -10.64
N MET C 522 42.60 -2.63 -10.11
CA MET C 522 42.32 -2.55 -8.68
C MET C 522 43.29 -3.48 -7.98
N GLY C 523 44.20 -2.91 -7.20
CA GLY C 523 44.96 -3.73 -6.27
C GLY C 523 44.06 -4.28 -5.18
N ALA C 524 43.38 -3.40 -4.45
CA ALA C 524 42.37 -3.78 -3.49
C ALA C 524 41.20 -2.82 -3.42
N ALA C 525 41.05 -1.91 -4.39
CA ALA C 525 40.04 -0.88 -4.30
C ALA C 525 38.64 -1.42 -4.53
N SER C 526 38.54 -2.59 -5.17
CA SER C 526 37.26 -3.27 -5.27
C SER C 526 36.77 -3.71 -3.90
N MET C 527 37.70 -4.12 -3.04
CA MET C 527 37.36 -4.55 -1.69
C MET C 527 36.83 -3.38 -0.86
N THR C 528 37.27 -2.16 -1.19
CA THR C 528 36.77 -0.99 -0.49
C THR C 528 35.28 -0.79 -0.76
N LEU C 529 34.86 -1.08 -1.99
CA LEU C 529 33.45 -0.96 -2.30
C LEU C 529 32.67 -2.15 -1.78
N THR C 530 33.34 -3.26 -1.51
CA THR C 530 32.66 -4.37 -0.84
C THR C 530 32.29 -3.97 0.58
N VAL C 531 33.10 -3.14 1.21
CA VAL C 531 32.73 -2.58 2.50
C VAL C 531 31.50 -1.69 2.36
N GLN C 532 31.44 -0.92 1.27
CA GLN C 532 30.19 -0.24 0.93
C GLN C 532 29.10 -1.24 0.56
N ALA C 533 29.48 -2.37 -0.03
CA ALA C 533 28.49 -3.40 -0.29
C ALA C 533 28.10 -4.14 0.97
N ARG C 534 28.97 -4.16 1.99
CA ARG C 534 28.57 -4.67 3.28
C ARG C 534 28.05 -3.59 4.21
N LEU C 535 27.74 -2.41 3.67
CA LEU C 535 26.87 -1.46 4.35
C LEU C 535 25.40 -1.74 4.09
N LEU C 536 25.08 -2.95 3.64
CA LEU C 536 23.78 -3.31 3.08
C LEU C 536 22.66 -3.20 4.11
N LEU C 537 22.64 -4.09 5.08
CA LEU C 537 21.64 -4.09 6.14
C LEU C 537 22.23 -4.47 7.49
N SER C 538 23.35 -3.83 7.88
CA SER C 538 24.05 -4.21 9.11
C SER C 538 23.18 -4.01 10.34
N GLY C 539 22.29 -3.02 10.31
CA GLY C 539 21.39 -2.79 11.41
C GLY C 539 21.98 -1.93 12.51
N ILE C 540 23.29 -1.74 12.46
CA ILE C 540 24.01 -1.09 13.55
C ILE C 540 24.93 0.02 13.04
N VAL C 541 25.40 -0.07 11.79
CA VAL C 541 26.31 0.94 11.27
C VAL C 541 25.50 2.19 10.93
N GLN C 542 25.90 3.32 11.51
CA GLN C 542 25.22 4.59 11.40
C GLN C 542 25.16 5.15 9.97
N GLN C 543 25.89 4.57 9.03
CA GLN C 543 26.09 5.18 7.73
C GLN C 543 24.89 4.94 6.81
N GLN C 544 24.37 3.72 6.81
CA GLN C 544 23.27 3.37 5.90
C GLN C 544 21.98 4.13 6.22
N ASN C 545 21.30 3.75 7.30
CA ASN C 545 20.26 4.56 7.90
C ASN C 545 20.34 4.43 9.41
N ASN C 546 21.34 3.69 9.91
CA ASN C 546 21.68 3.20 11.25
C ASN C 546 20.74 2.07 11.68
N LEU C 547 19.60 1.95 11.00
CA LEU C 547 18.55 0.92 11.16
C LEU C 547 18.26 0.56 12.61
N LEU C 548 18.30 1.55 13.50
CA LEU C 548 18.13 1.36 14.93
C LEU C 548 17.02 2.24 15.48
N ARG C 549 17.07 3.52 15.19
CA ARG C 549 15.93 4.42 15.35
C ARG C 549 15.17 4.56 14.06
N ALA C 550 15.86 4.38 12.94
CA ALA C 550 15.21 4.32 11.63
C ALA C 550 14.32 3.09 11.52
N ILE C 551 14.70 2.01 12.20
CA ILE C 551 13.90 0.80 12.15
C ILE C 551 12.71 0.91 13.09
N GLU C 552 12.71 1.89 13.99
CA GLU C 552 11.66 2.00 14.99
C GLU C 552 10.72 3.17 14.72
N ALA C 553 11.22 4.21 14.05
CA ALA C 553 10.37 5.35 13.74
C ALA C 553 9.35 5.00 12.68
N GLN C 554 9.71 4.06 11.79
CA GLN C 554 8.78 3.67 10.74
C GLN C 554 7.69 2.74 11.27
N GLN C 555 8.04 1.84 12.19
CA GLN C 555 7.09 0.81 12.59
C GLN C 555 6.02 1.36 13.50
N ARG C 556 6.28 2.51 14.13
CA ARG C 556 5.29 3.16 14.97
C ARG C 556 4.15 3.71 14.13
N MET C 557 4.47 4.45 13.08
CA MET C 557 3.49 5.19 12.30
C MET C 557 3.60 4.90 10.81
N LEU C 558 3.66 3.62 10.44
CA LEU C 558 3.68 3.26 9.03
C LEU C 558 2.32 3.42 8.37
N GLN C 559 1.25 3.61 9.15
CA GLN C 559 -0.09 3.83 8.64
C GLN C 559 -0.21 5.08 7.79
N LEU C 560 0.76 6.00 7.89
CA LEU C 560 0.71 7.23 7.11
C LEU C 560 0.85 6.95 5.62
N THR C 561 1.66 5.95 5.28
CA THR C 561 1.82 5.37 3.95
C THR C 561 2.15 6.39 2.86
N VAL C 562 2.80 7.49 3.23
CA VAL C 562 3.09 8.55 2.28
C VAL C 562 4.59 8.70 2.17
N TRP C 563 5.28 8.57 3.28
CA TRP C 563 6.69 8.88 3.38
C TRP C 563 7.49 7.64 3.72
N GLY C 564 7.05 6.88 4.72
CA GLY C 564 7.70 5.64 5.05
C GLY C 564 7.47 4.55 4.04
N ILE C 565 6.52 4.75 3.14
CA ILE C 565 6.16 3.72 2.16
C ILE C 565 7.32 3.47 1.22
N LYS C 566 7.95 4.53 0.73
CA LYS C 566 9.05 4.37 -0.20
C LYS C 566 10.28 3.83 0.49
N GLN C 567 10.39 4.10 1.79
CA GLN C 567 11.49 3.58 2.59
C GLN C 567 11.42 2.07 2.65
N LEU C 568 10.23 1.55 2.90
CA LEU C 568 10.08 0.12 2.93
C LEU C 568 10.08 -0.43 1.52
N GLN C 569 9.63 0.36 0.56
CA GLN C 569 9.87 0.03 -0.84
C GLN C 569 11.35 0.04 -1.16
N ALA C 570 12.12 0.88 -0.51
CA ALA C 570 13.55 0.85 -0.72
C ALA C 570 14.17 -0.40 -0.10
N ARG C 571 13.62 -0.86 1.02
CA ARG C 571 14.07 -2.11 1.63
C ARG C 571 13.87 -3.27 0.67
N VAL C 572 12.76 -3.25 -0.07
CA VAL C 572 12.41 -4.24 -1.08
C VAL C 572 13.49 -4.29 -2.13
N LEU C 573 13.83 -3.13 -2.68
CA LEU C 573 14.86 -3.11 -3.70
C LEU C 573 16.22 -3.41 -3.11
N ALA C 574 16.42 -3.07 -1.83
CA ALA C 574 17.70 -3.29 -1.18
C ALA C 574 17.99 -4.77 -1.06
N VAL C 575 16.97 -5.57 -0.78
CA VAL C 575 17.27 -6.96 -0.50
C VAL C 575 17.46 -7.74 -1.80
N GLU C 576 16.50 -7.63 -2.73
CA GLU C 576 16.45 -8.59 -3.83
C GLU C 576 17.53 -8.31 -4.85
N ARG C 577 17.98 -7.06 -4.92
CA ARG C 577 19.18 -6.77 -5.67
C ARG C 577 20.38 -7.46 -5.03
N TYR C 578 20.55 -7.25 -3.73
CA TYR C 578 21.58 -7.93 -2.97
C TYR C 578 21.39 -9.43 -2.99
N LEU C 579 20.13 -9.88 -2.88
CA LEU C 579 19.87 -11.31 -2.84
C LEU C 579 20.15 -11.98 -4.17
N GLY C 580 19.82 -11.30 -5.27
CA GLY C 580 20.18 -11.84 -6.57
C GLY C 580 21.68 -11.88 -6.74
N ASP C 581 22.37 -10.90 -6.18
CA ASP C 581 23.82 -10.96 -6.09
C ASP C 581 24.25 -12.09 -5.17
N GLN C 582 23.51 -12.29 -4.08
CA GLN C 582 23.76 -13.43 -3.22
C GLN C 582 23.48 -14.75 -3.93
N GLN C 583 22.48 -14.75 -4.82
CA GLN C 583 22.25 -15.92 -5.65
C GLN C 583 23.43 -16.19 -6.56
N LEU C 584 23.73 -15.23 -7.44
CA LEU C 584 24.75 -15.39 -8.47
C LEU C 584 26.13 -15.63 -7.88
N LEU C 585 26.33 -15.19 -6.64
CA LEU C 585 27.43 -15.70 -5.84
C LEU C 585 27.37 -17.21 -5.72
N GLY C 586 26.33 -17.72 -5.06
CA GLY C 586 26.23 -19.14 -4.87
C GLY C 586 25.86 -19.91 -6.11
N ILE C 587 25.35 -19.24 -7.14
CA ILE C 587 25.01 -19.91 -8.39
C ILE C 587 26.26 -20.45 -9.08
N TRP C 588 27.31 -19.65 -9.13
CA TRP C 588 28.54 -20.11 -9.74
C TRP C 588 29.44 -20.82 -8.75
N GLY C 589 28.93 -21.17 -7.58
CA GLY C 589 29.72 -21.84 -6.56
C GLY C 589 30.82 -20.97 -6.01
N CYS C 590 30.65 -19.66 -6.04
CA CYS C 590 31.73 -18.76 -5.67
C CYS C 590 31.92 -18.71 -4.16
N SER C 591 30.84 -18.44 -3.43
CA SER C 591 30.78 -18.44 -1.96
C SER C 591 31.79 -17.45 -1.36
N GLY C 592 31.54 -16.17 -1.62
CA GLY C 592 32.43 -15.12 -1.15
C GLY C 592 33.76 -15.15 -1.90
N LYS C 593 34.80 -14.74 -1.18
CA LYS C 593 36.22 -14.86 -1.52
C LYS C 593 36.66 -14.00 -2.70
N LEU C 594 35.74 -13.27 -3.33
CA LEU C 594 35.97 -12.19 -4.30
C LEU C 594 36.64 -12.64 -5.59
N ILE C 595 36.92 -13.93 -5.77
CA ILE C 595 37.76 -14.39 -6.86
C ILE C 595 37.02 -15.39 -7.73
N CYS C 596 36.64 -16.53 -7.15
CA CYS C 596 35.81 -17.57 -7.78
C CYS C 596 36.44 -18.05 -9.09
N THR C 597 37.60 -18.66 -8.94
CA THR C 597 38.43 -18.94 -10.10
C THR C 597 38.07 -20.28 -10.74
N THR C 598 38.10 -20.31 -12.06
CA THR C 598 37.70 -21.49 -12.81
C THR C 598 38.72 -21.80 -13.88
N ALA C 599 38.85 -23.08 -14.19
CA ALA C 599 39.75 -23.55 -15.24
C ALA C 599 38.94 -23.79 -16.51
N VAL C 600 38.40 -22.71 -17.07
CA VAL C 600 37.56 -22.80 -18.25
C VAL C 600 38.25 -22.04 -19.38
N PRO C 601 38.51 -22.67 -20.52
CA PRO C 601 39.14 -21.96 -21.63
C PRO C 601 38.14 -21.10 -22.37
N TRP C 602 38.63 -19.99 -22.95
CA TRP C 602 37.79 -19.07 -23.71
C TRP C 602 38.56 -18.54 -24.91
N ASN C 603 37.94 -18.59 -26.08
CA ASN C 603 38.64 -18.25 -27.31
C ASN C 603 38.89 -16.75 -27.40
N ALA C 604 39.92 -16.39 -28.18
CA ALA C 604 40.25 -15.01 -28.47
C ALA C 604 39.44 -14.44 -29.62
N SER C 605 38.27 -15.03 -29.87
CA SER C 605 37.28 -14.48 -30.79
C SER C 605 36.82 -13.10 -30.37
N TRP C 606 36.94 -12.78 -29.09
CA TRP C 606 36.52 -11.46 -28.61
C TRP C 606 37.66 -10.45 -28.69
N SER C 607 38.90 -10.89 -28.47
CA SER C 607 40.03 -9.96 -28.37
C SER C 607 41.34 -10.64 -28.77
N ASN C 608 41.94 -10.13 -29.85
CA ASN C 608 43.28 -10.65 -30.26
C ASN C 608 44.28 -9.58 -29.83
N LYS C 609 44.08 -9.00 -28.64
CA LYS C 609 44.93 -7.87 -28.21
C LYS C 609 45.88 -8.27 -27.08
N SER C 610 46.92 -7.48 -26.84
CA SER C 610 47.88 -7.72 -25.77
C SER C 610 47.15 -7.65 -24.45
N LEU C 611 47.42 -8.64 -23.60
CA LEU C 611 46.73 -8.70 -22.32
C LEU C 611 47.22 -7.61 -21.37
N ASP C 612 48.44 -7.12 -21.60
CA ASP C 612 49.07 -6.16 -20.69
C ASP C 612 48.38 -4.81 -20.73
N ARG C 613 47.95 -4.38 -21.92
CA ARG C 613 47.21 -3.12 -22.04
C ARG C 613 45.84 -3.23 -21.37
N ILE C 614 45.30 -4.44 -21.36
CA ILE C 614 44.00 -4.68 -20.75
C ILE C 614 44.10 -4.54 -19.24
N TRP C 615 45.27 -4.91 -18.69
CA TRP C 615 45.56 -4.66 -17.28
C TRP C 615 45.56 -3.18 -16.95
N ASN C 616 46.52 -2.44 -17.52
CA ASN C 616 46.82 -1.11 -17.00
C ASN C 616 46.51 0.01 -17.98
N ASN C 617 46.75 -0.15 -19.29
CA ASN C 617 46.52 1.02 -20.19
C ASN C 617 45.04 1.36 -20.11
N MET C 618 44.21 0.32 -20.02
CA MET C 618 42.75 0.55 -19.96
C MET C 618 42.21 0.13 -18.59
N THR C 619 41.14 0.78 -18.12
CA THR C 619 40.49 0.39 -16.89
C THR C 619 39.54 -0.75 -17.23
N TRP C 620 38.69 -1.07 -16.28
CA TRP C 620 37.69 -2.10 -16.51
C TRP C 620 36.36 -1.51 -16.90
N MET C 621 36.25 -0.18 -16.84
CA MET C 621 35.06 0.52 -17.32
C MET C 621 34.91 0.38 -18.82
N GLU C 622 35.88 0.93 -19.55
CA GLU C 622 35.83 0.93 -20.99
C GLU C 622 36.02 -0.46 -21.56
N TRP C 623 36.69 -1.34 -20.81
CA TRP C 623 36.73 -2.73 -21.22
C TRP C 623 35.37 -3.39 -21.11
N GLU C 624 34.60 -3.01 -20.09
CA GLU C 624 33.21 -3.45 -20.03
C GLU C 624 32.39 -2.80 -21.13
N ARG C 625 32.69 -1.54 -21.46
CA ARG C 625 32.00 -0.86 -22.54
C ARG C 625 32.26 -1.54 -23.88
N GLU C 626 33.49 -2.02 -24.08
CA GLU C 626 33.92 -2.39 -25.42
C GLU C 626 33.39 -3.76 -25.82
N ILE C 627 33.86 -4.82 -25.17
CA ILE C 627 33.52 -6.17 -25.58
C ILE C 627 32.42 -6.77 -24.71
N ASP C 628 32.25 -6.28 -23.49
CA ASP C 628 31.37 -6.96 -22.56
C ASP C 628 29.94 -6.49 -22.72
N ASN C 629 29.78 -5.38 -23.45
CA ASN C 629 28.44 -4.78 -23.71
C ASN C 629 27.49 -5.79 -24.34
N TYR C 630 27.98 -6.97 -24.77
CA TYR C 630 27.12 -7.92 -25.51
C TYR C 630 27.33 -9.36 -25.01
N THR C 631 28.53 -9.69 -24.51
CA THR C 631 28.83 -11.03 -24.06
C THR C 631 28.10 -11.42 -22.78
N SER C 632 26.82 -11.04 -22.64
CA SER C 632 26.04 -11.41 -21.46
C SER C 632 25.79 -12.91 -21.39
N GLU C 633 25.91 -13.59 -22.52
CA GLU C 633 25.82 -15.04 -22.57
C GLU C 633 26.93 -15.76 -21.81
N ILE C 634 28.08 -15.09 -21.62
CA ILE C 634 29.22 -15.70 -20.93
C ILE C 634 28.84 -16.06 -19.49
N TYR C 635 27.93 -15.30 -18.90
CA TYR C 635 27.32 -15.64 -17.62
C TYR C 635 26.69 -17.02 -17.64
N THR C 636 25.85 -17.27 -18.64
CA THR C 636 25.29 -18.60 -18.83
C THR C 636 26.38 -19.58 -19.23
N LEU C 637 27.37 -19.11 -19.98
CA LEU C 637 28.42 -19.99 -20.45
C LEU C 637 29.38 -20.34 -19.33
N ILE C 638 29.57 -19.44 -18.37
CA ILE C 638 30.36 -19.83 -17.21
C ILE C 638 29.48 -20.56 -16.22
N GLU C 639 28.16 -20.42 -16.33
CA GLU C 639 27.25 -21.17 -15.48
C GLU C 639 27.31 -22.66 -15.80
N GLU C 640 27.12 -22.98 -17.07
CA GLU C 640 27.13 -24.37 -17.50
C GLU C 640 28.49 -25.00 -17.33
N SER C 641 29.54 -24.21 -17.48
CA SER C 641 30.89 -24.71 -17.26
C SER C 641 31.06 -25.08 -15.80
N GLN C 642 30.44 -24.30 -14.91
CA GLN C 642 30.34 -24.72 -13.53
C GLN C 642 29.40 -25.90 -13.40
N ASN C 643 28.21 -25.80 -14.01
CA ASN C 643 27.11 -26.74 -13.79
C ASN C 643 27.49 -28.14 -14.26
N GLN C 644 28.14 -28.23 -15.42
CA GLN C 644 28.59 -29.54 -15.88
C GLN C 644 29.68 -30.08 -14.97
N GLN C 645 30.66 -29.22 -14.64
CA GLN C 645 31.82 -29.65 -13.87
C GLN C 645 31.44 -30.05 -12.45
N GLU C 646 30.51 -29.32 -11.84
CA GLU C 646 30.11 -29.69 -10.49
C GLU C 646 29.43 -31.04 -10.47
N LYS C 647 28.66 -31.35 -11.52
CA LYS C 647 28.12 -32.70 -11.64
C LYS C 647 29.22 -33.72 -11.88
N ASN C 648 30.27 -33.31 -12.62
CA ASN C 648 31.39 -34.23 -12.88
C ASN C 648 32.12 -34.59 -11.60
N GLU C 649 32.44 -33.60 -10.77
CA GLU C 649 33.06 -33.90 -9.49
C GLU C 649 32.07 -34.51 -8.52
N GLN C 650 30.77 -34.33 -8.75
CA GLN C 650 29.80 -35.15 -8.05
C GLN C 650 29.82 -36.57 -8.57
N GLU C 651 29.87 -36.74 -9.90
CA GLU C 651 29.80 -38.07 -10.46
C GLU C 651 31.09 -38.83 -10.29
N LEU C 652 32.23 -38.14 -10.26
CA LEU C 652 33.51 -38.80 -10.03
C LEU C 652 33.92 -38.79 -8.57
N LEU C 653 33.24 -38.01 -7.73
CA LEU C 653 33.54 -37.97 -6.31
C LEU C 653 32.28 -37.56 -5.56
C1 NAG D . -46.65 5.50 17.75
C2 NAG D . -47.17 6.29 16.58
C3 NAG D . -48.42 5.60 16.00
C4 NAG D . -48.17 4.12 15.76
C5 NAG D . -47.49 3.46 16.96
C6 NAG D . -47.02 2.06 16.66
C7 NAG D . -46.60 8.64 16.99
C8 NAG D . -47.10 9.98 17.46
N2 NAG D . -47.50 7.66 16.98
O3 NAG D . -48.76 6.23 14.77
O4 NAG D . -49.42 3.48 15.59
O5 NAG D . -46.33 4.21 17.34
O6 NAG D . -45.61 1.99 16.65
O7 NAG D . -45.44 8.48 16.63
C1 NAG D . -49.65 3.10 14.24
C2 NAG D . -50.85 2.16 14.29
C3 NAG D . -51.26 1.74 12.89
C4 NAG D . -51.54 3.00 12.06
C5 NAG D . -50.29 3.86 12.05
C6 NAG D . -50.47 5.17 11.31
C7 NAG D . -51.37 0.59 16.10
C8 NAG D . -50.94 -0.63 16.85
N2 NAG D . -50.57 0.99 15.11
O3 NAG D . -52.43 0.93 12.96
O4 NAG D . -51.96 2.65 10.74
O5 NAG D . -49.93 4.21 13.40
O6 NAG D . -49.45 6.09 11.63
O7 NAG D . -52.40 1.21 16.39
C1 BMA D . -53.36 3.00 10.65
C2 BMA D . -53.95 2.45 9.32
C3 BMA D . -55.47 2.71 9.28
C4 BMA D . -56.16 2.24 10.57
C5 BMA D . -55.50 2.88 11.78
C6 BMA D . -56.10 2.42 13.09
O2 BMA D . -53.75 1.04 9.22
O3 BMA D . -56.09 2.12 8.14
O4 BMA D . -57.54 2.59 10.53
O5 BMA D . -54.10 2.51 11.77
O6 BMA D . -55.87 1.02 13.23
C1 NAG E . -45.01 18.50 9.02
C2 NAG E . -44.56 19.89 9.39
C3 NAG E . -45.67 20.60 10.17
C4 NAG E . -46.98 20.55 9.39
C5 NAG E . -47.28 19.12 8.92
C6 NAG E . -48.46 19.07 7.97
C7 NAG E . -42.16 20.22 9.67
C8 NAG E . -40.99 20.13 10.60
N2 NAG E . -43.34 19.86 10.17
O3 NAG E . -45.29 21.95 10.39
O4 NAG E . -48.04 20.95 10.24
O5 NAG E . -46.17 18.57 8.23
O6 NAG E . -48.18 19.75 6.76
O7 NAG E . -42.03 20.58 8.51
C1 NAG E . -48.50 22.24 9.83
C2 NAG E . -49.60 22.62 10.80
C3 NAG E . -50.12 24.00 10.49
C4 NAG E . -48.98 25.00 10.49
C5 NAG E . -47.89 24.54 9.53
C6 NAG E . -46.66 25.41 9.56
C7 NAG E . -51.33 21.24 11.89
C8 NAG E . -52.41 20.23 11.69
N2 NAG E . -50.68 21.64 10.79
O3 NAG E . -51.11 24.34 11.46
O4 NAG E . -49.43 26.30 10.11
O5 NAG E . -47.46 23.21 9.88
O6 NAG E . -45.49 24.63 9.79
O7 NAG E . -51.04 21.68 13.00
C1 NAG F . 6.06 -20.60 39.25
C2 NAG F . 5.47 -21.14 37.96
C3 NAG F . 6.09 -22.49 37.64
C4 NAG F . 6.01 -23.39 38.87
C5 NAG F . 6.83 -22.76 40.00
C6 NAG F . 8.11 -23.50 40.26
C7 NAG F . 3.23 -21.65 37.07
C8 NAG F . 1.77 -21.72 37.39
N2 NAG F . 4.03 -21.27 38.08
O3 NAG F . 7.46 -22.30 37.29
O4 NAG F . 4.65 -23.46 39.29
O5 NAG F . 7.18 -21.41 39.65
O6 NAG F . 8.53 -23.31 41.61
O7 NAG F . 3.66 -21.93 35.96
C1 NAG F . 4.01 -24.64 38.76
C2 NAG F . 2.58 -24.66 39.28
C3 NAG F . 1.85 -25.89 38.76
C4 NAG F . 1.96 -26.00 37.25
C5 NAG F . 3.40 -25.82 36.78
C6 NAG F . 3.52 -25.66 35.28
C7 NAG F . 1.47 -24.15 41.41
C8 NAG F . 1.59 -24.16 42.90
N2 NAG F . 2.54 -24.60 40.73
O3 NAG F . 0.47 -25.83 39.14
O4 NAG F . 1.53 -27.29 36.84
O5 NAG F . 4.00 -24.64 37.35
O6 NAG F . 3.08 -24.38 34.88
O7 NAG F . 0.46 -23.77 40.84
C1 BMA F . 0.19 -27.28 36.32
C2 BMA F . 0.25 -27.89 34.90
C3 BMA F . -1.13 -28.27 34.38
C4 BMA F . -1.91 -29.06 35.43
C5 BMA F . -2.00 -28.21 36.69
C6 BMA F . -2.83 -28.87 37.78
O2 BMA F . 1.02 -29.09 34.90
O3 BMA F . -1.06 -29.03 33.19
O4 BMA F . -3.21 -29.34 34.96
O5 BMA F . -0.68 -28.01 37.18
O6 BMA F . -3.76 -27.91 38.27
C1 NAG G . -18.60 -12.15 28.18
C2 NAG G . -18.98 -11.51 26.85
C3 NAG G . -20.35 -11.95 26.35
C4 NAG G . -20.59 -13.45 26.51
C5 NAG G . -20.08 -13.96 27.87
C6 NAG G . -20.13 -15.47 27.95
C7 NAG G . -18.44 -9.28 26.04
C8 NAG G . -18.06 -7.90 26.45
N2 NAG G . -18.96 -10.07 26.98
O3 NAG G . -20.47 -11.61 24.99
O4 NAG G . -21.96 -13.70 26.40
O5 NAG G . -18.75 -13.54 28.10
O6 NAG G . -19.42 -16.02 26.86
O7 NAG G . -18.25 -9.66 24.88
C1 NAG G . -22.29 -14.26 25.11
C2 NAG G . -23.58 -15.08 25.28
C3 NAG G . -24.10 -15.65 23.96
C4 NAG G . -23.99 -14.66 22.79
C5 NAG G . -22.68 -13.88 22.82
C6 NAG G . -22.69 -12.78 21.77
C7 NAG G . -23.81 -16.11 27.44
C8 NAG G . -23.05 -16.90 28.47
N2 NAG G . -23.34 -16.17 26.20
O3 NAG G . -25.44 -16.01 24.20
O4 NAG G . -24.02 -15.36 21.56
O5 NAG G . -22.47 -13.30 24.10
O6 NAG G . -21.45 -12.10 21.78
O7 NAG G . -24.80 -15.45 27.76
C1 BMA G . -25.29 -15.24 20.89
C2 BMA G . -25.11 -15.52 19.40
C3 BMA G . -26.43 -15.51 18.66
C4 BMA G . -27.51 -16.29 19.40
C5 BMA G . -27.53 -15.88 20.86
C6 BMA G . -28.60 -16.63 21.64
O2 BMA G . -24.49 -16.77 19.26
O3 BMA G . -26.24 -16.07 17.36
O4 BMA G . -28.76 -16.04 18.80
O5 BMA G . -26.26 -16.13 21.42
O6 BMA G . -28.40 -18.02 21.55
C1 MAN G . -26.53 -15.08 16.37
C2 MAN G . -26.76 -15.74 15.02
C3 MAN G . -25.48 -16.30 14.43
C4 MAN G . -24.38 -15.26 14.47
C5 MAN G . -24.27 -14.68 15.87
C6 MAN G . -23.18 -13.60 15.94
O2 MAN G . -27.38 -14.83 14.13
O3 MAN G . -25.71 -16.69 13.11
O4 MAN G . -23.15 -15.85 14.10
O5 MAN G . -25.50 -14.10 16.25
O6 MAN G . -23.08 -13.13 17.26
C1 MAN G . -28.81 -15.01 14.20
C2 MAN G . -29.43 -14.60 12.87
C3 MAN G . -29.19 -13.13 12.65
C4 MAN G . -29.72 -12.32 13.83
C5 MAN G . -29.16 -12.86 15.15
C6 MAN G . -29.82 -12.13 16.31
O2 MAN G . -30.81 -14.90 12.88
O3 MAN G . -29.87 -12.72 11.47
O4 MAN G . -29.36 -10.96 13.69
O5 MAN G . -29.39 -14.25 15.25
O6 MAN G . -30.05 -10.79 15.96
C1 MAN G . -29.33 -18.68 22.42
C2 MAN G . -29.09 -20.18 22.47
C3 MAN G . -29.46 -20.85 21.14
C4 MAN G . -30.80 -20.35 20.63
C5 MAN G . -30.81 -18.83 20.66
C6 MAN G . -32.03 -18.19 20.01
O2 MAN G . -29.84 -20.75 23.52
O3 MAN G . -29.48 -22.25 21.32
O4 MAN G . -31.01 -20.80 19.30
O5 MAN G . -30.65 -18.41 22.00
O6 MAN G . -33.17 -19.02 20.14
C1 MAN G . -28.44 -22.84 20.62
C2 MAN G . -28.80 -24.32 20.52
C3 MAN G . -28.30 -25.07 21.75
C4 MAN G . -26.82 -24.78 21.96
C5 MAN G . -26.58 -23.27 21.98
C6 MAN G . -25.09 -22.96 22.14
O2 MAN G . -28.20 -24.90 19.38
O3 MAN G . -28.50 -26.46 21.61
O4 MAN G . -26.37 -25.37 23.17
O5 MAN G . -27.05 -22.69 20.80
O6 MAN G . -24.41 -23.24 20.93
C1 NAG H . 3.38 10.19 43.92
C2 NAG H . 4.67 9.42 43.73
C3 NAG H . 5.86 10.38 43.78
C4 NAG H . 5.41 11.83 43.92
C5 NAG H . 4.25 12.19 42.99
C6 NAG H . 4.70 12.49 41.57
C7 NAG H . 5.68 7.38 44.62
C8 NAG H . 5.71 6.41 45.77
N2 NAG H . 4.82 8.39 44.74
O3 NAG H . 6.64 10.22 42.60
O4 NAG H . 5.06 12.13 45.27
O5 NAG H . 3.27 11.15 42.90
O6 NAG H . 4.86 11.29 40.83
O7 NAG H . 6.41 7.26 43.65
C1 NAG H . 5.41 13.49 45.54
C2 NAG H . 4.22 14.23 46.13
C3 NAG H . 4.60 15.68 46.43
C4 NAG H . 5.84 15.73 47.31
C5 NAG H . 6.95 14.84 46.77
C6 NAG H . 8.09 14.66 47.75
C7 NAG H . 1.80 14.24 45.66
C8 NAG H . 0.75 14.19 44.60
N2 NAG H . 3.07 14.19 45.23
O3 NAG H . 3.51 16.32 47.08
O4 NAG H . 6.34 17.06 47.32
O5 NAG H . 6.48 13.51 46.48
O6 NAG H . 7.67 13.93 48.89
O7 NAG H . 1.53 14.32 46.85
C1 NAG I . -28.81 -16.07 36.43
C2 NAG I . -28.73 -17.05 37.60
C3 NAG I . -27.93 -18.28 37.20
C4 NAG I . -28.50 -18.89 35.92
C5 NAG I . -28.57 -17.82 34.84
C6 NAG I . -29.21 -18.31 33.57
C7 NAG I . -28.77 -15.50 39.49
C8 NAG I . -28.00 -14.95 40.66
N2 NAG I . -28.14 -16.43 38.77
O3 NAG I . -27.97 -19.24 38.25
O4 NAG I . -27.70 -19.98 35.48
O5 NAG I . -29.35 -16.72 35.30
O6 NAG I . -30.14 -19.36 33.84
O7 NAG I . -29.90 -15.11 39.21
C1 NAG I . -28.45 -21.18 35.76
C2 NAG I . -28.00 -22.29 34.80
C3 NAG I . -28.74 -23.59 35.12
C4 NAG I . -28.59 -23.94 36.60
C5 NAG I . -29.01 -22.75 37.47
C6 NAG I . -28.76 -23.00 38.94
C7 NAG I . -27.46 -21.03 32.76
C8 NAG I . -27.84 -20.77 31.34
N2 NAG I . -28.23 -21.91 33.42
O3 NAG I . -28.23 -24.65 34.32
O4 NAG I . -29.41 -25.06 36.91
O5 NAG I . -28.24 -21.60 37.11
O6 NAG I . -27.36 -22.94 39.24
O7 NAG I . -26.51 -20.48 33.30
C1 NAG J . -42.78 -12.15 19.80
C2 NAG J . -42.76 -13.66 19.77
C3 NAG J . -42.33 -14.15 18.40
C4 NAG J . -43.24 -13.55 17.33
C5 NAG J . -43.27 -12.03 17.46
C6 NAG J . -44.26 -11.38 16.53
C7 NAG J . -42.36 -14.72 21.93
C8 NAG J . -41.34 -15.22 22.91
N2 NAG J . -41.89 -14.19 20.81
O3 NAG J . -42.41 -15.58 18.39
O4 NAG J . -42.76 -13.88 16.03
O5 NAG J . -43.65 -11.66 18.80
O6 NAG J . -45.47 -11.06 17.21
O7 NAG J . -43.56 -14.79 22.17
C1 NAG J . -43.46 -15.07 15.61
C2 NAG J . -44.00 -14.86 14.19
C3 NAG J . -44.66 -16.14 13.70
C4 NAG J . -43.71 -17.32 13.81
C5 NAG J . -43.17 -17.42 15.23
C6 NAG J . -42.10 -18.48 15.38
C7 NAG J . -44.75 -12.72 13.30
C8 NAG J . -45.80 -11.65 13.35
N2 NAG J . -44.92 -13.74 14.13
O3 NAG J . -45.07 -15.96 12.34
O4 NAG J . -44.38 -18.52 13.48
O5 NAG J . -42.57 -16.18 15.62
O6 NAG J . -40.80 -17.89 15.48
O7 NAG J . -43.81 -12.65 12.53
C1 NAG K . -32.87 -12.85 38.99
C2 NAG K . -33.86 -13.42 38.00
C3 NAG K . -35.20 -12.71 38.13
C4 NAG K . -35.68 -12.76 39.57
C5 NAG K . -34.59 -12.29 40.52
C6 NAG K . -34.94 -12.51 41.98
C7 NAG K . -32.64 -14.28 36.05
C8 NAG K . -32.20 -14.02 34.65
N2 NAG K . -33.36 -13.32 36.63
O3 NAG K . -36.16 -13.33 37.28
O4 NAG K . -36.80 -11.90 39.72
O5 NAG K . -33.37 -13.00 40.29
O6 NAG K . -34.29 -11.57 42.82
O7 NAG K . -32.35 -15.32 36.64
C1 NAG K . -37.98 -12.67 40.00
C2 NAG K . -38.99 -11.74 40.67
C3 NAG K . -40.30 -12.47 40.92
C4 NAG K . -40.81 -13.11 39.63
C5 NAG K . -39.72 -13.99 39.02
C6 NAG K . -40.10 -14.56 37.67
C7 NAG K . -37.49 -10.27 41.95
C8 NAG K . -37.07 -9.82 43.32
N2 NAG K . -38.46 -11.19 41.91
O3 NAG K . -41.26 -11.54 41.41
O4 NAG K . -41.95 -13.90 39.90
O5 NAG K . -38.53 -13.21 38.81
O6 NAG K . -39.77 -13.66 36.62
O7 NAG K . -36.97 -9.83 40.93
C1 BMA K . -43.10 -13.37 39.20
C2 BMA K . -43.96 -14.55 38.73
C3 BMA K . -45.19 -14.02 38.00
C4 BMA K . -45.94 -13.05 38.91
C5 BMA K . -44.99 -11.92 39.37
C6 BMA K . -45.67 -10.98 40.35
O2 BMA K . -44.45 -15.27 39.84
O3 BMA K . -46.05 -15.07 37.59
O4 BMA K . -47.03 -12.48 38.20
O5 BMA K . -43.86 -12.50 40.02
O6 BMA K . -46.13 -11.75 41.45
C1 NAG L . -23.53 -9.61 55.41
C2 NAG L . -24.50 -8.50 55.72
C3 NAG L . -24.63 -8.32 57.22
C4 NAG L . -25.01 -9.64 57.88
C5 NAG L . -24.06 -10.75 57.42
C6 NAG L . -24.51 -12.13 57.87
C7 NAG L . -25.00 -6.32 54.71
C8 NAG L . -24.43 -5.09 54.06
N2 NAG L . -24.12 -7.25 55.08
O3 NAG L . -25.61 -7.32 57.47
O4 NAG L . -24.91 -9.54 59.29
O5 NAG L . -23.97 -10.81 55.99
O6 NAG L . -25.16 -12.83 56.81
O7 NAG L . -26.20 -6.46 54.88
C1 NAG L . -26.13 -9.01 59.87
C2 NAG L . -26.95 -10.12 60.53
C3 NAG L . -28.19 -9.53 61.21
C4 NAG L . -27.79 -8.40 62.16
C5 NAG L . -26.95 -7.36 61.42
C6 NAG L . -26.43 -6.27 62.32
C7 NAG L . -27.61 -12.40 59.90
C8 NAG L . -27.98 -13.31 58.76
N2 NAG L . -27.33 -11.13 59.57
O3 NAG L . -28.86 -10.55 61.95
O4 NAG L . -28.96 -7.77 62.67
O5 NAG L . -25.80 -8.00 60.84
O6 NAG L . -26.08 -5.11 61.56
O7 NAG L . -27.55 -12.80 61.06
C1 NAG M . -20.36 10.75 48.91
C2 NAG M . -20.41 11.31 50.32
C3 NAG M . -21.26 12.56 50.36
C4 NAG M . -20.81 13.57 49.30
C5 NAG M . -20.68 12.88 47.94
C6 NAG M . -20.07 13.77 46.89
C7 NAG M . -20.16 9.30 51.69
C8 NAG M . -20.84 8.37 52.66
N2 NAG M . -20.91 10.32 51.25
O3 NAG M . -21.17 13.13 51.66
O4 NAG M . -21.76 14.61 49.17
O5 NAG M . -19.85 11.71 48.03
O6 NAG M . -18.76 14.17 47.27
O7 NAG M . -19.01 9.14 51.33
C1 NAG M . -21.56 15.68 50.10
C2 NAG M . -22.03 16.97 49.44
C3 NAG M . -21.99 18.13 50.44
C4 NAG M . -22.75 17.78 51.71
C5 NAG M . -22.22 16.46 52.27
C6 NAG M . -23.01 15.97 53.47
C7 NAG M . -21.48 16.79 47.07
C8 NAG M . -20.55 17.22 45.96
N2 NAG M . -21.23 17.28 48.27
O3 NAG M . -22.56 19.28 49.84
O4 NAG M . -22.59 18.80 52.69
O5 NAG M . -22.32 15.43 51.27
O6 NAG M . -24.37 16.36 53.37
O7 NAG M . -22.41 16.01 46.85
C1 BMA M . -23.75 19.65 52.70
C2 BMA M . -24.40 19.59 54.10
C3 BMA M . -25.58 20.54 54.14
C4 BMA M . -25.21 21.94 53.65
C5 BMA M . -24.52 21.88 52.28
C6 BMA M . -24.00 23.22 51.81
O2 BMA M . -23.49 20.03 55.09
O3 BMA M . -26.13 20.62 55.45
O4 BMA M . -26.36 22.75 53.54
O5 BMA M . -23.40 20.99 52.37
O6 BMA M . -22.91 23.59 52.64
C1 NAG N . -29.82 5.30 41.52
C2 NAG N . -30.53 6.50 40.93
C3 NAG N . -30.71 7.56 42.00
C4 NAG N . -31.42 6.96 43.21
C5 NAG N . -30.75 5.67 43.66
C6 NAG N . -31.55 4.93 44.70
C7 NAG N . -30.36 7.81 38.87
C8 NAG N . -29.46 8.28 37.78
N2 NAG N . -29.79 7.04 39.81
O3 NAG N . -31.49 8.63 41.47
O4 NAG N . -31.38 7.89 44.29
O5 NAG N . -30.59 4.78 42.55
O6 NAG N . -32.94 5.24 44.57
O7 NAG N . -31.55 8.11 38.92
C1 NAG N . -32.69 8.43 44.45
C2 NAG N . -32.97 8.53 45.95
C3 NAG N . -34.33 9.16 46.18
C4 NAG N . -34.42 10.50 45.48
C5 NAG N . -34.09 10.33 44.00
C6 NAG N . -34.02 11.65 43.25
C7 NAG N . -32.02 6.97 47.58
C8 NAG N . -32.07 5.58 48.13
N2 NAG N . -32.88 7.23 46.58
O3 NAG N . -34.54 9.32 47.58
O4 NAG N . -35.71 11.06 45.62
O5 NAG N . -32.79 9.73 43.85
O6 NAG N . -33.00 12.49 43.79
O7 NAG N . -31.26 7.82 48.01
C1 BMA N . -35.61 12.08 46.63
C2 BMA N . -36.59 13.23 46.35
C3 BMA N . -36.52 14.25 47.49
C4 BMA N . -36.62 13.57 48.88
C5 BMA N . -35.63 12.41 48.99
C6 BMA N . -35.75 11.63 50.29
O2 BMA N . -37.94 12.75 46.31
O3 BMA N . -37.53 15.24 47.35
O4 BMA N . -36.36 14.52 49.89
O5 BMA N . -35.87 11.50 47.91
O6 BMA N . -36.52 10.45 50.03
C1 NAG O . -29.03 2.58 53.18
C2 NAG O . -30.23 1.66 53.30
C3 NAG O . -31.28 2.28 54.21
C4 NAG O . -30.66 2.69 55.54
C5 NAG O . -29.45 3.57 55.27
C6 NAG O . -28.70 3.98 56.51
C7 NAG O . -30.16 0.70 51.04
C8 NAG O . -30.89 0.52 49.74
N2 NAG O . -30.81 1.38 51.99
O3 NAG O . -32.33 1.34 54.44
O4 NAG O . -31.58 3.43 56.33
O5 NAG O . -28.51 2.85 54.45
O6 NAG O . -27.38 3.47 56.51
O7 NAG O . -29.03 0.25 51.20
C1 NAG O . -32.26 2.64 57.32
C2 NAG O . -31.46 2.57 58.63
C3 NAG O . -32.28 1.93 59.74
C4 NAG O . -33.64 2.61 59.87
C5 NAG O . -34.34 2.63 58.52
C6 NAG O . -35.64 3.41 58.55
C7 NAG O . -29.13 2.06 59.17
C8 NAG O . -27.93 1.21 58.86
N2 NAG O . -30.22 1.83 58.44
O3 NAG O . -31.56 2.07 60.95
O4 NAG O . -34.47 1.97 60.83
O5 NAG O . -33.50 3.28 57.55
O6 NAG O . -35.45 4.73 58.04
O7 NAG O . -29.10 2.91 60.06
C1 NAG P . -17.35 -18.54 33.79
C2 NAG P . -16.18 -19.22 33.12
C3 NAG P . -16.59 -20.61 32.63
C4 NAG P . -17.28 -21.40 33.73
C5 NAG P . -18.36 -20.57 34.43
C6 NAG P . -18.92 -21.24 35.65
C7 NAG P . -16.36 -18.04 30.96
C8 NAG P . -15.63 -17.21 29.94
N2 NAG P . -15.65 -18.42 32.03
O3 NAG P . -15.44 -21.31 32.19
O4 NAG P . -17.94 -22.52 33.16
O5 NAG P . -17.80 -19.32 34.86
O6 NAG P . -20.34 -21.20 35.65
O7 NAG P . -17.54 -18.35 30.81
C1 NAG P . -17.24 -23.74 33.46
C2 NAG P . -18.03 -24.86 32.77
C3 NAG P . -17.31 -26.19 32.94
C4 NAG P . -15.90 -26.08 32.43
C5 NAG P . -15.17 -24.96 33.17
C6 NAG P . -13.77 -24.72 32.67
C7 NAG P . -20.46 -24.59 32.57
C8 NAG P . -21.78 -24.72 33.27
N2 NAG P . -19.38 -24.93 33.29
O3 NAG P . -18.02 -27.20 32.21
O4 NAG P . -15.20 -27.31 32.59
O5 NAG P . -15.90 -23.73 32.97
O6 NAG P . -13.13 -23.70 33.42
O7 NAG P . -20.36 -24.18 31.43
C1 BMA P . -15.08 -27.85 31.26
C2 BMA P . -13.87 -28.77 31.22
C3 BMA P . -13.69 -29.27 29.80
C4 BMA P . -14.99 -29.93 29.28
C5 BMA P . -16.24 -29.05 29.55
C6 BMA P . -17.53 -29.81 29.34
O2 BMA P . -14.11 -29.91 32.04
O3 BMA P . -12.62 -30.20 29.67
O4 BMA P . -14.89 -30.16 27.88
O5 BMA P . -16.24 -28.59 30.91
O6 BMA P . -17.60 -30.82 30.34
C1 MAN P . -11.42 -29.74 30.32
C2 MAN P . -10.26 -30.12 29.42
C3 MAN P . -10.25 -31.64 29.25
C4 MAN P . -10.32 -32.36 30.62
C5 MAN P . -11.47 -31.79 31.46
C6 MAN P . -11.53 -32.33 32.87
O2 MAN P . -9.01 -29.78 30.01
O3 MAN P . -9.12 -32.08 28.51
O4 MAN P . -10.53 -33.75 30.41
O5 MAN P . -11.29 -30.37 31.55
O6 MAN P . -12.76 -31.91 33.45
C1 NAG Q . 11.60 -36.53 -26.81
C2 NAG Q . 13.11 -36.50 -26.97
C3 NAG Q . 13.53 -37.24 -28.25
C4 NAG Q . 12.85 -38.60 -28.38
C5 NAG Q . 11.36 -38.45 -28.15
C6 NAG Q . 10.61 -39.77 -28.14
C7 NAG Q . 13.34 -34.19 -26.10
C8 NAG Q . 13.97 -32.85 -26.34
N2 NAG Q . 13.61 -35.14 -27.01
O3 NAG Q . 14.94 -37.41 -28.24
O4 NAG Q . 13.03 -39.09 -29.69
O5 NAG Q . 11.15 -37.85 -26.87
O6 NAG Q . 9.91 -39.93 -26.92
O7 NAG Q . 12.64 -34.41 -25.12
C1 NAG Q . 13.63 -40.40 -29.74
C2 NAG Q . 13.35 -40.96 -31.13
C3 NAG Q . 14.06 -42.30 -31.33
C4 NAG Q . 15.55 -42.15 -31.02
C5 NAG Q . 15.70 -41.61 -29.60
C6 NAG Q . 17.14 -41.37 -29.21
C7 NAG Q . 11.11 -40.10 -31.65
C8 NAG Q . 9.66 -40.46 -31.84
N2 NAG Q . 11.92 -41.13 -31.35
O3 NAG Q . 13.90 -42.72 -32.67
O4 NAG Q . 16.21 -43.40 -31.16
O5 NAG Q . 15.03 -40.35 -29.50
O6 NAG Q . 17.70 -40.30 -29.96
O7 NAG Q . 11.52 -38.95 -31.77
C1 BMA Q . 17.17 -43.29 -32.24
C2 BMA Q . 17.79 -44.69 -32.51
C3 BMA Q . 18.74 -44.60 -33.70
C4 BMA Q . 18.07 -43.93 -34.91
C5 BMA Q . 17.51 -42.56 -34.49
C6 BMA Q . 16.78 -41.90 -35.63
O2 BMA Q . 16.78 -45.63 -32.86
O3 BMA Q . 19.23 -45.89 -34.07
O4 BMA Q . 19.01 -43.73 -35.96
O5 BMA Q . 16.57 -42.77 -33.42
O6 BMA Q . 15.98 -42.87 -36.26
C1 NAG R . -36.28 20.52 -27.31
C2 NAG R . -35.64 21.21 -28.50
C3 NAG R . -35.08 22.58 -28.10
C4 NAG R . -36.13 23.39 -27.33
C5 NAG R . -36.76 22.56 -26.22
C6 NAG R . -37.91 23.27 -25.55
C7 NAG R . -34.82 19.27 -29.76
C8 NAG R . -33.61 18.53 -30.26
N2 NAG R . -34.59 20.38 -29.06
O3 NAG R . -34.70 23.29 -29.26
O4 NAG R . -35.47 24.50 -26.72
O5 NAG R . -37.28 21.35 -26.76
O6 NAG R . -39.16 22.82 -26.06
O7 NAG R . -35.96 18.87 -30.00
C1 NAG R . -35.91 25.70 -27.37
C2 NAG R . -35.97 26.81 -26.33
C3 NAG R . -36.38 28.12 -26.99
C4 NAG R . -35.44 28.44 -28.15
C5 NAG R . -35.34 27.25 -29.10
C6 NAG R . -34.27 27.44 -30.15
C7 NAG R . -36.79 27.00 -24.02
C8 NAG R . -37.82 26.53 -23.03
N2 NAG R . -36.88 26.46 -25.26
O3 NAG R . -36.33 29.17 -26.03
O4 NAG R . -35.94 29.57 -28.85
O5 NAG R . -34.98 26.06 -28.39
O6 NAG R . -33.52 26.25 -30.35
O7 NAG R . -35.92 27.81 -23.73
C1 NAG S . -43.08 23.35 -12.56
C2 NAG S . -43.42 24.83 -12.57
C3 NAG S . -44.92 25.06 -12.45
C4 NAG S . -45.59 24.28 -13.56
C5 NAG S . -45.02 22.88 -13.76
C6 NAG S . -45.46 22.25 -15.08
C7 NAG S . -41.55 26.27 -11.95
C8 NAG S . -40.82 26.95 -10.80
N2 NAG S . -42.58 25.50 -11.61
O3 NAG S . -45.15 26.44 -12.65
O4 NAG S . -47.01 24.11 -13.39
O5 NAG S . -43.61 22.98 -13.83
O6 NAG S . -44.80 21.02 -15.27
O7 NAG S . -41.43 26.79 -13.06
C1 NAG S . -47.81 25.23 -13.56
C2 NAG S . -49.23 24.86 -13.17
C3 NAG S . -50.05 26.12 -13.44
C4 NAG S . -49.55 27.21 -12.48
C5 NAG S . -48.05 27.40 -12.60
C6 NAG S . -47.41 28.12 -11.42
C7 NAG S . -50.27 22.70 -13.58
C8 NAG S . -50.33 21.54 -14.57
N2 NAG S . -49.68 23.81 -14.05
O3 NAG S . -51.42 25.86 -13.26
O4 NAG S . -50.12 28.45 -12.93
O5 NAG S . -47.33 26.18 -12.61
O6 NAG S . -47.57 27.43 -10.19
O7 NAG S . -50.43 22.53 -12.38
C1 NAG T . 3.95 -28.35 -31.33
C2 NAG T . 3.41 -27.89 -32.66
C3 NAG T . 4.49 -27.31 -33.56
C4 NAG T . 5.20 -26.22 -32.77
C5 NAG T . 5.46 -26.59 -31.32
C6 NAG T . 5.84 -25.37 -30.47
C7 NAG T . 1.27 -28.91 -33.27
C8 NAG T . 0.60 -30.09 -33.96
N2 NAG T . 2.60 -28.95 -33.22
O3 NAG T . 3.87 -26.75 -34.69
O4 NAG T . 6.46 -25.81 -33.32
O5 NAG T . 4.27 -27.10 -30.74
O6 NAG T . 5.94 -25.74 -29.12
O7 NAG T . 0.62 -27.88 -33.18
C1 NAG T . 6.43 -24.97 -34.42
C2 NAG T . 7.78 -24.29 -34.53
C3 NAG T . 7.65 -23.34 -35.72
C4 NAG T . 7.45 -24.20 -36.97
C5 NAG T . 6.28 -25.17 -36.79
C6 NAG T . 6.28 -26.33 -37.77
C7 NAG T . 9.13 -23.58 -32.63
C8 NAG T . 9.06 -23.01 -31.22
N2 NAG T . 8.00 -23.50 -33.33
O3 NAG T . 8.79 -22.53 -35.84
O4 NAG T . 7.04 -23.32 -38.03
O5 NAG T . 6.28 -25.84 -35.55
O6 NAG T . 7.40 -27.15 -37.67
O7 NAG T . 10.05 -24.31 -32.99
C1 NAG U . -11.30 -3.34 -32.14
C2 NAG U . -12.07 -2.13 -31.65
C3 NAG U . -11.97 -1.01 -32.67
C4 NAG U . -10.51 -0.71 -33.00
C5 NAG U . -9.79 -2.00 -33.38
C6 NAG U . -8.31 -1.82 -33.55
C7 NAG U . -13.91 -2.80 -30.18
C8 NAG U . -15.36 -3.15 -30.10
N2 NAG U . -13.46 -2.48 -31.40
O3 NAG U . -12.60 0.15 -32.12
O4 NAG U . -10.43 0.22 -34.08
O5 NAG U . -9.96 -2.99 -32.36
O6 NAG U . -7.59 -2.82 -32.85
O7 NAG U . -13.18 -2.81 -29.21
C1 NAG U . -10.30 1.56 -33.55
C2 NAG U . -9.41 2.37 -34.48
C3 NAG U . -9.22 3.76 -33.90
C4 NAG U . -10.57 4.42 -33.60
C5 NAG U . -11.57 3.48 -32.92
C6 NAG U . -13.00 3.98 -33.01
C7 NAG U . -7.92 0.87 -35.70
C8 NAG U . -6.54 0.30 -35.80
N2 NAG U . -8.13 1.73 -34.69
O3 NAG U . -8.47 4.56 -34.79
O4 NAG U . -10.30 5.52 -32.73
O5 NAG U . -11.57 2.17 -33.49
O6 NAG U . -13.38 4.18 -34.37
O7 NAG U . -8.80 0.57 -36.50
C1 BMA U . -11.07 6.74 -32.89
C2 BMA U . -10.30 7.87 -32.15
C3 BMA U . -11.06 9.18 -32.28
C4 BMA U . -11.43 9.46 -33.73
C5 BMA U . -12.09 8.24 -34.40
C6 BMA U . -12.25 8.47 -35.88
O2 BMA U . -9.04 8.08 -32.76
O3 BMA U . -10.28 10.26 -31.76
O4 BMA U . -12.33 10.55 -33.79
O5 BMA U . -11.25 7.10 -34.24
O6 BMA U . -11.05 9.09 -36.31
C1 MAN U . -10.45 11.15 -30.65
C2 MAN U . -9.70 12.50 -30.79
C3 MAN U . -8.35 12.37 -30.15
C4 MAN U . -8.53 12.03 -28.69
C5 MAN U . -9.25 10.69 -28.57
C6 MAN U . -9.57 10.35 -27.14
O2 MAN U . -10.35 13.50 -30.02
O3 MAN U . -7.59 13.57 -30.28
O4 MAN U . -7.27 11.96 -28.06
O5 MAN U . -10.50 10.75 -29.30
O6 MAN U . -10.40 9.19 -27.14
C1 MAN U . -10.92 14.50 -30.87
C2 MAN U . -11.10 15.77 -30.01
C3 MAN U . -12.16 15.53 -28.95
C4 MAN U . -13.45 15.04 -29.60
C5 MAN U . -13.16 13.76 -30.42
C6 MAN U . -14.37 13.27 -31.17
O2 MAN U . -11.58 16.86 -30.80
O3 MAN U . -12.41 16.68 -28.17
O4 MAN U . -14.40 14.73 -28.60
O5 MAN U . -12.15 14.05 -31.39
O6 MAN U . -15.54 13.72 -30.47
C1 MAN U . -11.11 9.33 -37.73
C2 MAN U . -9.68 9.60 -38.21
C3 MAN U . -9.18 10.90 -37.60
C4 MAN U . -10.17 12.04 -37.87
C5 MAN U . -11.56 11.66 -37.37
C6 MAN U . -12.61 12.70 -37.69
O2 MAN U . -9.63 9.79 -39.62
O3 MAN U . -7.90 11.23 -38.12
O4 MAN U . -9.75 13.22 -37.21
O5 MAN U . -11.96 10.42 -37.99
O6 MAN U . -12.66 12.84 -39.11
C1 MAN U . -7.03 11.65 -37.04
C2 MAN U . -5.94 12.51 -37.68
C3 MAN U . -5.18 11.64 -38.67
C4 MAN U . -4.61 10.41 -37.95
C5 MAN U . -5.72 9.64 -37.25
C6 MAN U . -5.18 8.56 -36.36
O2 MAN U . -4.98 12.92 -36.71
O3 MAN U . -4.13 12.37 -39.30
O4 MAN U . -3.98 9.57 -38.90
O5 MAN U . -6.47 10.53 -36.40
O6 MAN U . -4.63 9.21 -35.21
C1 NAG V . -16.29 -1.36 -44.25
C2 NAG V . -15.78 -1.79 -45.61
C3 NAG V . -14.29 -1.48 -45.71
C4 NAG V . -14.04 0.00 -45.40
C5 NAG V . -14.70 0.39 -44.08
C6 NAG V . -14.64 1.87 -43.83
C7 NAG V . -17.15 -3.69 -46.33
C8 NAG V . -17.23 -5.17 -46.49
N2 NAG V . -16.01 -3.22 -45.83
O3 NAG V . -13.85 -1.80 -47.02
O4 NAG V . -12.65 0.25 -45.30
O5 NAG V . -16.08 0.02 -44.08
O6 NAG V . -15.31 2.59 -44.86
O7 NAG V . -18.09 -2.96 -46.62
C1 NAG V . -12.15 0.72 -46.57
C2 NAG V . -10.89 1.54 -46.34
C3 NAG V . -10.31 2.00 -47.67
C4 NAG V . -10.08 0.80 -48.58
C5 NAG V . -11.36 -0.01 -48.72
C6 NAG V . -11.16 -1.29 -49.49
C7 NAG V . -10.96 2.67 -44.16
C8 NAG V . -11.30 3.93 -43.43
N2 NAG V . -11.17 2.69 -45.49
O3 NAG V . -9.09 2.69 -47.45
O4 NAG V . -9.65 1.25 -49.87
O5 NAG V . -11.85 -0.39 -47.42
O6 NAG V . -10.76 -2.34 -48.63
O7 NAG V . -10.52 1.69 -43.58
C1 NAG W . -19.48 18.44 -37.60
C2 NAG W . -18.89 19.68 -36.94
C3 NAG W . -18.41 20.64 -38.01
C4 NAG W . -17.42 19.94 -38.92
C5 NAG W . -18.03 18.66 -39.48
C6 NAG W . -17.04 17.83 -40.26
C7 NAG W . -19.65 20.39 -34.74
C8 NAG W . -20.70 21.10 -33.94
N2 NAG W . -19.85 20.32 -36.06
O3 NAG W . -17.80 21.77 -37.37
O4 NAG W . -17.08 20.78 -40.02
O5 NAG W . -18.51 17.83 -38.41
O6 NAG W . -16.80 16.59 -39.60
O7 NAG W . -18.67 19.89 -34.21
C1 NAG W . -15.89 21.52 -39.72
C2 NAG W . -15.24 21.88 -41.05
C3 NAG W . -14.02 22.77 -40.83
C4 NAG W . -14.43 24.00 -40.02
C5 NAG W . -15.06 23.55 -38.71
C6 NAG W . -15.56 24.70 -37.88
C7 NAG W . -14.62 20.66 -43.09
C8 NAG W . -14.24 19.34 -43.67
N2 NAG W . -14.85 20.68 -41.78
O3 NAG W . -13.49 23.15 -42.08
O4 NAG W . -13.31 24.84 -39.76
O5 NAG W . -16.19 22.71 -38.99
O6 NAG W . -15.82 25.85 -38.67
O7 NAG W . -14.72 21.68 -43.78
C1 BMA W . -13.26 25.87 -40.78
C2 BMA W . -12.62 27.14 -40.18
C3 BMA W . -12.32 28.16 -41.29
C4 BMA W . -11.59 27.51 -42.46
C5 BMA W . -12.40 26.32 -42.98
C6 BMA W . -11.72 25.62 -44.14
O2 BMA W . -11.39 26.83 -39.57
O3 BMA W . -11.57 29.24 -40.79
O4 BMA W . -11.41 28.45 -43.50
O5 BMA W . -12.54 25.39 -41.91
O6 BMA W . -10.48 25.09 -43.68
C1 NAG X . -23.25 -0.03 -45.63
C2 NAG X . -22.58 0.26 -46.98
C3 NAG X . -22.92 1.69 -47.45
C4 NAG X . -24.42 1.96 -47.38
C5 NAG X . -24.92 1.64 -45.99
C6 NAG X . -26.42 1.79 -45.86
C7 NAG X . -20.30 0.22 -47.90
C8 NAG X . -18.85 0.06 -47.59
N2 NAG X . -21.13 0.10 -46.87
O3 NAG X . -22.46 1.86 -48.79
O4 NAG X . -24.69 3.33 -47.61
O5 NAG X . -24.62 0.27 -45.70
O6 NAG X . -27.08 0.58 -46.17
O7 NAG X . -20.70 0.45 -49.04
C1 NAG X . -25.04 3.59 -48.98
C2 NAG X . -26.55 3.87 -49.13
C3 NAG X . -26.88 4.33 -50.54
C4 NAG X . -26.02 5.54 -50.90
C5 NAG X . -24.56 5.17 -50.75
C6 NAG X . -23.63 6.33 -51.00
C7 NAG X . -28.64 2.70 -48.58
C8 NAG X . -29.28 1.38 -48.25
N2 NAG X . -27.32 2.68 -48.79
O3 NAG X . -28.25 4.66 -50.63
O4 NAG X . -26.29 5.97 -52.23
O5 NAG X . -24.31 4.75 -49.40
O6 NAG X . -22.73 6.53 -49.92
O7 NAG X . -29.30 3.74 -48.64
C1 BMA X . -27.14 7.14 -52.15
C2 BMA X . -26.47 8.32 -52.92
C3 BMA X . -27.44 9.50 -53.08
C4 BMA X . -28.81 9.05 -53.57
C5 BMA X . -29.36 7.98 -52.63
C6 BMA X . -30.75 7.50 -53.00
O2 BMA X . -26.11 7.92 -54.24
O3 BMA X . -26.92 10.51 -53.93
O4 BMA X . -29.70 10.14 -53.62
O5 BMA X . -28.45 6.86 -52.67
O6 BMA X . -30.68 6.81 -54.23
C1 NAG Y . -38.99 -20.69 -31.58
C2 NAG Y . -40.10 -20.00 -32.33
C3 NAG Y . -41.20 -19.61 -31.37
C4 NAG Y . -41.67 -20.82 -30.57
C5 NAG Y . -40.48 -21.58 -29.97
C6 NAG Y . -40.87 -22.93 -29.43
C7 NAG Y . -40.11 -18.48 -34.25
C8 NAG Y . -39.50 -17.27 -34.87
N2 NAG Y . -39.61 -18.85 -33.07
O3 NAG Y . -42.29 -19.04 -32.09
O4 NAG Y . -42.50 -20.39 -29.50
O5 NAG Y . -39.48 -21.85 -30.98
O6 NAG Y . -39.99 -23.94 -29.89
O7 NAG Y . -41.01 -19.11 -34.79
C1 NAG Y . -43.87 -20.63 -29.90
C2 NAG Y . -44.63 -21.11 -28.67
C3 NAG Y . -46.09 -21.36 -29.04
C4 NAG Y . -46.71 -20.11 -29.66
C5 NAG Y . -45.84 -19.60 -30.82
C6 NAG Y . -46.31 -18.27 -31.34
C7 NAG Y . -43.30 -22.28 -26.99
C8 NAG Y . -42.76 -23.59 -26.54
N2 NAG Y . -44.03 -22.30 -28.11
O3 NAG Y . -46.80 -21.72 -27.86
O4 NAG Y . -47.99 -20.42 -30.17
O5 NAG Y . -44.48 -19.43 -30.39
O6 NAG Y . -46.73 -17.41 -30.29
O7 NAG Y . -43.10 -21.23 -26.37
C1 BMA Y . -49.05 -19.99 -29.29
C2 BMA Y . -50.37 -20.37 -29.98
C3 BMA Y . -51.55 -20.27 -29.02
C4 BMA Y . -51.24 -20.94 -27.68
C5 BMA Y . -49.97 -20.32 -27.11
C6 BMA Y . -49.59 -20.90 -25.76
O2 BMA Y . -50.34 -21.71 -30.43
O3 BMA Y . -52.73 -20.83 -29.58
O4 BMA Y . -52.31 -20.74 -26.76
O5 BMA Y . -48.91 -20.61 -28.01
O6 BMA Y . -49.13 -22.23 -25.95
C1 NAG Z . -36.16 -6.13 -33.44
C2 NAG Z . -37.26 -6.23 -32.41
C3 NAG Z . -38.24 -7.31 -32.82
C4 NAG Z . -38.75 -7.07 -34.23
C5 NAG Z . -37.59 -6.86 -35.19
C6 NAG Z . -38.04 -6.42 -36.56
C7 NAG Z . -36.00 -5.60 -30.41
C8 NAG Z . -35.52 -6.03 -29.07
N2 NAG Z . -36.72 -6.50 -31.10
O3 NAG Z . -39.34 -7.33 -31.90
O4 NAG Z . -39.53 -8.17 -34.66
O5 NAG Z . -36.70 -5.84 -34.71
O6 NAG Z . -39.08 -5.45 -36.45
O7 NAG Z . -35.74 -4.49 -30.87
C1 NAG Z . -40.86 -7.71 -34.92
C2 NAG Z . -41.59 -8.76 -35.73
C3 NAG Z . -43.02 -8.32 -36.01
C4 NAG Z . -43.72 -7.97 -34.70
C5 NAG Z . -42.89 -7.00 -33.87
C6 NAG Z . -43.45 -6.78 -32.49
C7 NAG Z . -39.92 -9.94 -37.07
C8 NAG Z . -39.30 -10.10 -38.43
N2 NAG Z . -40.89 -9.03 -36.97
O3 NAG Z . -43.70 -9.37 -36.69
O4 NAG Z . -44.97 -7.36 -34.98
O5 NAG Z . -41.56 -7.50 -33.69
O6 NAG Z . -42.70 -7.50 -31.53
O7 NAG Z . -39.54 -10.60 -36.11
C1 BMA Z . -46.05 -8.33 -34.89
C2 BMA Z . -47.35 -7.57 -34.50
C3 BMA Z . -48.58 -8.47 -34.65
C4 BMA Z . -48.58 -9.19 -36.00
C5 BMA Z . -47.27 -9.98 -36.14
C6 BMA Z . -47.19 -10.80 -37.43
O2 BMA Z . -47.56 -6.44 -35.33
O3 BMA Z . -49.78 -7.73 -34.49
O4 BMA Z . -49.68 -10.08 -36.08
O5 BMA Z . -46.19 -9.04 -36.12
O6 BMA Z . -47.00 -9.89 -38.51
C1 NAG AA . -37.67 -14.01 -43.79
C2 NAG AA . -37.94 -12.88 -44.76
C3 NAG AA . -39.41 -12.84 -45.19
C4 NAG AA . -39.75 -14.23 -45.74
C5 NAG AA . -39.17 -15.37 -44.91
C6 NAG AA . -39.23 -16.70 -45.66
C7 NAG AA . -36.31 -11.07 -44.67
C8 NAG AA . -35.95 -9.75 -44.02
N2 NAG AA . -37.42 -11.65 -44.20
O3 NAG AA . -39.54 -11.90 -46.23
O4 NAG AA . -41.15 -14.49 -45.86
O5 NAG AA . -37.81 -15.12 -44.67
O6 NAG AA . -38.57 -17.70 -44.89
O7 NAG AA . -35.85 -11.27 -45.80
C1 NAG AA . -41.70 -14.40 -47.13
C2 NAG AA . -43.16 -14.03 -46.98
C3 NAG AA . -43.72 -14.00 -48.41
C4 NAG AA . -43.00 -12.87 -49.16
C5 NAG AA . -41.49 -13.01 -49.06
C6 NAG AA . -40.73 -11.73 -49.38
C7 NAG AA . -44.63 -14.82 -45.21
C8 NAG AA . -44.93 -16.02 -44.31
N2 NAG AA . -43.84 -15.08 -46.25
O3 NAG AA . -45.11 -13.82 -48.40
O4 NAG AA . -43.31 -13.02 -50.56
O5 NAG AA . -41.04 -13.29 -47.75
O6 NAG AA . -41.02 -10.67 -48.51
O7 NAG AA . -44.83 -13.67 -44.83
C1 NAG BA . -8.22 -8.27 -38.19
C2 NAG BA . -6.98 -8.58 -37.37
C3 NAG BA . -5.70 -8.32 -38.16
C4 NAG BA . -5.79 -9.12 -39.46
C5 NAG BA . -7.18 -9.05 -40.12
C6 NAG BA . -7.34 -10.11 -41.20
C7 NAG BA . -6.26 -6.95 -35.71
C8 NAG BA . -6.58 -6.32 -34.35
N2 NAG BA . -7.10 -7.92 -36.09
O3 NAG BA . -4.62 -8.82 -37.39
O4 NAG BA . -4.84 -8.73 -40.46
O5 NAG BA . -8.15 -9.33 -39.14
O6 NAG BA . -8.65 -10.06 -41.70
O7 NAG BA . -5.58 -6.28 -36.48
C1 NAG BA . -3.88 -9.65 -40.80
C2 NAG BA . -3.27 -9.22 -42.13
C3 NAG BA . -2.26 -10.31 -42.47
C4 NAG BA . -1.17 -10.28 -41.41
C5 NAG BA . -1.76 -10.39 -40.01
C6 NAG BA . -0.81 -9.93 -38.91
C7 NAG BA . -4.51 -8.17 -43.95
C8 NAG BA . -5.86 -8.14 -44.66
N2 NAG BA . -4.31 -9.21 -43.14
O3 NAG BA . -1.74 -10.11 -43.77
O4 NAG BA . -0.37 -11.48 -41.58
O5 NAG BA . -2.86 -9.53 -39.81
O6 NAG BA . -0.44 -8.58 -39.00
O7 NAG BA . -3.79 -7.17 -43.88
C1 NAG CA . 12.06 -48.93 7.66
C2 NAG CA . 12.19 -49.36 9.12
C3 NAG CA . 10.81 -49.72 9.67
C4 NAG CA . 9.82 -48.59 9.44
C5 NAG CA . 9.86 -48.10 7.99
C6 NAG CA . 9.10 -46.82 7.77
C7 NAG CA . 14.43 -50.35 9.10
C8 NAG CA . 15.23 -51.61 9.28
N2 NAG CA . 13.10 -50.48 9.25
O3 NAG CA . 10.92 -50.00 11.06
O4 NAG CA . 8.51 -49.06 9.71
O5 NAG CA . 11.21 -47.82 7.58
O6 NAG CA . 8.45 -46.38 8.96
O7 NAG CA . 14.95 -49.28 8.82
C1 NAG CA . 8.08 -48.58 11.00
C2 NAG CA . 6.57 -48.76 11.10
C3 NAG CA . 6.07 -48.27 12.46
C4 NAG CA . 6.84 -48.96 13.58
C5 NAG CA . 8.34 -48.82 13.38
C6 NAG CA . 9.14 -49.62 14.38
C7 NAG CA . 5.24 -48.73 9.05
C8 NAG CA . 4.57 -47.87 8.01
N2 NAG CA . 5.88 -48.07 10.03
O3 NAG CA . 4.68 -48.52 12.59
O4 NAG CA . 6.49 -48.39 14.84
O5 NAG CA . 8.72 -49.30 12.07
O6 NAG CA . 8.29 -50.26 15.31
O7 NAG CA . 5.21 -49.95 9.00
C1 NAG DA . 0.67 -42.16 -1.77
C2 NAG DA . 0.25 -43.59 -1.99
C3 NAG DA . -0.95 -43.62 -2.92
C4 NAG DA . -2.01 -42.59 -2.51
C5 NAG DA . -1.43 -41.28 -1.96
C6 NAG DA . -2.43 -40.47 -1.16
C7 NAG DA . 2.04 -44.10 -3.63
C8 NAG DA . 3.12 -45.08 -3.99
N2 NAG DA . 1.34 -44.40 -2.52
O3 NAG DA . -1.51 -44.92 -2.93
O4 NAG DA . -2.77 -42.24 -3.68
O5 NAG DA . -0.31 -41.51 -1.09
O6 NAG DA . -1.95 -39.16 -0.90
O7 NAG DA . 1.81 -43.13 -4.31
C1 NAG DA . -4.16 -42.58 -3.56
C2 NAG DA . -5.00 -41.43 -4.12
C3 NAG DA . -6.48 -41.76 -4.02
C4 NAG DA . -6.76 -43.07 -4.74
C5 NAG DA . -5.85 -44.18 -4.21
C6 NAG DA . -5.98 -45.46 -5.02
C7 NAG DA . -4.05 -39.16 -4.02
C8 NAG DA . -3.84 -37.94 -3.19
N2 NAG DA . -4.70 -40.18 -3.44
O3 NAG DA . -7.24 -40.71 -4.59
O4 NAG DA . -8.12 -43.45 -4.54
O5 NAG DA . -4.47 -43.78 -4.28
O6 NAG DA . -5.78 -45.21 -6.40
O7 NAG DA . -3.64 -39.24 -5.18
C1 NAG EA . -18.86 44.72 7.72
C2 NAG EA . -20.35 44.62 7.97
C3 NAG EA . -20.67 44.97 9.43
C4 NAG EA . -19.71 44.33 10.43
C5 NAG EA . -18.27 44.38 9.94
C6 NAG EA . -17.33 43.53 10.76
C7 NAG EA . -21.00 45.49 5.74
C8 NAG EA . -21.84 46.49 5.03
N2 NAG EA . -21.08 45.51 7.08
O3 NAG EA . -22.00 44.54 9.72
O4 NAG EA . -19.73 45.11 11.62
O5 NAG EA . -18.18 43.89 8.59
O6 NAG EA . -16.42 42.82 9.94
O7 NAG EA . -20.28 44.69 5.14
C1 NAG EA . -20.55 44.58 12.65
C2 NAG EA . -19.87 44.97 13.96
C3 NAG EA . -20.69 44.49 15.14
C4 NAG EA . -22.09 45.08 15.05
C5 NAG EA . -22.72 44.71 13.71
C6 NAG EA . -24.07 45.35 13.48
C7 NAG EA . -17.55 45.02 14.74
C8 NAG EA . -16.21 44.35 14.71
N2 NAG EA . -18.52 44.44 14.02
O3 NAG EA . -20.06 44.91 16.35
O4 NAG EA . -22.90 44.60 16.12
O5 NAG EA . -21.88 45.12 12.62
O6 NAG EA . -24.32 45.57 12.10
O7 NAG EA . -17.75 46.05 15.38
C1 BMA EA . -23.04 45.61 17.13
C2 BMA EA . -23.00 44.91 18.51
C3 BMA EA . -22.96 45.94 19.63
C4 BMA EA . -21.87 46.99 19.40
C5 BMA EA . -22.10 47.64 18.03
C6 BMA EA . -21.06 48.71 17.71
O2 BMA EA . -21.81 44.13 18.63
O3 BMA EA . -22.77 45.32 20.91
O4 BMA EA . -21.93 47.98 20.41
O5 BMA EA . -22.02 46.62 17.02
O6 BMA EA . -19.88 48.41 18.42
C1 NAG FA . -29.95 36.27 1.45
C2 NAG FA . -30.74 37.07 2.46
C3 NAG FA . -31.90 37.77 1.76
C4 NAG FA . -31.44 38.52 0.52
C5 NAG FA . -30.47 37.71 -0.32
C6 NAG FA . -29.76 38.53 -1.37
C7 NAG FA . -31.33 36.66 4.79
C8 NAG FA . -31.84 35.68 5.80
N2 NAG FA . -31.22 36.22 3.53
O3 NAG FA . -32.48 38.67 2.70
O4 NAG FA . -32.56 38.79 -0.33
O5 NAG FA . -29.44 37.11 0.48
O6 NAG FA . -28.41 38.77 -1.01
O7 NAG FA . -31.02 37.81 5.10
C1 NAG FA . -33.45 39.81 0.13
C2 NAG FA . -33.73 40.77 -1.03
C3 NAG FA . -34.76 41.82 -0.64
C4 NAG FA . -36.01 41.16 -0.07
C5 NAG FA . -35.62 40.22 1.07
C6 NAG FA . -36.81 39.45 1.62
C7 NAG FA . -32.39 42.07 -2.64
C8 NAG FA . -31.04 42.66 -2.92
N2 NAG FA . -32.50 41.40 -1.48
O3 NAG FA . -35.11 42.60 -1.78
O4 NAG FA . -36.92 42.14 0.41
O5 NAG FA . -34.68 39.25 0.60
O6 NAG FA . -36.61 38.05 1.52
O7 NAG FA . -33.33 42.18 -3.41
C1 NAG GA . 38.36 20.10 -6.28
C2 NAG GA . 39.16 21.34 -5.93
C3 NAG GA . 39.72 21.23 -4.53
C4 NAG GA . 38.58 21.02 -3.55
C5 NAG GA . 37.78 19.78 -3.96
C6 NAG GA . 36.57 19.55 -3.08
C7 NAG GA . 40.66 22.79 -7.21
C8 NAG GA . 41.78 22.86 -8.21
N2 NAG GA . 40.22 21.57 -6.90
O3 NAG GA . 40.43 22.42 -4.20
O4 NAG GA . 39.09 20.87 -2.23
O5 NAG GA . 37.31 19.92 -5.31
O6 NAG GA . 36.94 19.20 -1.76
O7 NAG GA . 40.18 23.80 -6.70
C1 NAG GA . 38.67 22.05 -1.54
C2 NAG GA . 39.21 22.00 -0.12
C3 NAG GA . 38.85 23.27 0.63
C4 NAG GA . 39.33 24.49 -0.14
C5 NAG GA . 38.80 24.44 -1.57
C6 NAG GA . 39.38 25.54 -2.43
C7 NAG GA . 39.18 19.59 0.39
C8 NAG GA . 38.54 18.50 1.21
N2 NAG GA . 38.70 20.82 0.59
O3 NAG GA . 39.44 23.24 1.92
O4 NAG GA . 38.87 25.67 0.50
O5 NAG GA . 39.17 23.21 -2.19
O6 NAG GA . 40.74 25.31 -2.70
O7 NAG GA . 40.07 19.36 -0.41
C1 BMA GA . 40.02 26.31 1.09
C2 BMA GA . 40.06 27.74 0.52
C3 BMA GA . 41.00 28.65 1.31
C4 BMA GA . 40.83 28.45 2.82
C5 BMA GA . 41.01 26.97 3.14
C6 BMA GA . 40.96 26.67 4.63
O2 BMA GA . 38.78 28.34 0.56
O3 BMA GA . 40.79 30.01 0.96
O4 BMA GA . 41.82 29.21 3.52
O5 BMA GA . 39.93 26.29 2.51
O6 BMA GA . 41.00 25.27 4.79
C1 MAN GA . 40.23 25.87 5.79
C2 MAN GA . 40.54 24.56 6.55
C3 MAN GA . 39.94 23.38 5.82
C4 MAN GA . 38.45 23.62 5.51
C5 MAN GA . 38.34 24.89 4.67
C6 MAN GA . 36.90 25.23 4.33
O2 MAN GA . 39.94 24.57 7.84
O3 MAN GA . 40.09 22.18 6.57
O4 MAN GA . 37.92 22.54 4.79
O5 MAN GA . 38.88 25.99 5.43
O6 MAN GA . 36.91 26.45 3.61
C1 NAG HA . 13.23 31.47 3.18
C2 NAG HA . 11.82 31.21 3.69
C3 NAG HA . 11.45 32.10 4.89
C4 NAG HA . 12.57 32.19 5.91
C5 NAG HA . 13.93 32.37 5.24
C6 NAG HA . 15.07 32.26 6.25
C7 NAG HA . 9.83 30.62 2.41
C8 NAG HA . 9.21 30.67 1.06
N2 NAG HA . 10.87 31.44 2.62
O3 NAG HA . 10.30 31.57 5.50
O4 NAG HA . 12.33 33.29 6.76
O5 NAG HA . 14.15 31.38 4.25
O6 NAG HA . 14.95 31.04 6.96
O7 NAG HA . 9.41 29.85 3.27
C1 NAG HA . 11.81 32.87 8.03
C2 NAG HA . 12.15 33.95 9.05
C3 NAG HA . 11.59 33.70 10.44
C4 NAG HA . 10.16 33.14 10.41
C5 NAG HA . 9.96 32.13 9.28
C6 NAG HA . 8.48 31.75 9.15
C7 NAG HA . 14.23 35.10 8.59
C8 NAG HA . 15.66 34.85 8.19
N2 NAG HA . 13.60 34.07 9.15
O3 NAG HA . 11.65 34.92 11.13
O4 NAG HA . 9.85 32.47 11.62
O5 NAG HA . 10.41 32.65 8.05
O6 NAG HA . 8.33 30.78 8.14
O7 NAG HA . 13.70 36.19 8.38
C1 BMA HA . 9.00 33.25 12.47
C2 BMA HA . 8.30 32.33 13.46
C3 BMA HA . 7.46 33.10 14.47
C4 BMA HA . 8.22 34.30 15.04
C5 BMA HA . 8.85 35.09 13.90
C6 BMA HA . 9.61 36.30 14.43
O2 BMA HA . 9.27 31.57 14.14
O3 BMA HA . 7.08 32.23 15.52
O4 BMA HA . 7.32 35.13 15.76
O5 BMA HA . 9.72 34.24 13.20
O6 BMA HA . 10.61 35.90 15.34
C1 MAN HA . 11.39 37.06 15.68
C2 MAN HA . 12.56 36.69 16.58
C3 MAN HA . 12.11 36.27 17.98
C4 MAN HA . 11.06 37.23 18.52
C5 MAN HA . 9.98 37.45 17.46
C6 MAN HA . 8.79 38.27 17.94
O2 MAN HA . 13.45 37.78 16.68
O3 MAN HA . 13.21 36.20 18.84
O4 MAN HA . 10.47 36.71 19.69
O5 MAN HA . 10.58 38.03 16.32
O6 MAN HA . 9.17 39.20 18.93
C1 MAN HA . 13.46 34.89 19.20
C2 MAN HA . 14.38 34.96 20.43
C3 MAN HA . 15.83 35.05 19.99
C4 MAN HA . 16.15 33.91 19.04
C5 MAN HA . 15.14 33.90 17.89
C6 MAN HA . 15.42 32.74 16.94
O2 MAN HA . 14.21 33.82 21.23
O3 MAN HA . 16.68 34.98 21.12
O4 MAN HA . 17.46 34.05 18.54
O5 MAN HA . 13.83 33.80 18.40
O6 MAN HA . 15.01 31.52 17.55
C1 NAG IA . 16.33 44.83 5.42
C2 NAG IA . 17.52 45.74 5.52
C3 NAG IA . 18.71 44.98 6.09
C4 NAG IA . 18.33 44.26 7.38
C5 NAG IA . 17.00 43.52 7.26
C6 NAG IA . 16.47 43.07 8.60
C7 NAG IA . 17.09 47.21 3.61
C8 NAG IA . 17.58 47.70 2.28
N2 NAG IA . 17.85 46.32 4.23
O3 NAG IA . 19.76 45.90 6.35
O4 NAG IA . 19.34 43.29 7.67
O5 NAG IA . 16.00 44.36 6.67
O6 NAG IA . 15.99 44.19 9.34
O7 NAG IA . 16.03 47.62 4.10
C1 NAG IA . 20.22 43.74 8.72
C2 NAG IA . 20.90 42.51 9.32
C3 NAG IA . 21.87 42.93 10.42
C4 NAG IA . 22.87 43.93 9.85
C5 NAG IA . 22.14 45.11 9.20
C6 NAG IA . 23.07 46.07 8.50
C7 NAG IA . 19.37 40.60 9.11
C8 NAG IA . 18.38 39.72 9.81
N2 NAG IA . 19.92 41.57 9.84
O3 NAG IA . 22.54 41.79 10.92
O4 NAG IA . 23.71 44.41 10.90
O5 NAG IA . 21.21 44.64 8.22
O6 NAG IA . 23.85 45.40 7.52
O7 NAG IA . 19.66 40.45 7.92
C1 NAG JA . -1.66 44.10 16.53
C2 NAG JA . -0.37 44.28 17.32
C3 NAG JA . -0.43 43.55 18.66
C4 NAG JA . -1.68 44.05 19.38
C5 NAG JA . -2.91 44.17 18.48
C6 NAG JA . -4.03 44.97 19.14
C7 NAG JA . 1.56 44.88 15.96
C8 NAG JA . 2.73 44.36 15.15
N2 NAG JA . 0.75 43.95 16.47
O3 NAG JA . 0.70 43.93 19.40
O4 NAG JA . -2.08 43.23 20.50
O5 NAG JA . -2.54 44.88 17.32
O6 NAG JA . -5.07 45.16 18.21
O7 NAG JA . 1.67 46.02 16.43
C1 NAG JA . -1.56 43.57 21.74
C2 NAG JA . -2.27 42.73 22.78
C3 NAG JA . -1.69 43.18 24.12
C4 NAG JA . -0.22 42.81 24.14
C5 NAG JA . 0.50 43.36 22.92
C6 NAG JA . 1.84 42.69 22.63
C7 NAG JA . -4.63 42.10 22.70
C8 NAG JA . -6.01 42.59 22.27
N2 NAG JA . -3.69 43.05 22.75
O3 NAG JA . -2.39 42.59 25.19
O4 NAG JA . 0.38 43.48 25.26
O5 NAG JA . -0.20 43.14 21.71
O6 NAG JA . 1.73 41.32 22.35
O7 NAG JA . -4.34 40.91 22.68
C1 NAG KA . 11.27 50.05 3.70
C2 NAG KA . 11.47 49.89 5.19
C3 NAG KA . 10.65 50.93 5.95
C4 NAG KA . 10.99 52.33 5.43
C5 NAG KA . 10.85 52.38 3.91
C6 NAG KA . 11.33 53.68 3.32
C7 NAG KA . 11.99 47.58 5.82
C8 NAG KA . 11.44 46.25 6.25
N2 NAG KA . 11.09 48.55 5.62
O3 NAG KA . 10.95 50.84 7.33
O4 NAG KA . 10.09 53.27 5.99
O5 NAG KA . 11.66 51.35 3.31
O6 NAG KA . 12.55 53.50 2.60
O7 NAG KA . 13.19 47.76 5.66
C1 NAG KA . 10.75 54.02 7.02
C2 NAG KA . 10.37 55.49 6.85
C3 NAG KA . 10.98 56.32 7.97
C4 NAG KA . 10.56 55.78 9.32
C5 NAG KA . 10.96 54.30 9.41
C6 NAG KA . 10.49 53.65 10.69
C7 NAG KA . 9.93 56.64 4.74
C8 NAG KA . 10.51 57.12 3.44
N2 NAG KA . 10.77 56.00 5.55
O3 NAG KA . 10.56 57.67 7.83
O4 NAG KA . 11.18 56.50 10.37
O5 NAG KA . 10.36 53.57 8.33
O6 NAG KA . 9.08 53.52 10.72
O7 NAG KA . 8.76 56.84 5.04
C1 BMA KA . 10.21 57.34 11.05
C2 BMA KA . 10.92 58.06 12.22
C3 BMA KA . 10.04 59.19 12.80
C4 BMA KA . 9.49 60.06 11.68
C5 BMA KA . 8.68 59.18 10.76
C6 BMA KA . 7.99 59.97 9.67
O2 BMA KA . 12.12 58.66 11.79
O3 BMA KA . 10.75 59.98 13.73
O4 BMA KA . 8.67 61.08 12.23
O5 BMA KA . 9.59 58.26 10.14
O6 BMA KA . 8.97 60.78 9.03
C1 NAG LA . 7.61 45.37 -25.05
C2 NAG LA . 7.43 46.82 -25.57
C3 NAG LA . 5.99 47.28 -25.41
C4 NAG LA . 5.05 46.29 -26.07
C5 NAG LA . 5.24 44.94 -25.41
C6 NAG LA . 4.33 43.87 -25.93
C7 NAG LA . 9.62 47.84 -25.19
C8 NAG LA . 10.40 48.83 -24.38
N2 NAG LA . 8.33 47.73 -24.89
O3 NAG LA . 5.85 48.57 -26.00
O4 NAG LA . 3.70 46.72 -26.00
O5 NAG LA . 6.59 44.51 -25.63
O6 NAG LA . 4.96 42.59 -25.93
O7 NAG LA . 10.15 47.17 -26.07
C1 NAG LA . 3.44 47.28 -27.30
C2 NAG LA . 2.15 46.68 -27.86
C3 NAG LA . 1.83 47.30 -29.22
C4 NAG LA . 1.81 48.81 -29.12
C5 NAG LA . 3.10 49.33 -28.48
C6 NAG LA . 3.06 50.82 -28.22
C7 NAG LA . 1.22 44.42 -27.73
C8 NAG LA . 1.50 42.95 -27.88
N2 NAG LA . 2.25 45.24 -27.96
O3 NAG LA . 0.56 46.83 -29.65
O4 NAG LA . 1.68 49.38 -30.41
O5 NAG LA . 3.30 48.69 -27.21
O6 NAG LA . 1.80 51.21 -27.72
O7 NAG LA . 0.12 44.85 -27.40
C1 NAG MA . 1.69 47.11 -12.70
C2 NAG MA . 0.75 46.84 -13.86
C3 NAG MA . 1.02 47.81 -15.00
C4 NAG MA . 0.99 49.24 -14.49
C5 NAG MA . 1.91 49.38 -13.29
C6 NAG MA . 1.83 50.75 -12.63
C7 NAG MA . 0.35 44.44 -13.68
C8 NAG MA . 0.59 43.09 -14.28
N2 NAG MA . 0.89 45.47 -14.32
O3 NAG MA . 0.04 47.63 -16.00
O4 NAG MA . 1.42 50.11 -15.53
O5 NAG MA . 1.56 48.43 -12.28
O6 NAG MA . 1.94 50.63 -11.22
O7 NAG MA . -0.32 44.59 -12.66
C1 NAG MA . 0.43 51.15 -15.76
C2 NAG MA . 0.92 51.99 -16.91
C3 NAG MA . -0.07 53.13 -17.17
C4 NAG MA . -1.46 52.57 -17.41
C5 NAG MA . -1.87 51.61 -16.29
C6 NAG MA . -3.15 50.87 -16.58
C7 NAG MA . 3.33 52.03 -17.31
C8 NAG MA . 4.63 52.68 -16.97
N2 NAG MA . 2.25 52.51 -16.68
O3 NAG MA . 0.39 53.87 -18.29
O4 NAG MA . -2.42 53.62 -17.46
O5 NAG MA . -0.86 50.61 -16.07
O6 NAG MA . -2.93 49.80 -17.48
O7 NAG MA . 3.26 51.11 -18.11
C1 BMA MA . -2.53 54.22 -18.77
C2 BMA MA . -4.02 54.58 -19.04
C3 BMA MA . -4.15 55.49 -20.26
C4 BMA MA . -3.16 56.65 -20.21
C5 BMA MA . -1.73 56.09 -20.07
C6 BMA MA . -0.68 57.17 -20.04
O2 BMA MA . -4.57 55.28 -17.94
O3 BMA MA . -5.47 55.99 -20.40
O4 BMA MA . -3.24 57.42 -21.40
O5 BMA MA . -1.67 55.37 -18.83
O6 BMA MA . -0.73 57.82 -18.77
C1 NAG NA . 11.36 54.16 -17.33
C2 NAG NA . 11.10 54.64 -15.92
C3 NAG NA . 10.53 56.05 -15.96
C4 NAG NA . 11.40 56.96 -16.83
C5 NAG NA . 11.86 56.29 -18.13
C6 NAG NA . 12.96 57.03 -18.83
C7 NAG NA . 10.69 52.75 -14.42
C8 NAG NA . 9.66 51.90 -13.74
N2 NAG NA . 10.23 53.73 -15.21
O3 NAG NA . 10.45 56.56 -14.64
O4 NAG NA . 10.61 58.08 -17.22
O5 NAG NA . 12.35 54.95 -17.90
O6 NAG NA . 13.84 56.13 -19.49
O7 NAG NA . 11.90 52.57 -14.25
C1 NAG NA . 10.79 59.24 -16.40
C2 NAG NA . 10.09 60.38 -17.13
C3 NAG NA . 10.15 61.66 -16.31
C4 NAG NA . 9.60 61.43 -14.91
C5 NAG NA . 10.35 60.26 -14.27
C6 NAG NA . 9.81 59.88 -12.90
C7 NAG NA . 10.38 59.82 -19.49
C8 NAG NA . 11.07 60.19 -20.78
N2 NAG NA . 10.66 60.59 -18.44
O3 NAG NA . 9.38 62.67 -16.97
O4 NAG NA . 9.77 62.59 -14.11
O5 NAG NA . 10.24 59.10 -15.09
O6 NAG NA . 10.03 58.50 -12.64
O7 NAG NA . 9.62 58.87 -19.41
C1 BMA NA . 8.51 63.29 -13.94
C2 BMA NA . 8.71 64.36 -12.82
C3 BMA NA . 7.51 65.34 -12.75
C4 BMA NA . 7.13 65.84 -14.13
C5 BMA NA . 6.85 64.64 -15.04
C6 BMA NA . 6.39 65.06 -16.43
O2 BMA NA . 9.86 65.16 -13.06
O3 BMA NA . 7.78 66.43 -11.89
O4 BMA NA . 5.98 66.66 -14.04
O5 BMA NA . 8.07 63.88 -15.16
O6 BMA NA . 6.95 66.34 -16.71
C1 NAG OA . 20.88 33.29 3.53
C2 NAG OA . 21.31 32.07 4.33
C3 NAG OA . 21.98 32.46 5.65
C4 NAG OA . 23.07 33.51 5.41
C5 NAG OA . 22.54 34.64 4.53
C6 NAG OA . 23.61 35.63 4.10
C7 NAG OA . 19.06 31.28 5.19
C8 NAG OA . 18.79 32.62 5.83
N2 NAG OA . 20.22 31.11 4.54
O3 NAG OA . 22.56 31.31 6.25
O4 NAG OA . 23.45 34.04 6.68
O5 NAG OA . 21.98 34.11 3.32
O6 NAG OA . 24.76 34.95 3.60
O7 NAG OA . 18.24 30.37 5.27
C1 NAG OA . 24.89 34.08 6.83
C2 NAG OA . 25.22 35.29 7.70
C3 NAG OA . 26.73 35.38 7.92
C4 NAG OA . 27.29 34.06 8.43
C5 NAG OA . 26.83 32.90 7.55
C6 NAG OA . 27.22 31.54 8.08
C7 NAG OA . 23.46 36.95 7.28
C8 NAG OA . 23.11 38.25 6.61
N2 NAG OA . 24.72 36.52 7.11
O3 NAG OA . 27.01 36.42 8.84
O4 NAG OA . 28.70 34.12 8.39
O5 NAG OA . 25.40 32.90 7.43
O6 NAG OA . 27.24 31.54 9.51
O7 NAG OA . 22.64 36.32 7.95
C1 BMA OA . 29.25 34.01 9.71
C2 BMA OA . 30.77 33.91 9.52
C3 BMA OA . 31.44 33.85 10.88
C4 BMA OA . 30.99 35.01 11.80
C5 BMA OA . 29.45 34.98 11.89
C6 BMA OA . 28.87 36.11 12.75
O2 BMA OA . 31.28 35.06 8.87
O3 BMA OA . 32.84 33.83 10.72
O4 BMA OA . 31.56 34.84 13.09
O5 BMA OA . 28.90 35.10 10.56
O6 BMA OA . 28.71 37.27 11.94
C1 MAN OA . 33.35 32.56 11.22
C2 MAN OA . 34.63 32.20 10.39
C3 MAN OA . 34.24 31.65 9.05
C4 MAN OA . 33.49 30.34 9.28
C5 MAN OA . 32.16 30.64 9.98
C6 MAN OA . 31.43 29.40 10.43
O2 MAN OA . 35.32 31.13 11.03
O3 MAN OA . 35.37 31.42 8.22
O4 MAN OA . 33.23 29.71 8.03
O5 MAN OA . 32.35 31.48 11.19
O6 MAN OA . 31.00 29.61 11.78
C1 NAG PA . 34.66 -18.83 -30.60
C2 NAG PA . 33.61 -19.95 -30.40
C3 NAG PA . 32.70 -20.07 -31.64
C4 NAG PA . 32.05 -18.71 -31.94
C5 NAG PA . 33.12 -17.64 -32.20
C6 NAG PA . 32.55 -16.24 -32.45
C7 NAG PA . 33.95 -22.07 -29.13
C8 NAG PA . 34.77 -23.38 -29.08
N2 NAG PA . 34.28 -21.23 -30.14
O3 NAG PA . 31.66 -21.03 -31.35
O4 NAG PA . 31.19 -18.82 -33.13
O5 NAG PA . 34.00 -17.57 -31.00
O6 NAG PA . 31.71 -15.83 -31.33
O7 NAG PA . 33.05 -21.86 -28.32
C1 NAG PA . 29.75 -18.94 -32.81
C2 NAG PA . 28.92 -18.34 -33.96
C3 NAG PA . 27.42 -18.61 -33.75
C4 NAG PA . 27.20 -20.12 -33.59
C5 NAG PA . 27.97 -20.68 -32.39
C6 NAG PA . 27.85 -22.20 -32.22
C7 NAG PA . 29.37 -16.24 -35.22
C8 NAG PA . 29.53 -14.70 -35.10
N2 NAG PA . 29.18 -16.90 -34.06
O3 NAG PA . 26.69 -18.16 -34.90
O4 NAG PA . 25.77 -20.40 -33.39
O5 NAG PA . 29.39 -20.36 -32.64
O6 NAG PA . 28.64 -22.62 -31.10
O7 NAG PA . 29.42 -16.78 -36.33
C1 NAG QA . 28.30 -2.62 -27.72
C2 NAG QA . 28.25 -2.82 -29.23
C3 NAG QA . 27.36 -1.76 -29.88
C4 NAG QA . 25.99 -1.72 -29.21
C5 NAG QA . 26.13 -1.63 -27.69
C6 NAG QA . 24.82 -1.79 -26.97
C7 NAG QA . 30.40 -1.76 -29.77
C8 NAG QA . 31.72 -1.94 -30.44
N2 NAG QA . 29.58 -2.81 -29.81
O3 NAG QA . 27.23 -2.07 -31.26
O4 NAG QA . 25.30 -0.55 -29.61
O5 NAG QA . 27.00 -2.67 -27.20
O6 NAG QA . 23.79 -2.21 -27.86
O7 NAG QA . 30.10 -0.70 -29.22
C1 NAG QA . 24.43 -0.80 -30.71
C2 NAG QA . 23.14 -0.02 -30.48
C3 NAG QA . 22.22 -0.14 -31.70
C4 NAG QA . 22.96 0.27 -32.96
C5 NAG QA . 24.24 -0.55 -33.09
C6 NAG QA . 25.10 -0.14 -34.26
C7 NAG QA . 21.92 0.37 -28.40
C8 NAG QA . 21.26 -0.26 -27.20
N2 NAG QA . 22.47 -0.47 -29.28
O3 NAG QA . 21.08 0.69 -31.51
O4 NAG QA . 22.12 0.06 -34.10
O5 NAG QA . 25.04 -0.38 -31.91
O6 NAG QA . 26.47 -0.45 -34.03
O7 NAG QA . 21.97 1.59 -28.54
C1 NAG RA . 18.61 -20.92 40.38
C2 NAG RA . 17.44 -21.84 40.67
C3 NAG RA . 17.93 -23.01 41.50
C4 NAG RA . 19.10 -23.69 40.80
C5 NAG RA . 20.20 -22.69 40.50
C6 NAG RA . 21.33 -23.35 39.73
C7 NAG RA . 15.28 -20.72 40.81
C8 NAG RA . 14.16 -21.72 40.69
N2 NAG RA . 16.39 -21.17 41.40
O3 NAG RA . 16.87 -23.95 41.69
O4 NAG RA . 19.61 -24.74 41.62
O5 NAG RA . 19.69 -21.60 39.74
O6 NAG RA . 22.39 -22.40 39.55
O7 NAG RA . 15.17 -19.59 40.40
C1 NAG SA . -51.46 4.20 26.93
C2 NAG SA . -52.56 4.59 27.92
C3 NAG SA . -53.87 4.86 27.18
C4 NAG SA . -53.66 5.81 26.00
C5 NAG SA . -52.53 5.28 25.15
C6 NAG SA . -52.28 6.17 23.94
C7 NAG SA . -52.15 3.53 30.09
C8 NAG SA . -52.34 2.31 30.94
N2 NAG SA . -52.77 3.55 28.91
O3 NAG SA . -54.83 5.39 28.11
O4 NAG SA . -54.80 5.82 25.13
O5 NAG SA . -51.34 5.19 25.93
O6 NAG SA . -51.82 7.43 24.41
O7 NAG SA . -51.46 4.48 30.49
C1 NAG TA . 28.13 4.04 31.06
C2 NAG TA . 29.34 4.16 31.99
C3 NAG TA . 29.02 5.08 33.16
C4 NAG TA . 28.53 6.41 32.64
C5 NAG TA . 27.34 6.21 31.70
C6 NAG TA . 26.93 7.56 31.10
C7 NAG TA . 29.28 2.11 33.41
C8 NAG TA . 30.10 1.83 34.63
N2 NAG TA . 29.85 2.87 32.46
O3 NAG TA . 30.19 5.29 33.97
O4 NAG TA . 28.13 7.25 33.74
O5 NAG TA . 27.69 5.33 30.63
O6 NAG TA . 28.04 8.11 30.38
O7 NAG TA . 28.17 1.62 33.30
C14 83G UA . -13.57 4.48 20.11
C11 83G UA . -14.04 4.87 17.63
C10 83G UA . -13.39 4.50 16.50
C12 83G UA . -13.07 4.38 18.69
C01 83G UA . -17.16 5.29 20.17
C03 83G UA . -16.19 6.05 18.22
C04 83G UA . -17.27 6.62 17.64
C05 83G UA . -17.38 6.64 16.26
C07 83G UA . -15.31 5.53 16.07
C08 83G UA . -15.21 5.51 17.43
C17 83G UA . -14.69 3.42 22.06
C18 83G UA . -14.72 2.20 22.88
C20 83G UA . -14.15 0.87 21.04
C21 83G UA . -14.33 2.03 20.02
C22 83G UA . -15.65 1.96 19.34
C23 83G UA . -16.25 0.25 22.39
C25 83G UA . -17.19 0.59 23.55
C26 83G UA . -18.32 1.29 23.25
C27 83G UA . -19.22 1.63 24.24
C28 83G UA . -18.95 1.26 25.54
C29 83G UA . -17.80 0.56 25.85
C30 83G UA . -16.91 0.22 24.86
N06 83G UA . -16.41 6.11 15.50
N09 83G UA . -14.21 4.92 15.51
N16 83G UA . -14.19 3.33 20.72
N19 83G UA . -15.08 1.07 22.13
O02 83G UA . -16.13 6.06 19.61
O13 83G UA . -12.01 3.93 18.43
O15 83G UA . -13.48 5.49 20.70
O24 83G UA . -16.48 -0.67 21.68
C1 NAG VA . 6.66 -53.90 -5.04
C2 NAG VA . 6.63 -54.63 -6.36
C3 NAG VA . 5.20 -54.66 -6.88
C4 NAG VA . 4.31 -55.31 -5.82
C5 NAG VA . 4.43 -54.54 -4.52
C6 NAG VA . 3.58 -55.20 -3.44
C7 NAG VA . 8.60 -54.55 -7.77
C8 NAG VA . 8.80 -54.54 -9.26
N2 NAG VA . 7.49 -53.99 -7.34
O3 NAG VA . 5.14 -55.42 -8.09
O4 NAG VA . 2.95 -55.30 -6.27
O5 NAG VA . 5.79 -54.52 -4.09
O6 NAG VA . 4.11 -56.51 -3.18
O7 NAG VA . 9.43 -55.05 -7.02
C1 NAG WA . 11.23 -46.89 -21.45
C2 NAG WA . 11.46 -48.37 -21.69
C3 NAG WA . 10.37 -48.93 -22.60
C4 NAG WA . 9.00 -48.61 -22.04
C5 NAG WA . 8.87 -47.12 -21.77
C6 NAG WA . 7.57 -46.78 -21.06
C7 NAG WA . 13.44 -49.76 -22.09
C8 NAG WA . 14.79 -49.84 -22.73
N2 NAG WA . 12.78 -48.61 -22.25
O3 NAG WA . 10.53 -50.33 -22.74
O4 NAG WA . 7.98 -49.02 -22.96
O5 NAG WA . 9.92 -46.68 -20.92
O6 NAG WA . 7.15 -47.85 -20.24
O7 NAG WA . 12.97 -50.68 -21.43
C14 83G XA . -19.36 -4.18 -14.33
C11 83G XA . -18.58 -2.35 -12.66
C10 83G XA . -17.64 -2.35 -11.66
C12 83G XA . -18.33 -3.69 -13.31
C01 83G XA . -21.30 -0.91 -15.71
C03 83G XA . -20.36 -0.78 -13.52
C04 83G XA . -20.90 0.43 -13.26
C05 83G XA . -20.42 1.20 -12.22
C07 83G XA . -18.86 -0.47 -11.67
C08 83G XA . -19.34 -1.23 -12.71
C17 83G XA . -20.01 -4.56 -16.74
C18 83G XA . -19.41 -5.24 -17.93
C20 83G XA . -17.26 -4.43 -17.49
C21 83G XA . -17.73 -3.66 -16.23
C22 83G XA . -17.84 -2.19 -16.49
C23 83G XA . -18.37 -3.62 -19.64
C25 83G XA . -19.57 -3.59 -20.58
C26 83G XA . -20.72 -2.93 -20.19
C27 83G XA . -21.81 -2.89 -21.03
C28 83G XA . -21.72 -3.49 -22.26
C29 83G XA . -20.57 -4.15 -22.66
C30 83G XA . -19.48 -4.20 -21.82
N06 83G XA . -19.42 0.76 -11.45
N09 83G XA . -17.84 -1.15 -11.05
N16 83G XA . -19.05 -4.15 -15.74
N19 83G XA . -18.36 -4.42 -18.41
O02 83G XA . -20.85 -1.56 -14.57
O13 83G XA . -17.36 -4.31 -13.05
O15 83G XA . -20.43 -4.55 -14.00
O24 83G XA . -17.42 -2.97 -19.90
C1 NAG YA . 32.69 41.86 -26.57
C2 NAG YA . 32.56 42.91 -25.48
C3 NAG YA . 33.93 43.28 -24.89
C4 NAG YA . 34.59 41.99 -24.42
C5 NAG YA . 34.42 40.83 -25.40
C6 NAG YA . 34.78 39.49 -24.75
C7 NAG YA . 30.51 44.22 -25.59
C8 NAG YA . 29.84 45.45 -26.17
N2 NAG YA . 31.76 44.00 -25.98
O3 NAG YA . 33.69 44.12 -23.78
O4 NAG YA . 35.99 42.11 -24.16
O5 NAG YA . 33.06 40.73 -25.76
O6 NAG YA . 34.48 38.45 -25.66
O7 NAG YA . 30.04 43.77 -24.54
C1 NAG ZA . 47.24 4.54 -22.48
C2 NAG ZA . 48.51 4.84 -23.25
C3 NAG ZA . 48.77 6.34 -23.37
C4 NAG ZA . 47.51 6.96 -23.97
C5 NAG ZA . 46.22 6.40 -23.39
C6 NAG ZA . 45.00 6.79 -24.24
C7 NAG ZA . 50.09 2.98 -23.34
C8 NAG ZA . 51.26 2.31 -22.64
N2 NAG ZA . 49.59 4.04 -22.70
O3 NAG ZA . 49.85 6.52 -24.26
O4 NAG ZA . 47.44 8.39 -23.83
O5 NAG ZA . 46.27 5.00 -23.41
O6 NAG ZA . 43.85 6.14 -23.74
O7 NAG ZA . 49.97 2.78 -24.54
C14 83G AB . 0.13 22.28 -6.47
C11 83G AB . -1.36 20.55 -5.31
C10 83G AB . -1.16 19.25 -4.95
C12 83G AB . -0.08 20.84 -6.07
C01 83G AB . -2.69 24.59 -5.04
C03 83G AB . -3.16 22.28 -5.03
C04 83G AB . -4.38 22.44 -4.48
C05 83G AB . -4.98 21.40 -3.80
C07 83G AB . -3.12 20.04 -4.24
C08 83G AB . -2.53 21.07 -4.91
C17 83G AB . 0.90 24.56 -5.85
C18 83G AB . 2.37 24.71 -5.89
C20 83G AB . 2.56 23.42 -3.87
C21 83G AB . 1.16 22.81 -4.15
C22 83G AB . 0.18 23.27 -3.12
C23 83G AB . 3.62 25.78 -4.02
C25 83G AB . 3.85 27.01 -4.89
C26 83G AB . 2.95 28.05 -4.79
C27 83G AB . 3.14 29.18 -5.56
C28 83G AB . 4.22 29.26 -6.42
C29 83G AB . 5.13 28.21 -6.52
C30 83G AB . 4.95 27.07 -5.75
N06 83G AB . -4.35 20.22 -3.68
N09 83G AB . -2.29 18.94 -4.26
N16 83G AB . 0.68 23.18 -5.51
N19 83G AB . 2.87 24.67 -4.57
O02 83G AB . -2.61 23.36 -5.71
O13 83G AB . 0.70 20.00 -6.33
O15 83G AB . -0.20 22.68 -7.52
O24 83G AB . 4.03 25.75 -2.92
#